data_2FVK
#
_entry.id   2FVK
#
_cell.length_a   90.130
_cell.length_b   71.600
_cell.length_c   161.890
_cell.angle_alpha   90.00
_cell.angle_beta   91.40
_cell.angle_gamma   90.00
#
_symmetry.space_group_name_H-M   'P 1 21 1'
#
loop_
_entity.id
_entity.type
_entity.pdbx_description
1 polymer dihydropyrimidinase
2 non-polymer 'ZINC ION'
3 non-polymer DIHYDROPYRIMIDINE-2,4(1H,3H)-DIONE
4 water water
#
_entity_poly.entity_id   1
_entity_poly.type   'polypeptide(L)'
_entity_poly.pdbx_seq_one_letter_code
;PIYDLIIKNGIICTASDIYAAEIAVNNGKVQLIAASIDPSLGSEVIDAEGAFITPGGIDAHVHVDEPLKLLGDVVDTMEH
ATRSAVAGGTTTVVAFSTQDVSKKGPSALAESVKLDVDEYSEQTLYCDYGLHLILFQIEKPSVEARELLDVQLQAAYNDY
GVSSV(KCX)MFMTYPGLQISDYDIMSAMYATRKNGFTTMLHAENGDMVKWMIEALEEQGLTDAYYHGVSRPSIVEGEAT
NRAITLATTMDTPILFVHVSSPQAAEVIKQAQTKGLKVYAETCPQYALLSDAITRCHHHGEVESYGVGIDLSSISESPFT
NPDDRFIGSKYICSPPIRPEGTQKSIWKGMNNGTFTIVGSDHCSYNYYEKTSTASKHRAFDPENNKNGEFRYIPNGLPGV
CTRMPLLYDYGYLRGNLTSMMKLVEIQCTNPAKVYGMYPQKGSILPGVSDADLVIWYPDDSKKEYNSKPKLITNKLMEHN
CDYTPFEGIEIKNWPRYTIVKGKIVYKEGEILKENADGKYLKRGKSFMCTPKNEWVTEWRPKYESPGDDDDKHHHHHHHH
SGD
;
_entity_poly.pdbx_strand_id   A,B,C,D
#
loop_
_chem_comp.id
_chem_comp.type
_chem_comp.name
_chem_comp.formula
DUC non-polymer DIHYDROPYRIMIDINE-2,4(1H,3H)-DIONE 'C4 H6 N2 O2'
ZN non-polymer 'ZINC ION' 'Zn 2'
#
# COMPACT_ATOMS: atom_id res chain seq x y z
N PRO A 1 -57.97 -13.94 -19.21
CA PRO A 1 -57.02 -14.17 -18.12
C PRO A 1 -56.73 -12.87 -17.35
N ILE A 2 -56.18 -12.99 -16.14
CA ILE A 2 -55.91 -11.85 -15.26
C ILE A 2 -54.51 -11.24 -15.48
N TYR A 3 -53.63 -12.00 -16.09
CA TYR A 3 -52.25 -11.56 -16.37
C TYR A 3 -51.94 -11.70 -17.86
N ASP A 4 -51.18 -10.75 -18.41
CA ASP A 4 -50.75 -10.81 -19.81
C ASP A 4 -49.78 -11.97 -20.03
N LEU A 5 -48.91 -12.20 -19.05
CA LEU A 5 -47.80 -13.11 -19.24
C LEU A 5 -47.45 -13.82 -17.94
N ILE A 6 -47.27 -15.13 -18.05
CA ILE A 6 -46.73 -15.95 -16.96
C ILE A 6 -45.44 -16.65 -17.41
N ILE A 7 -44.40 -16.54 -16.60
CA ILE A 7 -43.15 -17.28 -16.84
C ILE A 7 -42.99 -18.41 -15.82
N LYS A 8 -43.01 -19.65 -16.34
CA LYS A 8 -42.99 -20.85 -15.53
C LYS A 8 -41.70 -21.64 -15.69
N ASN A 9 -41.42 -22.51 -14.71
CA ASN A 9 -40.25 -23.43 -14.72
C ASN A 9 -38.85 -22.78 -14.81
N GLY A 10 -38.75 -21.52 -14.39
CA GLY A 10 -37.50 -20.79 -14.47
C GLY A 10 -36.84 -20.59 -13.12
N ILE A 11 -35.58 -20.17 -13.18
CA ILE A 11 -34.81 -19.81 -11.99
C ILE A 11 -34.57 -18.29 -12.00
N ILE A 12 -35.16 -17.61 -11.03
CA ILE A 12 -35.01 -16.17 -10.93
C ILE A 12 -33.64 -15.82 -10.37
N CYS A 13 -32.93 -14.94 -11.08
CA CYS A 13 -31.66 -14.39 -10.60
CA CYS A 13 -31.69 -14.41 -10.55
C CYS A 13 -31.79 -12.90 -10.36
N THR A 14 -31.48 -12.47 -9.15
CA THR A 14 -31.44 -11.06 -8.81
C THR A 14 -29.99 -10.76 -8.37
N ALA A 15 -29.76 -9.53 -7.92
CA ALA A 15 -28.42 -9.11 -7.53
C ALA A 15 -28.00 -9.76 -6.23
N SER A 16 -28.94 -10.41 -5.54
CA SER A 16 -28.63 -11.07 -4.28
C SER A 16 -29.24 -12.48 -4.09
N ASP A 17 -30.11 -12.92 -4.98
CA ASP A 17 -30.78 -14.23 -4.82
C ASP A 17 -30.82 -15.05 -6.10
N ILE A 18 -30.73 -16.36 -5.94
CA ILE A 18 -30.97 -17.30 -7.04
C ILE A 18 -31.93 -18.36 -6.49
N TYR A 19 -33.07 -18.54 -7.17
CA TYR A 19 -34.08 -19.50 -6.75
C TYR A 19 -35.11 -19.79 -7.81
N ALA A 20 -35.69 -20.98 -7.72
CA ALA A 20 -36.74 -21.44 -8.60
C ALA A 20 -38.06 -20.85 -8.13
N ALA A 21 -38.70 -20.10 -9.02
CA ALA A 21 -40.01 -19.50 -8.77
C ALA A 21 -40.59 -19.03 -10.11
N GLU A 22 -41.86 -18.64 -10.09
CA GLU A 22 -42.55 -18.22 -11.30
C GLU A 22 -43.04 -16.77 -11.19
N ILE A 23 -43.18 -16.12 -12.35
CA ILE A 23 -43.48 -14.71 -12.44
C ILE A 23 -44.76 -14.46 -13.26
N ALA A 24 -45.63 -13.61 -12.73
CA ALA A 24 -46.76 -13.11 -13.50
C ALA A 24 -46.59 -11.62 -13.80
N VAL A 25 -46.93 -11.27 -15.04
CA VAL A 25 -46.75 -9.93 -15.56
C VAL A 25 -48.09 -9.41 -16.06
N ASN A 26 -48.39 -8.14 -15.76
CA ASN A 26 -49.60 -7.50 -16.26
C ASN A 26 -49.44 -5.98 -16.30
N ASN A 27 -49.98 -5.38 -17.37
CA ASN A 27 -49.96 -3.92 -17.59
C ASN A 27 -48.54 -3.36 -17.57
N GLY A 28 -47.63 -4.10 -18.21
CA GLY A 28 -46.25 -3.67 -18.38
C GLY A 28 -45.34 -3.84 -17.20
N LYS A 29 -45.82 -4.51 -16.15
CA LYS A 29 -45.10 -4.59 -14.88
C LYS A 29 -45.11 -5.99 -14.28
N VAL A 30 -44.08 -6.27 -13.48
CA VAL A 30 -44.07 -7.47 -12.63
C VAL A 30 -45.18 -7.32 -11.59
N GLN A 31 -46.01 -8.36 -11.51
CA GLN A 31 -47.18 -8.38 -10.63
C GLN A 31 -47.01 -9.29 -9.42
N LEU A 32 -46.28 -10.39 -9.60
CA LEU A 32 -46.37 -11.50 -8.68
C LEU A 32 -45.17 -12.43 -8.81
N ILE A 33 -44.62 -12.86 -7.66
CA ILE A 33 -43.70 -13.98 -7.61
C ILE A 33 -44.28 -15.03 -6.66
N ALA A 34 -44.38 -16.27 -7.13
CA ALA A 34 -44.91 -17.41 -6.38
C ALA A 34 -44.27 -18.71 -6.86
N ALA A 35 -44.42 -19.78 -6.07
CA ALA A 35 -43.84 -21.10 -6.40
C ALA A 35 -44.40 -21.67 -7.70
N SER A 36 -45.71 -21.57 -7.85
CA SER A 36 -46.40 -22.09 -9.03
C SER A 36 -47.61 -21.20 -9.34
N ILE A 37 -47.70 -20.76 -10.58
CA ILE A 37 -48.81 -19.93 -11.02
C ILE A 37 -49.66 -20.70 -12.03
N ASP A 38 -50.95 -20.81 -11.75
CA ASP A 38 -51.88 -21.48 -12.66
C ASP A 38 -51.79 -20.89 -14.08
N PRO A 39 -51.37 -21.72 -15.06
CA PRO A 39 -51.26 -21.27 -16.46
C PRO A 39 -52.55 -20.72 -17.10
N SER A 40 -53.71 -21.09 -16.56
CA SER A 40 -54.98 -20.56 -17.05
C SER A 40 -55.19 -19.07 -16.71
N LEU A 41 -54.40 -18.55 -15.77
CA LEU A 41 -54.49 -17.17 -15.34
C LEU A 41 -53.81 -16.17 -16.28
N GLY A 42 -53.03 -16.68 -17.23
CA GLY A 42 -52.24 -15.85 -18.15
C GLY A 42 -52.66 -15.97 -19.61
N SER A 43 -52.55 -14.86 -20.35
CA SER A 43 -52.88 -14.84 -21.77
C SER A 43 -51.77 -15.53 -22.56
N GLU A 44 -50.54 -15.31 -22.11
CA GLU A 44 -49.36 -15.94 -22.69
C GLU A 44 -48.60 -16.64 -21.57
N VAL A 45 -48.14 -17.84 -21.86
CA VAL A 45 -47.39 -18.64 -20.89
C VAL A 45 -46.07 -19.06 -21.51
N ILE A 46 -44.97 -18.75 -20.82
CA ILE A 46 -43.63 -19.14 -21.27
C ILE A 46 -43.00 -20.15 -20.32
N ASP A 47 -42.68 -21.33 -20.86
CA ASP A 47 -41.96 -22.36 -20.15
C ASP A 47 -40.46 -22.10 -20.31
N ALA A 48 -39.83 -21.68 -19.21
CA ALA A 48 -38.41 -21.35 -19.21
C ALA A 48 -37.50 -22.57 -19.31
N GLU A 49 -38.06 -23.75 -19.04
CA GLU A 49 -37.34 -25.03 -19.15
C GLU A 49 -36.08 -25.09 -18.27
N GLY A 50 -36.18 -24.52 -17.07
CA GLY A 50 -35.08 -24.60 -16.12
C GLY A 50 -34.03 -23.53 -16.27
N ALA A 51 -34.16 -22.69 -17.28
CA ALA A 51 -33.20 -21.60 -17.53
C ALA A 51 -33.32 -20.47 -16.50
N PHE A 52 -32.27 -19.65 -16.45
CA PHE A 52 -32.27 -18.44 -15.63
C PHE A 52 -33.18 -17.37 -16.22
N ILE A 53 -33.86 -16.64 -15.32
CA ILE A 53 -34.51 -15.40 -15.69
C ILE A 53 -33.78 -14.27 -14.96
N THR A 54 -33.26 -13.32 -15.74
CA THR A 54 -32.64 -12.14 -15.17
C THR A 54 -33.50 -10.91 -15.47
N PRO A 55 -33.29 -9.81 -14.73
CA PRO A 55 -33.84 -8.54 -15.19
C PRO A 55 -33.17 -8.24 -16.53
N GLY A 56 -33.81 -7.44 -17.38
CA GLY A 56 -33.14 -6.96 -18.58
C GLY A 56 -31.90 -6.13 -18.23
N GLY A 57 -30.89 -6.20 -19.08
CA GLY A 57 -29.68 -5.41 -18.90
C GLY A 57 -29.97 -3.92 -18.98
N ILE A 58 -29.19 -3.13 -18.25
CA ILE A 58 -29.24 -1.69 -18.37
C ILE A 58 -27.85 -1.21 -18.75
N ASP A 59 -27.72 -0.74 -20.00
CA ASP A 59 -26.46 -0.23 -20.53
C ASP A 59 -26.47 1.30 -20.46
N ALA A 60 -25.72 1.84 -19.53
CA ALA A 60 -25.72 3.28 -19.30
C ALA A 60 -24.60 4.01 -20.05
N HIS A 61 -23.99 3.33 -21.01
CA HIS A 61 -22.92 3.93 -21.81
C HIS A 61 -23.03 3.56 -23.29
N VAL A 62 -24.01 4.18 -23.95
CA VAL A 62 -24.30 3.92 -25.35
C VAL A 62 -24.22 5.24 -26.12
N HIS A 63 -23.58 5.20 -27.28
CA HIS A 63 -23.49 6.38 -28.15
C HIS A 63 -24.32 6.16 -29.41
N VAL A 64 -25.23 7.09 -29.62
CA VAL A 64 -26.17 7.03 -30.73
C VAL A 64 -25.94 8.27 -31.59
N ASP A 65 -26.38 8.23 -32.84
CA ASP A 65 -26.35 9.42 -33.70
C ASP A 65 -27.21 10.54 -33.10
N GLU A 66 -26.65 11.75 -33.06
CA GLU A 66 -27.36 12.89 -32.48
C GLU A 66 -27.17 14.15 -33.34
N PRO A 67 -28.13 15.11 -33.25
CA PRO A 67 -28.15 16.26 -34.15
C PRO A 67 -26.89 17.12 -34.16
N LEU A 68 -26.19 17.24 -33.03
CA LEU A 68 -24.99 18.08 -32.96
C LEU A 68 -23.70 17.40 -33.44
N LYS A 69 -23.77 16.09 -33.70
CA LYS A 69 -22.66 15.34 -34.33
C LYS A 69 -21.34 15.42 -33.56
N LEU A 70 -21.41 15.29 -32.24
CA LEU A 70 -20.23 15.43 -31.37
C LEU A 70 -19.11 14.47 -31.75
N LEU A 71 -19.47 13.22 -32.03
CA LEU A 71 -18.52 12.20 -32.42
C LEU A 71 -18.61 11.94 -33.93
N GLY A 72 -18.84 13.00 -34.68
CA GLY A 72 -19.16 12.91 -36.09
C GLY A 72 -20.44 12.14 -36.31
N ASP A 73 -20.62 11.59 -37.51
CA ASP A 73 -21.74 10.71 -37.78
C ASP A 73 -21.52 9.30 -37.21
N VAL A 74 -22.50 8.85 -36.44
CA VAL A 74 -22.53 7.51 -35.84
C VAL A 74 -23.56 6.70 -36.62
N VAL A 75 -23.30 5.41 -36.88
CA VAL A 75 -24.19 4.63 -37.78
C VAL A 75 -25.54 4.25 -37.13
N ASP A 76 -25.55 4.11 -35.81
CA ASP A 76 -26.79 3.74 -35.14
C ASP A 76 -27.61 4.94 -34.69
N THR A 77 -28.90 4.89 -34.99
CA THR A 77 -29.88 5.80 -34.40
C THR A 77 -30.32 5.19 -33.07
N MET A 78 -31.20 5.89 -32.36
CA MET A 78 -31.80 5.31 -31.18
C MET A 78 -32.62 4.05 -31.54
N GLU A 79 -33.32 4.10 -32.68
CA GLU A 79 -34.01 2.92 -33.23
C GLU A 79 -33.06 1.72 -33.39
N HIS A 80 -31.94 1.92 -34.07
CA HIS A 80 -30.97 0.85 -34.30
C HIS A 80 -30.35 0.30 -33.02
N ALA A 81 -29.98 1.21 -32.11
CA ALA A 81 -29.32 0.86 -30.86
C ALA A 81 -30.23 0.10 -29.90
N THR A 82 -31.50 0.48 -29.83
CA THR A 82 -32.46 -0.21 -28.96
C THR A 82 -32.85 -1.59 -29.49
N ARG A 83 -32.94 -1.70 -30.83
CA ARG A 83 -33.14 -2.99 -31.48
C ARG A 83 -31.99 -3.95 -31.16
N SER A 84 -30.75 -3.44 -31.27
CA SER A 84 -29.56 -4.22 -30.99
C SER A 84 -29.49 -4.64 -29.51
N ALA A 85 -29.76 -3.67 -28.63
CA ALA A 85 -29.80 -3.91 -27.19
C ALA A 85 -30.75 -5.06 -26.82
N VAL A 86 -31.97 -5.01 -27.33
CA VAL A 86 -32.99 -6.00 -27.05
C VAL A 86 -32.64 -7.39 -27.60
N ALA A 87 -32.00 -7.45 -28.79
CA ALA A 87 -31.53 -8.74 -29.32
C ALA A 87 -30.45 -9.38 -28.43
N GLY A 88 -29.84 -8.59 -27.55
CA GLY A 88 -28.82 -9.08 -26.64
C GLY A 88 -29.20 -8.95 -25.17
N GLY A 89 -30.49 -8.79 -24.89
CA GLY A 89 -30.99 -8.85 -23.53
C GLY A 89 -30.86 -7.59 -22.71
N THR A 90 -30.54 -6.47 -23.35
CA THR A 90 -30.52 -5.17 -22.68
C THR A 90 -31.85 -4.47 -22.96
N THR A 91 -32.47 -3.96 -21.91
CA THR A 91 -33.85 -3.45 -21.99
C THR A 91 -33.95 -1.95 -21.67
N THR A 92 -32.83 -1.35 -21.30
CA THR A 92 -32.74 0.10 -21.13
C THR A 92 -31.35 0.56 -21.52
N VAL A 93 -31.28 1.56 -22.38
CA VAL A 93 -30.02 2.23 -22.69
C VAL A 93 -30.02 3.68 -22.19
N VAL A 94 -28.84 4.15 -21.79
CA VAL A 94 -28.65 5.57 -21.52
C VAL A 94 -27.58 6.12 -22.46
N ALA A 95 -28.00 7.03 -23.32
CA ALA A 95 -27.10 7.69 -24.26
C ALA A 95 -26.79 9.10 -23.76
N PHE A 96 -26.30 9.95 -24.66
CA PHE A 96 -25.70 11.20 -24.29
C PHE A 96 -26.26 12.39 -25.06
N SER A 97 -26.55 13.44 -24.30
CA SER A 97 -26.98 14.71 -24.86
C SER A 97 -25.77 15.66 -24.92
N THR A 98 -25.47 16.15 -26.12
CA THR A 98 -24.35 17.08 -26.32
C THR A 98 -24.76 18.50 -26.00
N GLN A 99 -24.03 19.13 -25.09
CA GLN A 99 -24.21 20.53 -24.74
C GLN A 99 -24.23 21.38 -26.02
N ASP A 100 -25.28 22.16 -26.19
CA ASP A 100 -25.42 23.07 -27.32
C ASP A 100 -24.92 24.43 -26.89
N VAL A 101 -23.68 24.75 -27.25
CA VAL A 101 -23.05 26.01 -26.85
C VAL A 101 -23.65 27.26 -27.54
N SER A 102 -24.52 27.01 -28.52
CA SER A 102 -25.28 28.09 -29.15
C SER A 102 -26.41 28.56 -28.23
N LYS A 103 -26.94 27.68 -27.39
CA LYS A 103 -27.92 28.12 -26.42
C LYS A 103 -27.23 28.81 -25.24
N LYS A 104 -27.88 29.85 -24.72
CA LYS A 104 -27.47 30.54 -23.49
C LYS A 104 -28.66 30.65 -22.53
N GLY A 105 -28.37 31.12 -21.33
CA GLY A 105 -29.40 31.31 -20.32
C GLY A 105 -29.76 30.07 -19.50
N PRO A 106 -30.71 30.22 -18.56
CA PRO A 106 -31.15 29.18 -17.63
C PRO A 106 -31.60 27.88 -18.31
N SER A 107 -32.10 28.00 -19.54
CA SER A 107 -32.68 26.87 -20.27
C SER A 107 -31.69 26.17 -21.20
N ALA A 108 -30.44 26.63 -21.22
CA ALA A 108 -29.47 26.21 -22.24
C ALA A 108 -29.21 24.70 -22.28
N LEU A 109 -29.20 24.07 -21.12
CA LEU A 109 -28.92 22.65 -21.04
C LEU A 109 -30.17 21.77 -21.23
N ALA A 110 -31.33 22.27 -20.77
CA ALA A 110 -32.62 21.63 -21.04
C ALA A 110 -32.89 21.60 -22.54
N GLU A 111 -32.55 22.71 -23.20
CA GLU A 111 -32.60 22.85 -24.66
C GLU A 111 -31.68 21.88 -25.40
N SER A 112 -30.53 21.56 -24.80
CA SER A 112 -29.60 20.57 -25.36
C SER A 112 -30.22 19.17 -25.37
N VAL A 113 -30.94 18.83 -24.30
CA VAL A 113 -31.61 17.53 -24.18
C VAL A 113 -32.82 17.48 -25.12
N LYS A 114 -33.50 18.61 -25.27
CA LYS A 114 -34.67 18.71 -26.14
C LYS A 114 -34.38 18.23 -27.56
N LEU A 115 -33.18 18.54 -28.07
CA LEU A 115 -32.80 18.18 -29.45
C LEU A 115 -32.84 16.69 -29.66
N ASP A 116 -32.37 15.95 -28.65
CA ASP A 116 -32.28 14.48 -28.72
C ASP A 116 -33.64 13.83 -28.55
N VAL A 117 -34.37 14.25 -27.54
CA VAL A 117 -35.70 13.73 -27.25
C VAL A 117 -36.65 13.92 -28.44
N ASP A 118 -36.59 15.12 -29.04
CA ASP A 118 -37.39 15.44 -30.21
C ASP A 118 -37.04 14.58 -31.41
N GLU A 119 -35.73 14.42 -31.63
CA GLU A 119 -35.25 13.61 -32.74
C GLU A 119 -35.69 12.15 -32.62
N TYR A 120 -35.54 11.59 -31.41
CA TYR A 120 -35.80 10.16 -31.20
C TYR A 120 -37.29 9.84 -31.07
N SER A 121 -38.12 10.85 -30.75
CA SER A 121 -39.54 10.62 -30.56
C SER A 121 -40.20 10.22 -31.87
N GLU A 122 -39.48 10.41 -32.97
CA GLU A 122 -39.98 10.08 -34.30
C GLU A 122 -39.51 8.73 -34.81
N GLN A 123 -38.66 8.06 -34.04
CA GLN A 123 -38.12 6.77 -34.43
C GLN A 123 -38.83 5.64 -33.70
N THR A 124 -38.78 4.44 -34.27
CA THR A 124 -39.33 3.27 -33.58
C THR A 124 -38.36 2.84 -32.51
N LEU A 125 -38.83 2.84 -31.27
CA LEU A 125 -37.99 2.50 -30.13
C LEU A 125 -38.36 1.15 -29.52
N TYR A 126 -37.36 0.27 -29.41
CA TYR A 126 -37.59 -1.11 -29.01
C TYR A 126 -37.56 -1.28 -27.50
N CYS A 127 -36.90 -0.34 -26.82
CA CYS A 127 -36.87 -0.29 -25.38
C CYS A 127 -36.70 1.16 -24.93
N ASP A 128 -36.80 1.39 -23.62
CA ASP A 128 -36.68 2.73 -23.07
C ASP A 128 -35.25 3.25 -23.10
N TYR A 129 -35.13 4.57 -23.15
CA TYR A 129 -33.84 5.23 -23.11
C TYR A 129 -33.85 6.45 -22.21
N GLY A 130 -32.74 6.66 -21.52
CA GLY A 130 -32.49 7.91 -20.80
C GLY A 130 -31.29 8.60 -21.43
N LEU A 131 -30.99 9.81 -20.93
CA LEU A 131 -29.88 10.59 -21.45
C LEU A 131 -29.00 11.15 -20.33
N HIS A 132 -27.69 11.00 -20.50
CA HIS A 132 -26.71 11.78 -19.76
C HIS A 132 -26.48 13.07 -20.52
N LEU A 133 -26.06 14.10 -19.80
CA LEU A 133 -25.64 15.36 -20.38
C LEU A 133 -24.12 15.42 -20.47
N ILE A 134 -23.60 15.76 -21.64
CA ILE A 134 -22.15 16.01 -21.78
C ILE A 134 -21.86 17.52 -21.67
N LEU A 135 -20.92 17.87 -20.80
CA LEU A 135 -20.48 19.26 -20.62
C LEU A 135 -19.02 19.45 -21.05
N PHE A 136 -18.79 20.39 -21.97
CA PHE A 136 -17.42 20.72 -22.39
C PHE A 136 -17.10 22.21 -22.37
N GLN A 137 -18.12 23.05 -22.15
CA GLN A 137 -17.92 24.48 -22.09
C GLN A 137 -18.46 25.00 -20.77
N ILE A 138 -17.54 25.41 -19.90
CA ILE A 138 -17.86 25.85 -18.56
C ILE A 138 -17.45 27.33 -18.41
N GLU A 139 -18.37 28.15 -17.92
CA GLU A 139 -18.13 29.58 -17.77
C GLU A 139 -17.12 29.85 -16.65
N LYS A 140 -16.27 30.85 -16.88
CA LYS A 140 -15.25 31.23 -15.93
C LYS A 140 -15.40 32.75 -15.74
N PRO A 141 -15.07 33.28 -14.55
CA PRO A 141 -14.62 32.62 -13.33
C PRO A 141 -15.66 31.71 -12.64
N SER A 142 -15.13 30.79 -11.83
CA SER A 142 -15.89 29.89 -10.97
C SER A 142 -17.15 30.48 -10.33
N VAL A 143 -16.97 31.48 -9.45
CA VAL A 143 -18.05 32.04 -8.64
C VAL A 143 -19.12 32.73 -9.49
N GLU A 144 -18.72 33.73 -10.28
CA GLU A 144 -19.63 34.44 -11.19
C GLU A 144 -20.58 33.49 -11.91
N ALA A 145 -20.06 32.31 -12.25
CA ALA A 145 -20.79 31.34 -13.05
C ALA A 145 -21.75 30.48 -12.23
N ARG A 146 -21.51 30.35 -10.93
CA ARG A 146 -22.24 29.42 -10.06
C ARG A 146 -23.76 29.55 -10.23
N GLU A 147 -24.27 30.76 -10.10
CA GLU A 147 -25.71 31.00 -10.18
C GLU A 147 -26.37 30.30 -11.38
N LEU A 148 -25.85 30.58 -12.58
CA LEU A 148 -26.42 30.06 -13.83
C LEU A 148 -26.23 28.54 -14.03
N LEU A 149 -25.03 28.01 -13.78
CA LEU A 149 -24.81 26.57 -13.99
C LEU A 149 -25.74 25.71 -13.13
N ASP A 150 -25.79 26.03 -11.83
CA ASP A 150 -26.73 25.46 -10.88
C ASP A 150 -28.18 25.51 -11.45
N VAL A 151 -28.60 26.70 -11.85
CA VAL A 151 -29.93 26.95 -12.46
C VAL A 151 -30.13 26.14 -13.75
N GLN A 152 -29.07 25.99 -14.54
CA GLN A 152 -29.14 25.22 -15.77
C GLN A 152 -29.33 23.73 -15.52
N LEU A 153 -28.71 23.21 -14.46
CA LEU A 153 -28.85 21.81 -14.07
C LEU A 153 -30.28 21.53 -13.56
N GLN A 154 -30.76 22.46 -12.73
CA GLN A 154 -32.12 22.42 -12.20
C GLN A 154 -33.14 22.31 -13.33
N ALA A 155 -33.00 23.17 -14.34
CA ALA A 155 -33.83 23.16 -15.53
C ALA A 155 -33.74 21.83 -16.31
N ALA A 156 -32.53 21.32 -16.50
CA ALA A 156 -32.35 20.06 -17.21
C ALA A 156 -33.04 18.91 -16.46
N TYR A 157 -32.88 18.88 -15.14
CA TYR A 157 -33.56 17.89 -14.32
C TYR A 157 -35.08 18.11 -14.28
N ASN A 158 -35.52 19.35 -14.10
CA ASN A 158 -36.95 19.65 -13.95
C ASN A 158 -37.72 19.35 -15.23
N ASP A 159 -37.15 19.73 -16.37
CA ASP A 159 -37.77 19.59 -17.66
C ASP A 159 -37.68 18.18 -18.23
N TYR A 160 -36.53 17.53 -18.05
CA TYR A 160 -36.25 16.25 -18.75
C TYR A 160 -35.81 15.08 -17.89
N GLY A 161 -35.68 15.28 -16.58
CA GLY A 161 -35.25 14.21 -15.66
C GLY A 161 -33.85 13.70 -15.98
N VAL A 162 -32.98 14.62 -16.41
CA VAL A 162 -31.57 14.34 -16.56
C VAL A 162 -30.91 14.66 -15.22
N SER A 163 -30.23 13.66 -14.65
CA SER A 163 -29.60 13.82 -13.34
C SER A 163 -28.16 13.33 -13.34
N SER A 164 -27.58 13.22 -14.51
CA SER A 164 -26.16 12.87 -14.65
C SER A 164 -25.44 13.78 -15.65
N VAL A 165 -24.20 14.11 -15.33
CA VAL A 165 -23.36 14.94 -16.20
C VAL A 165 -22.06 14.22 -16.48
N KCX A 166 -21.71 14.13 -17.76
CA KCX A 166 -20.45 13.51 -18.20
CB KCX A 166 -20.74 12.53 -19.33
CG KCX A 166 -19.55 12.13 -20.18
CD KCX A 166 -18.81 10.97 -19.58
CE KCX A 166 -17.88 10.35 -20.60
NZ KCX A 166 -18.61 9.68 -21.71
C KCX A 166 -19.45 14.59 -18.63
O KCX A 166 -19.82 15.54 -19.32
CX KCX A 166 -17.92 9.04 -22.65
OQ1 KCX A 166 -16.68 9.00 -22.62
OQ2 KCX A 166 -18.51 8.47 -23.58
N MET A 167 -18.20 14.43 -18.21
CA MET A 167 -17.12 15.35 -18.57
C MET A 167 -15.86 14.58 -18.98
N PHE A 168 -15.01 15.24 -19.79
CA PHE A 168 -13.79 14.64 -20.32
C PHE A 168 -12.52 15.34 -19.80
N MET A 169 -11.48 14.54 -19.58
CA MET A 169 -10.17 15.05 -19.18
C MET A 169 -9.19 14.91 -20.34
N THR A 170 -9.70 14.44 -21.48
CA THR A 170 -8.94 14.27 -22.72
C THR A 170 -9.83 14.58 -23.95
N TYR A 171 -9.24 14.51 -25.14
CA TYR A 171 -9.88 14.89 -26.42
C TYR A 171 -9.86 16.40 -26.63
N PRO A 172 -9.35 16.85 -27.80
CA PRO A 172 -9.39 18.28 -28.19
C PRO A 172 -10.85 18.75 -28.33
N GLY A 173 -11.21 19.82 -27.63
CA GLY A 173 -12.57 20.36 -27.72
C GLY A 173 -13.52 19.79 -26.67
N LEU A 174 -13.11 18.69 -26.05
CA LEU A 174 -13.88 18.07 -24.96
C LEU A 174 -13.19 18.23 -23.61
N GLN A 175 -11.87 18.06 -23.61
CA GLN A 175 -11.06 18.18 -22.40
C GLN A 175 -11.32 19.49 -21.66
N ILE A 176 -11.61 19.40 -20.37
CA ILE A 176 -11.72 20.61 -19.56
C ILE A 176 -10.70 20.58 -18.43
N SER A 177 -10.30 21.78 -18.00
CA SER A 177 -9.35 21.95 -16.90
C SER A 177 -9.92 21.46 -15.59
N ASP A 178 -9.02 21.19 -14.63
CA ASP A 178 -9.36 20.86 -13.24
C ASP A 178 -10.23 21.96 -12.61
N TYR A 179 -9.89 23.21 -12.91
CA TYR A 179 -10.63 24.38 -12.50
C TYR A 179 -12.12 24.27 -12.85
N ASP A 180 -12.39 23.98 -14.13
CA ASP A 180 -13.74 23.82 -14.66
C ASP A 180 -14.46 22.61 -14.10
N ILE A 181 -13.74 21.51 -13.90
CA ILE A 181 -14.32 20.32 -13.29
C ILE A 181 -14.84 20.64 -11.89
N MET A 182 -14.04 21.37 -11.10
CA MET A 182 -14.44 21.82 -9.77
C MET A 182 -15.71 22.67 -9.80
N SER A 183 -15.78 23.61 -10.74
CA SER A 183 -16.96 24.43 -10.96
C SER A 183 -18.21 23.58 -11.25
N ALA A 184 -18.05 22.58 -12.11
CA ALA A 184 -19.12 21.62 -12.42
C ALA A 184 -19.51 20.80 -11.20
N MET A 185 -18.50 20.28 -10.50
CA MET A 185 -18.71 19.49 -9.29
C MET A 185 -19.44 20.24 -8.18
N TYR A 186 -19.20 21.55 -8.11
CA TYR A 186 -19.90 22.43 -7.18
C TYR A 186 -21.39 22.36 -7.47
N ALA A 187 -21.73 22.39 -8.75
CA ALA A 187 -23.11 22.42 -9.19
C ALA A 187 -23.78 21.06 -9.07
N THR A 188 -23.06 20.00 -9.44
CA THR A 188 -23.63 18.65 -9.42
C THR A 188 -23.90 18.13 -8.02
N ARG A 189 -22.98 18.40 -7.08
CA ARG A 189 -23.18 18.01 -5.68
C ARG A 189 -24.38 18.71 -5.09
N LYS A 190 -24.49 20.01 -5.37
CA LYS A 190 -25.60 20.84 -4.91
C LYS A 190 -26.93 20.27 -5.42
N ASN A 191 -26.88 19.70 -6.62
CA ASN A 191 -28.06 19.18 -7.28
C ASN A 191 -28.24 17.65 -7.18
N GLY A 192 -27.36 16.97 -6.45
CA GLY A 192 -27.47 15.52 -6.27
C GLY A 192 -27.34 14.72 -7.55
N PHE A 193 -26.64 15.31 -8.53
CA PHE A 193 -26.39 14.68 -9.82
C PHE A 193 -25.34 13.56 -9.72
N THR A 194 -25.36 12.66 -10.69
CA THR A 194 -24.31 11.67 -10.84
C THR A 194 -23.23 12.30 -11.73
N THR A 195 -22.04 12.49 -11.19
CA THR A 195 -20.94 13.10 -11.92
C THR A 195 -20.10 12.01 -12.57
N MET A 196 -19.94 12.08 -13.89
CA MET A 196 -19.18 11.08 -14.65
C MET A 196 -17.91 11.68 -15.24
N LEU A 197 -16.81 10.93 -15.21
CA LEU A 197 -15.56 11.38 -15.82
C LEU A 197 -14.86 10.34 -16.70
N HIS A 198 -14.45 10.81 -17.88
CA HIS A 198 -13.53 10.07 -18.74
C HIS A 198 -12.13 10.54 -18.34
N ALA A 199 -11.43 9.71 -17.56
CA ALA A 199 -10.20 10.14 -16.93
C ALA A 199 -8.96 9.58 -17.62
N GLU A 200 -8.52 10.30 -18.66
CA GLU A 200 -7.19 10.13 -19.25
C GLU A 200 -6.57 11.51 -19.32
N ASN A 201 -5.27 11.60 -19.05
CA ASN A 201 -4.55 12.88 -19.18
C ASN A 201 -4.40 13.30 -20.65
N GLY A 202 -5.23 14.26 -21.05
CA GLY A 202 -5.23 14.75 -22.44
C GLY A 202 -3.92 15.33 -22.93
N ASP A 203 -3.22 16.06 -22.04
CA ASP A 203 -1.91 16.63 -22.35
C ASP A 203 -0.88 15.58 -22.72
N MET A 204 -0.88 14.49 -21.93
CA MET A 204 0.01 13.37 -22.15
C MET A 204 -0.31 12.63 -23.43
N VAL A 205 -1.59 12.45 -23.70
CA VAL A 205 -2.06 11.80 -24.93
C VAL A 205 -1.65 12.64 -26.13
N LYS A 206 -1.97 13.94 -26.07
CA LYS A 206 -1.64 14.90 -27.12
C LYS A 206 -0.14 14.92 -27.45
N TRP A 207 0.69 15.05 -26.42
CA TRP A 207 2.14 15.09 -26.57
C TRP A 207 2.69 13.83 -27.24
N MET A 208 2.24 12.67 -26.75
CA MET A 208 2.72 11.38 -27.19
C MET A 208 2.25 11.02 -28.61
N ILE A 209 1.05 11.46 -28.99
CA ILE A 209 0.59 11.29 -30.38
C ILE A 209 1.50 12.04 -31.36
N GLU A 210 1.82 13.30 -31.02
CA GLU A 210 2.74 14.11 -31.80
C GLU A 210 4.13 13.47 -31.94
N ALA A 211 4.64 12.94 -30.83
CA ALA A 211 5.94 12.26 -30.81
C ALA A 211 6.00 11.03 -31.72
N LEU A 212 4.91 10.24 -31.71
CA LEU A 212 4.82 9.04 -32.52
C LEU A 212 4.71 9.35 -34.02
N GLU A 213 3.88 10.33 -34.36
CA GLU A 213 3.72 10.79 -35.74
C GLU A 213 5.03 11.31 -36.31
N GLU A 214 5.79 12.02 -35.48
CA GLU A 214 7.12 12.52 -35.84
C GLU A 214 8.06 11.39 -36.26
N GLN A 215 7.83 10.20 -35.71
CA GLN A 215 8.62 9.02 -36.04
C GLN A 215 7.94 8.17 -37.13
N GLY A 216 6.80 8.64 -37.62
CA GLY A 216 6.02 7.92 -38.63
C GLY A 216 5.28 6.70 -38.12
N LEU A 217 5.12 6.61 -36.80
CA LEU A 217 4.43 5.48 -36.18
C LEU A 217 2.94 5.79 -36.04
N THR A 218 2.23 5.61 -37.15
CA THR A 218 0.87 6.09 -37.29
C THR A 218 -0.17 4.99 -37.49
N ASP A 219 0.28 3.74 -37.57
CA ASP A 219 -0.63 2.59 -37.68
C ASP A 219 -1.54 2.46 -36.45
N ALA A 220 -2.68 1.81 -36.63
CA ALA A 220 -3.71 1.68 -35.60
C ALA A 220 -3.17 1.22 -34.24
N TYR A 221 -2.16 0.36 -34.27
CA TYR A 221 -1.55 -0.22 -33.07
C TYR A 221 -0.96 0.85 -32.12
N TYR A 222 -0.47 1.94 -32.69
CA TYR A 222 0.17 2.97 -31.88
C TYR A 222 -0.81 3.87 -31.15
N HIS A 223 -2.09 3.65 -31.39
CA HIS A 223 -3.15 4.29 -30.60
C HIS A 223 -2.98 3.97 -29.11
N GLY A 224 -2.74 2.68 -28.83
CA GLY A 224 -2.49 2.19 -27.48
C GLY A 224 -1.17 2.69 -26.90
N VAL A 225 -0.13 2.67 -27.74
CA VAL A 225 1.19 3.18 -27.35
C VAL A 225 1.15 4.66 -26.96
N SER A 226 0.33 5.44 -27.64
CA SER A 226 0.20 6.88 -27.39
C SER A 226 -0.33 7.22 -26.01
N ARG A 227 -0.94 6.22 -25.33
CA ARG A 227 -1.63 6.46 -24.07
C ARG A 227 -1.67 5.20 -23.19
N PRO A 228 -0.50 4.81 -22.63
CA PRO A 228 -0.43 3.67 -21.71
C PRO A 228 -1.27 3.85 -20.45
N SER A 229 -1.48 2.77 -19.71
CA SER A 229 -2.39 2.74 -18.56
C SER A 229 -2.10 3.78 -17.48
N ILE A 230 -0.82 4.11 -17.34
CA ILE A 230 -0.33 5.10 -16.38
C ILE A 230 -1.01 6.48 -16.60
N VAL A 231 -1.34 6.76 -17.86
CA VAL A 231 -2.03 7.99 -18.26
C VAL A 231 -3.45 8.04 -17.67
N GLU A 232 -4.17 6.93 -17.83
CA GLU A 232 -5.49 6.74 -17.23
C GLU A 232 -5.42 6.71 -15.70
N GLY A 233 -4.36 6.10 -15.17
CA GLY A 233 -4.12 6.05 -13.73
C GLY A 233 -3.97 7.43 -13.13
N GLU A 234 -3.11 8.24 -13.75
CA GLU A 234 -2.87 9.61 -13.34
C GLU A 234 -4.14 10.44 -13.30
N ALA A 235 -4.87 10.49 -14.42
CA ALA A 235 -6.07 11.32 -14.51
C ALA A 235 -7.13 10.90 -13.50
N THR A 236 -7.29 9.59 -13.31
CA THR A 236 -8.20 9.03 -12.32
C THR A 236 -7.83 9.46 -10.91
N ASN A 237 -6.54 9.40 -10.59
CA ASN A 237 -6.04 9.88 -9.31
C ASN A 237 -6.38 11.35 -9.10
N ARG A 238 -6.12 12.15 -10.14
CA ARG A 238 -6.37 13.58 -10.11
C ARG A 238 -7.87 13.87 -9.90
N ALA A 239 -8.71 13.12 -10.60
CA ALA A 239 -10.15 13.27 -10.51
C ALA A 239 -10.72 12.87 -9.14
N ILE A 240 -10.17 11.81 -8.55
CA ILE A 240 -10.53 11.44 -7.17
C ILE A 240 -10.17 12.57 -6.21
N THR A 241 -8.98 13.13 -6.36
CA THR A 241 -8.54 14.28 -5.55
C THR A 241 -9.49 15.48 -5.64
N LEU A 242 -9.96 15.79 -6.86
CA LEU A 242 -10.93 16.87 -7.06
C LEU A 242 -12.23 16.54 -6.33
N ALA A 243 -12.73 15.32 -6.53
CA ALA A 243 -13.99 14.87 -5.91
C ALA A 243 -13.94 14.88 -4.40
N THR A 244 -12.78 14.52 -3.85
CA THR A 244 -12.54 14.57 -2.41
C THR A 244 -12.62 16.01 -1.91
N THR A 245 -11.85 16.89 -2.54
CA THR A 245 -11.83 18.31 -2.18
C THR A 245 -13.23 18.90 -2.25
N MET A 246 -14.01 18.43 -3.23
CA MET A 246 -15.33 18.98 -3.51
C MET A 246 -16.46 18.17 -2.84
N ASP A 247 -16.10 17.10 -2.13
CA ASP A 247 -17.06 16.16 -1.53
C ASP A 247 -18.16 15.73 -2.52
N THR A 248 -17.74 15.34 -3.71
CA THR A 248 -18.68 15.05 -4.78
C THR A 248 -18.59 13.58 -5.15
N PRO A 249 -19.71 12.83 -5.05
CA PRO A 249 -19.76 11.49 -5.59
C PRO A 249 -19.32 11.50 -7.06
N ILE A 250 -18.52 10.52 -7.46
CA ILE A 250 -17.97 10.50 -8.80
C ILE A 250 -17.94 9.09 -9.39
N LEU A 251 -18.27 8.98 -10.68
CA LEU A 251 -18.19 7.71 -11.38
C LEU A 251 -17.21 7.81 -12.55
N PHE A 252 -16.29 6.85 -12.61
CA PHE A 252 -15.36 6.74 -13.74
C PHE A 252 -15.90 5.81 -14.80
N VAL A 253 -16.02 6.33 -16.01
CA VAL A 253 -16.54 5.53 -17.11
C VAL A 253 -15.42 4.74 -17.77
N HIS A 254 -15.81 3.66 -18.44
CA HIS A 254 -14.91 2.74 -19.15
C HIS A 254 -13.46 2.67 -18.61
N VAL A 255 -13.34 2.17 -17.39
CA VAL A 255 -12.05 1.99 -16.74
C VAL A 255 -11.35 0.78 -17.33
N SER A 256 -10.07 0.93 -17.68
CA SER A 256 -9.30 -0.14 -18.33
C SER A 256 -7.91 -0.31 -17.74
N SER A 257 -7.54 0.58 -16.82
CA SER A 257 -6.17 0.65 -16.29
C SER A 257 -6.06 0.04 -14.90
N PRO A 258 -5.09 -0.89 -14.70
CA PRO A 258 -4.80 -1.42 -13.37
C PRO A 258 -4.52 -0.31 -12.34
N GLN A 259 -3.77 0.72 -12.75
CA GLN A 259 -3.40 1.82 -11.86
C GLN A 259 -4.61 2.68 -11.51
N ALA A 260 -5.51 2.86 -12.47
CA ALA A 260 -6.78 3.53 -12.21
C ALA A 260 -7.65 2.69 -11.25
N ALA A 261 -7.77 1.39 -11.52
CA ALA A 261 -8.51 0.51 -10.64
C ALA A 261 -7.94 0.55 -9.22
N GLU A 262 -6.61 0.64 -9.08
CA GLU A 262 -5.95 0.69 -7.77
C GLU A 262 -6.32 1.91 -6.95
N VAL A 263 -6.32 3.09 -7.56
CA VAL A 263 -6.63 4.31 -6.82
C VAL A 263 -8.10 4.40 -6.53
N ILE A 264 -8.92 3.86 -7.45
CA ILE A 264 -10.37 3.74 -7.21
C ILE A 264 -10.63 2.85 -6.01
N LYS A 265 -10.01 1.67 -5.98
CA LYS A 265 -10.16 0.72 -4.88
C LYS A 265 -9.83 1.35 -3.54
N GLN A 266 -8.72 2.09 -3.50
CA GLN A 266 -8.24 2.73 -2.28
C GLN A 266 -9.22 3.79 -1.77
N ALA A 267 -9.86 4.48 -2.70
CA ALA A 267 -10.85 5.50 -2.36
C ALA A 267 -12.10 4.84 -1.78
N GLN A 268 -12.52 3.74 -2.39
CA GLN A 268 -13.67 2.97 -1.93
C GLN A 268 -13.43 2.43 -0.51
N THR A 269 -12.23 1.90 -0.28
CA THR A 269 -11.84 1.43 1.05
C THR A 269 -11.95 2.52 2.11
N LYS A 270 -11.59 3.75 1.75
CA LYS A 270 -11.70 4.91 2.64
C LYS A 270 -13.15 5.31 2.84
N GLY A 271 -14.04 4.77 2.01
CA GLY A 271 -15.47 5.06 2.11
C GLY A 271 -15.92 6.25 1.26
N LEU A 272 -15.01 6.81 0.47
CA LEU A 272 -15.35 7.89 -0.45
C LEU A 272 -16.32 7.34 -1.49
N LYS A 273 -17.26 8.17 -1.91
CA LYS A 273 -18.25 7.75 -2.89
C LYS A 273 -17.65 7.81 -4.29
N VAL A 274 -16.91 6.77 -4.62
CA VAL A 274 -16.25 6.68 -5.90
C VAL A 274 -16.73 5.42 -6.58
N TYR A 275 -17.47 5.58 -7.67
CA TYR A 275 -17.97 4.43 -8.41
C TYR A 275 -17.24 4.31 -9.74
N ALA A 276 -17.32 3.13 -10.34
CA ALA A 276 -16.59 2.89 -11.59
C ALA A 276 -17.34 1.94 -12.50
N GLU A 277 -17.16 2.16 -13.80
CA GLU A 277 -17.69 1.32 -14.84
C GLU A 277 -16.53 0.73 -15.63
N THR A 278 -16.63 -0.54 -16.00
CA THR A 278 -15.75 -1.10 -17.01
C THR A 278 -16.60 -1.69 -18.16
N CYS A 279 -15.94 -2.26 -19.17
CA CYS A 279 -16.60 -2.74 -20.36
C CYS A 279 -16.04 -4.11 -20.77
N PRO A 280 -16.90 -4.98 -21.37
CA PRO A 280 -16.48 -6.32 -21.80
C PRO A 280 -15.14 -6.33 -22.52
N GLN A 281 -14.94 -5.39 -23.45
CA GLN A 281 -13.74 -5.33 -24.28
C GLN A 281 -12.43 -5.24 -23.47
N TYR A 282 -12.52 -4.64 -22.29
CA TYR A 282 -11.36 -4.47 -21.42
C TYR A 282 -11.00 -5.73 -20.62
N ALA A 283 -11.97 -6.64 -20.51
CA ALA A 283 -11.74 -7.94 -19.88
C ALA A 283 -11.43 -9.03 -20.89
N LEU A 284 -11.92 -8.86 -22.12
CA LEU A 284 -11.93 -9.95 -23.10
C LEU A 284 -10.92 -9.83 -24.23
N LEU A 285 -10.45 -8.60 -24.50
CA LEU A 285 -9.53 -8.36 -25.60
C LEU A 285 -8.22 -7.77 -25.12
N SER A 286 -7.13 -8.12 -25.79
CA SER A 286 -5.83 -7.48 -25.57
C SER A 286 -5.44 -6.73 -26.86
N ASP A 287 -4.47 -5.82 -26.77
CA ASP A 287 -4.09 -4.98 -27.91
C ASP A 287 -3.40 -5.73 -29.07
N ALA A 288 -3.12 -7.02 -28.88
CA ALA A 288 -2.56 -7.84 -29.97
C ALA A 288 -3.52 -7.94 -31.16
N ILE A 289 -4.82 -7.71 -30.90
CA ILE A 289 -5.85 -7.74 -31.95
C ILE A 289 -5.78 -6.52 -32.90
N THR A 290 -5.05 -5.48 -32.50
CA THR A 290 -4.97 -4.25 -33.30
C THR A 290 -3.84 -4.29 -34.34
N ARG A 291 -3.02 -5.34 -34.34
CA ARG A 291 -2.01 -5.55 -35.39
C ARG A 291 -1.77 -7.04 -35.67
N CYS A 292 -1.17 -7.39 -36.81
CA CYS A 292 -0.97 -8.82 -37.07
C CYS A 292 0.30 -9.33 -36.40
N HIS A 293 0.21 -10.51 -35.78
CA HIS A 293 1.36 -11.13 -35.13
C HIS A 293 1.74 -12.44 -35.80
N GLY A 302 -5.65 -16.96 -20.74
CA GLY A 302 -6.88 -17.76 -20.80
C GLY A 302 -8.11 -17.14 -20.14
N VAL A 303 -7.97 -15.91 -19.61
CA VAL A 303 -9.09 -15.23 -18.97
C VAL A 303 -9.87 -14.30 -19.93
N GLY A 304 -9.95 -14.71 -21.19
CA GLY A 304 -10.63 -13.93 -22.23
C GLY A 304 -10.82 -14.69 -23.52
N ILE A 305 -11.11 -13.96 -24.58
CA ILE A 305 -11.38 -14.54 -25.90
C ILE A 305 -10.10 -15.04 -26.57
N ASP A 306 -10.13 -16.26 -27.11
CA ASP A 306 -9.07 -16.74 -27.98
C ASP A 306 -9.05 -15.87 -29.23
N LEU A 307 -8.05 -14.98 -29.32
CA LEU A 307 -8.03 -13.94 -30.36
C LEU A 307 -7.97 -14.52 -31.77
N SER A 308 -7.41 -15.72 -31.90
CA SER A 308 -7.30 -16.38 -33.19
C SER A 308 -8.65 -16.85 -33.74
N SER A 309 -9.65 -16.95 -32.85
CA SER A 309 -10.99 -17.38 -33.24
C SER A 309 -11.86 -16.22 -33.79
N ILE A 310 -11.40 -14.99 -33.59
CA ILE A 310 -12.08 -13.81 -34.14
C ILE A 310 -11.88 -13.76 -35.66
N SER A 311 -12.98 -13.57 -36.39
CA SER A 311 -12.96 -13.49 -37.85
C SER A 311 -12.70 -12.06 -38.32
N GLU A 312 -12.05 -11.94 -39.48
CA GLU A 312 -11.81 -10.67 -40.14
C GLU A 312 -11.06 -9.68 -39.25
N SER A 313 -9.84 -10.07 -38.87
CA SER A 313 -8.96 -9.28 -38.02
C SER A 313 -7.57 -9.26 -38.66
N PRO A 314 -6.60 -8.53 -38.07
CA PRO A 314 -5.24 -8.53 -38.63
C PRO A 314 -4.64 -9.92 -38.75
N PHE A 315 -5.11 -10.85 -37.92
CA PHE A 315 -4.64 -12.23 -37.91
C PHE A 315 -5.10 -12.96 -39.17
N THR A 316 -6.37 -12.76 -39.52
CA THR A 316 -7.00 -13.44 -40.66
C THR A 316 -6.76 -12.67 -41.96
N ASN A 317 -6.73 -11.34 -41.86
CA ASN A 317 -6.51 -10.45 -42.99
C ASN A 317 -5.26 -9.56 -42.81
N PRO A 318 -4.05 -10.16 -42.87
CA PRO A 318 -2.83 -9.40 -42.56
C PRO A 318 -2.51 -8.26 -43.54
N ASP A 319 -2.96 -8.41 -44.79
CA ASP A 319 -2.75 -7.42 -45.86
C ASP A 319 -3.47 -6.10 -45.61
N ASP A 320 -4.68 -6.17 -45.06
CA ASP A 320 -5.44 -4.98 -44.71
C ASP A 320 -4.82 -4.30 -43.49
N ARG A 321 -3.91 -3.37 -43.75
CA ARG A 321 -3.18 -2.66 -42.70
C ARG A 321 -4.08 -1.76 -41.83
N PHE A 322 -5.30 -1.50 -42.32
CA PHE A 322 -6.22 -0.59 -41.62
C PHE A 322 -7.24 -1.31 -40.73
N ILE A 323 -7.31 -2.64 -40.85
CA ILE A 323 -8.34 -3.45 -40.18
C ILE A 323 -8.31 -3.38 -38.63
N GLY A 324 -7.18 -2.97 -38.06
CA GLY A 324 -7.04 -2.78 -36.63
C GLY A 324 -7.99 -1.73 -36.08
N SER A 325 -8.40 -0.81 -36.97
CA SER A 325 -9.32 0.28 -36.63
C SER A 325 -10.64 -0.22 -36.06
N LYS A 326 -11.03 -1.44 -36.45
CA LYS A 326 -12.21 -2.12 -35.89
C LYS A 326 -12.19 -2.17 -34.36
N TYR A 327 -10.99 -2.22 -33.78
CA TYR A 327 -10.83 -2.41 -32.33
C TYR A 327 -10.26 -1.18 -31.63
N ILE A 328 -10.21 -0.05 -32.34
CA ILE A 328 -9.73 1.20 -31.75
C ILE A 328 -10.85 1.90 -30.98
N CYS A 329 -10.61 2.11 -29.68
CA CYS A 329 -11.53 2.82 -28.79
C CYS A 329 -10.73 3.60 -27.75
N SER A 330 -11.43 4.40 -26.93
CA SER A 330 -10.79 5.15 -25.85
C SER A 330 -11.50 4.99 -24.51
N PRO A 331 -10.76 4.55 -23.48
CA PRO A 331 -9.32 4.25 -23.51
C PRO A 331 -9.02 3.01 -24.36
N PRO A 332 -7.75 2.83 -24.77
CA PRO A 332 -7.48 1.75 -25.73
C PRO A 332 -7.61 0.35 -25.11
N ILE A 333 -7.87 -0.64 -25.95
CA ILE A 333 -7.73 -2.03 -25.54
C ILE A 333 -6.27 -2.27 -25.15
N ARG A 334 -6.08 -2.83 -23.95
CA ARG A 334 -4.78 -2.83 -23.27
C ARG A 334 -3.90 -4.01 -23.64
N PRO A 335 -2.59 -3.93 -23.33
CA PRO A 335 -1.67 -5.06 -23.55
C PRO A 335 -2.10 -6.33 -22.81
N GLU A 336 -1.64 -7.47 -23.32
CA GLU A 336 -1.83 -8.76 -22.64
C GLU A 336 -1.38 -8.70 -21.18
N GLY A 337 -2.14 -9.36 -20.31
CA GLY A 337 -1.80 -9.43 -18.89
C GLY A 337 -2.60 -8.46 -18.04
N THR A 338 -3.26 -7.50 -18.69
CA THR A 338 -4.08 -6.49 -18.02
C THR A 338 -5.49 -7.02 -17.70
N GLN A 339 -5.99 -7.91 -18.55
CA GLN A 339 -7.41 -8.29 -18.57
C GLN A 339 -7.88 -8.98 -17.30
N LYS A 340 -7.01 -9.77 -16.69
CA LYS A 340 -7.37 -10.49 -15.47
C LYS A 340 -7.76 -9.53 -14.35
N SER A 341 -7.06 -8.39 -14.27
CA SER A 341 -7.31 -7.37 -13.26
C SER A 341 -8.69 -6.74 -13.39
N ILE A 342 -9.20 -6.75 -14.62
CA ILE A 342 -10.52 -6.20 -14.92
C ILE A 342 -11.62 -7.12 -14.35
N TRP A 343 -11.44 -8.43 -14.51
CA TRP A 343 -12.35 -9.39 -13.88
C TRP A 343 -12.30 -9.30 -12.36
N LYS A 344 -11.09 -9.18 -11.81
CA LYS A 344 -10.90 -9.03 -10.36
C LYS A 344 -11.68 -7.84 -9.82
N GLY A 345 -11.56 -6.70 -10.51
CA GLY A 345 -12.29 -5.49 -10.17
C GLY A 345 -13.79 -5.69 -10.17
N MET A 346 -14.28 -6.44 -11.16
CA MET A 346 -15.70 -6.78 -11.29
C MET A 346 -16.21 -7.61 -10.11
N ASN A 347 -15.38 -8.54 -9.66
CA ASN A 347 -15.69 -9.42 -8.54
C ASN A 347 -15.53 -8.76 -7.16
N ASN A 348 -14.51 -7.91 -7.02
CA ASN A 348 -14.15 -7.42 -5.69
C ASN A 348 -14.83 -6.11 -5.25
N GLY A 349 -15.66 -5.56 -6.14
CA GLY A 349 -16.43 -4.34 -5.85
C GLY A 349 -15.87 -3.06 -6.44
N THR A 350 -14.75 -3.13 -7.14
CA THR A 350 -14.16 -1.95 -7.79
C THR A 350 -15.11 -1.38 -8.82
N PHE A 351 -15.62 -2.26 -9.69
CA PHE A 351 -16.53 -1.81 -10.71
C PHE A 351 -17.96 -1.99 -10.25
N THR A 352 -18.62 -0.84 -10.06
CA THR A 352 -20.02 -0.75 -9.69
C THR A 352 -20.92 -1.28 -10.81
N ILE A 353 -20.59 -0.94 -12.07
CA ILE A 353 -21.39 -1.28 -13.25
C ILE A 353 -20.54 -1.70 -14.45
N VAL A 354 -21.21 -2.31 -15.43
CA VAL A 354 -20.60 -2.65 -16.70
C VAL A 354 -21.48 -2.08 -17.83
N GLY A 355 -20.87 -1.27 -18.69
CA GLY A 355 -21.52 -0.76 -19.91
C GLY A 355 -20.71 -1.18 -21.12
N SER A 356 -21.15 -0.81 -22.32
CA SER A 356 -20.46 -1.23 -23.54
C SER A 356 -19.58 -0.15 -24.16
N ASP A 357 -19.89 1.11 -23.85
CA ASP A 357 -19.34 2.25 -24.58
C ASP A 357 -19.57 2.01 -26.09
N HIS A 358 -20.79 1.59 -26.41
CA HIS A 358 -21.26 1.28 -27.75
C HIS A 358 -21.13 2.52 -28.62
N CYS A 359 -20.34 2.40 -29.69
CA CYS A 359 -20.10 3.53 -30.58
C CYS A 359 -19.64 3.04 -31.94
N SER A 360 -20.57 3.09 -32.91
CA SER A 360 -20.45 2.33 -34.15
C SER A 360 -20.08 3.14 -35.38
N TYR A 361 -19.06 2.67 -36.09
CA TYR A 361 -18.66 3.21 -37.38
C TYR A 361 -18.43 2.05 -38.33
N ASN A 362 -18.92 2.17 -39.56
CA ASN A 362 -18.81 1.12 -40.56
C ASN A 362 -17.37 0.83 -40.97
N TYR A 363 -17.09 -0.41 -41.32
CA TYR A 363 -15.78 -0.78 -41.83
C TYR A 363 -15.82 -1.19 -43.30
N TYR A 364 -16.91 -1.80 -43.72
CA TYR A 364 -16.99 -2.39 -45.07
C TYR A 364 -17.58 -1.45 -46.13
N GLU A 365 -18.01 -0.28 -45.69
CA GLU A 365 -18.24 0.85 -46.59
C GLU A 365 -17.29 1.98 -46.19
N LYS A 366 -16.66 2.58 -47.19
CA LYS A 366 -15.51 3.46 -47.00
C LYS A 366 -15.84 4.94 -47.25
N THR A 367 -17.01 5.21 -47.82
CA THR A 367 -17.34 6.52 -48.36
C THR A 367 -18.16 7.44 -47.45
N SER A 368 -18.95 6.87 -46.56
CA SER A 368 -19.87 7.69 -45.77
C SER A 368 -19.20 8.43 -44.62
N THR A 369 -19.91 9.41 -44.08
CA THR A 369 -19.44 10.24 -42.98
C THR A 369 -19.35 9.45 -41.68
N ALA A 370 -20.03 8.30 -41.66
CA ALA A 370 -20.01 7.40 -40.50
C ALA A 370 -19.09 6.18 -40.67
N SER A 371 -18.18 6.23 -41.64
CA SER A 371 -17.23 5.14 -41.87
C SER A 371 -15.96 5.30 -41.03
N LYS A 372 -15.34 4.17 -40.64
CA LYS A 372 -14.00 4.15 -40.05
C LYS A 372 -12.94 4.77 -40.98
N HIS A 373 -13.16 4.62 -42.30
CA HIS A 373 -12.25 5.10 -43.35
C HIS A 373 -12.31 6.62 -43.53
N ARG A 374 -13.21 7.24 -42.80
CA ARG A 374 -13.27 8.68 -42.55
C ARG A 374 -11.87 9.25 -42.24
N ALA A 375 -11.00 8.39 -41.68
CA ALA A 375 -9.61 8.72 -41.39
C ALA A 375 -8.76 8.99 -42.65
N PHE A 376 -9.24 8.53 -43.80
CA PHE A 376 -8.65 8.85 -45.10
C PHE A 376 -9.41 9.99 -45.76
N ASP A 377 -8.78 11.16 -45.81
CA ASP A 377 -9.37 12.35 -46.41
C ASP A 377 -8.22 13.21 -46.91
N PRO A 378 -7.61 12.81 -48.04
CA PRO A 378 -6.38 13.44 -48.54
C PRO A 378 -6.49 14.98 -48.59
N GLU A 379 -7.72 15.45 -48.83
CA GLU A 379 -8.06 16.86 -49.00
C GLU A 379 -8.02 17.63 -47.69
N ASN A 380 -8.29 16.94 -46.59
CA ASN A 380 -8.20 17.53 -45.27
C ASN A 380 -6.92 17.14 -44.54
N ASN A 381 -5.90 16.74 -45.32
CA ASN A 381 -4.61 16.29 -44.77
C ASN A 381 -4.74 15.11 -43.79
N LYS A 382 -5.63 14.17 -44.15
CA LYS A 382 -5.84 12.94 -43.39
C LYS A 382 -5.48 11.75 -44.27
N ASN A 383 -4.56 10.91 -43.79
CA ASN A 383 -4.12 9.73 -44.55
C ASN A 383 -4.16 8.44 -43.75
N GLY A 384 -5.21 8.27 -42.96
CA GLY A 384 -5.43 7.03 -42.22
C GLY A 384 -4.62 6.86 -40.94
N GLU A 385 -4.00 7.93 -40.47
CA GLU A 385 -3.25 7.92 -39.23
C GLU A 385 -4.18 7.63 -38.06
N PHE A 386 -3.67 6.94 -37.04
CA PHE A 386 -4.54 6.50 -35.93
C PHE A 386 -5.29 7.64 -35.24
N ARG A 387 -4.68 8.82 -35.22
CA ARG A 387 -5.28 10.03 -34.66
C ARG A 387 -6.65 10.33 -35.28
N TYR A 388 -6.78 10.01 -36.57
CA TYR A 388 -7.99 10.30 -37.33
C TYR A 388 -9.01 9.17 -37.36
N ILE A 389 -8.69 8.04 -36.70
CA ILE A 389 -9.62 6.91 -36.63
C ILE A 389 -10.75 7.22 -35.66
N PRO A 390 -12.01 7.17 -36.12
CA PRO A 390 -13.14 7.32 -35.20
C PRO A 390 -13.12 6.21 -34.13
N ASN A 391 -13.06 6.63 -32.86
CA ASN A 391 -12.92 5.70 -31.76
C ASN A 391 -14.26 5.11 -31.33
N GLY A 392 -14.28 3.78 -31.23
CA GLY A 392 -15.44 3.07 -30.73
C GLY A 392 -15.64 1.67 -31.27
N LEU A 393 -16.28 0.83 -30.47
CA LEU A 393 -16.74 -0.49 -30.91
C LEU A 393 -18.26 -0.63 -30.71
N PRO A 394 -18.92 -1.36 -31.64
CA PRO A 394 -20.29 -1.83 -31.39
C PRO A 394 -20.25 -2.85 -30.25
N GLY A 395 -21.14 -2.70 -29.27
CA GLY A 395 -21.13 -3.58 -28.12
C GLY A 395 -22.39 -3.68 -27.28
N VAL A 396 -23.42 -2.92 -27.62
CA VAL A 396 -24.67 -2.94 -26.85
C VAL A 396 -25.37 -4.30 -26.86
N CYS A 397 -25.27 -5.00 -28.00
CA CYS A 397 -25.86 -6.30 -28.15
C CYS A 397 -25.09 -7.38 -27.39
N THR A 398 -23.78 -7.47 -27.62
CA THR A 398 -22.95 -8.55 -27.07
C THR A 398 -22.63 -8.44 -25.56
N ARG A 399 -22.92 -7.30 -24.94
CA ARG A 399 -22.53 -7.07 -23.52
C ARG A 399 -23.04 -8.13 -22.55
N MET A 400 -24.34 -8.44 -22.61
CA MET A 400 -24.95 -9.38 -21.65
C MET A 400 -24.52 -10.82 -21.88
N PRO A 401 -24.64 -11.34 -23.11
CA PRO A 401 -24.20 -12.69 -23.41
C PRO A 401 -22.71 -12.91 -23.18
N LEU A 402 -21.88 -11.89 -23.46
CA LEU A 402 -20.44 -11.99 -23.23
C LEU A 402 -20.08 -12.23 -21.77
N LEU A 403 -20.75 -11.53 -20.87
CA LEU A 403 -20.52 -11.73 -19.43
C LEU A 403 -21.20 -13.00 -18.91
N TYR A 404 -22.33 -13.37 -19.49
CA TYR A 404 -22.98 -14.64 -19.15
C TYR A 404 -22.03 -15.81 -19.43
N ASP A 405 -21.49 -15.85 -20.65
CA ASP A 405 -20.59 -16.89 -21.08
C ASP A 405 -19.24 -16.75 -20.40
N TYR A 406 -18.45 -15.75 -20.81
CA TYR A 406 -17.07 -15.62 -20.37
C TYR A 406 -16.94 -15.25 -18.89
N GLY A 407 -17.98 -14.65 -18.33
CA GLY A 407 -18.03 -14.32 -16.92
C GLY A 407 -18.51 -15.47 -16.05
N TYR A 408 -19.82 -15.72 -16.09
CA TYR A 408 -20.44 -16.71 -15.23
C TYR A 408 -20.11 -18.15 -15.59
N LEU A 409 -20.38 -18.55 -16.84
CA LEU A 409 -20.15 -19.95 -17.25
C LEU A 409 -18.70 -20.38 -17.17
N ARG A 410 -17.80 -19.49 -17.60
CA ARG A 410 -16.38 -19.81 -17.64
C ARG A 410 -15.65 -19.49 -16.34
N GLY A 411 -16.40 -18.92 -15.39
CA GLY A 411 -15.92 -18.77 -14.02
C GLY A 411 -15.06 -17.55 -13.72
N ASN A 412 -15.10 -16.55 -14.61
CA ASN A 412 -14.37 -15.30 -14.36
C ASN A 412 -15.13 -14.37 -13.41
N LEU A 413 -16.45 -14.48 -13.42
CA LEU A 413 -17.31 -13.86 -12.40
C LEU A 413 -17.73 -14.91 -11.37
N THR A 414 -17.90 -14.48 -10.11
CA THR A 414 -18.17 -15.43 -9.02
C THR A 414 -19.54 -16.09 -9.08
N SER A 415 -20.56 -15.35 -9.50
CA SER A 415 -21.92 -15.89 -9.58
C SER A 415 -22.76 -15.14 -10.59
N MET A 416 -23.98 -15.64 -10.82
CA MET A 416 -25.01 -14.93 -11.58
C MET A 416 -25.51 -13.69 -10.86
N MET A 417 -25.49 -13.72 -9.52
CA MET A 417 -25.91 -12.57 -8.72
C MET A 417 -25.00 -11.37 -8.92
N LYS A 418 -23.69 -11.62 -9.00
CA LYS A 418 -22.72 -10.57 -9.33
C LYS A 418 -22.99 -9.99 -10.74
N LEU A 419 -23.22 -10.88 -11.71
CA LEU A 419 -23.60 -10.48 -13.07
C LEU A 419 -24.80 -9.52 -13.08
N VAL A 420 -25.90 -9.92 -12.44
CA VAL A 420 -27.10 -9.09 -12.40
C VAL A 420 -26.85 -7.76 -11.65
N GLU A 421 -26.06 -7.81 -10.59
CA GLU A 421 -25.70 -6.60 -9.86
C GLU A 421 -25.04 -5.52 -10.76
N ILE A 422 -24.03 -5.92 -11.53
CA ILE A 422 -23.25 -4.95 -12.31
C ILE A 422 -23.84 -4.63 -13.68
N GLN A 423 -24.67 -5.54 -14.21
CA GLN A 423 -25.28 -5.36 -15.52
C GLN A 423 -26.69 -4.80 -15.51
N CYS A 424 -27.38 -4.94 -14.37
CA CYS A 424 -28.79 -4.59 -14.31
C CYS A 424 -29.13 -3.64 -13.17
N THR A 425 -28.87 -4.07 -11.94
CA THR A 425 -29.41 -3.38 -10.77
C THR A 425 -28.62 -2.12 -10.41
N ASN A 426 -27.30 -2.22 -10.31
CA ASN A 426 -26.47 -1.04 -9.99
C ASN A 426 -26.56 0.08 -11.05
N PRO A 427 -26.56 -0.27 -12.36
CA PRO A 427 -26.83 0.80 -13.34
C PRO A 427 -28.12 1.59 -13.08
N ALA A 428 -29.20 0.92 -12.69
CA ALA A 428 -30.47 1.59 -12.38
C ALA A 428 -30.35 2.46 -11.14
N LYS A 429 -29.66 1.93 -10.12
CA LYS A 429 -29.50 2.59 -8.84
C LYS A 429 -28.64 3.84 -8.95
N VAL A 430 -27.51 3.71 -9.62
CA VAL A 430 -26.58 4.82 -9.73
C VAL A 430 -27.08 5.94 -10.67
N TYR A 431 -27.99 5.61 -11.59
CA TYR A 431 -28.55 6.61 -12.53
C TYR A 431 -30.03 6.94 -12.31
N GLY A 432 -30.51 6.77 -11.09
CA GLY A 432 -31.87 7.21 -10.71
C GLY A 432 -33.02 6.56 -11.45
N MET A 433 -32.82 5.32 -11.91
CA MET A 433 -33.89 4.59 -12.57
C MET A 433 -34.46 3.47 -11.70
N TYR A 434 -33.97 3.40 -10.47
CA TYR A 434 -34.40 2.40 -9.52
C TYR A 434 -35.52 2.99 -8.66
N PRO A 435 -36.56 2.20 -8.31
CA PRO A 435 -36.81 0.76 -8.56
C PRO A 435 -37.56 0.42 -9.85
N GLN A 436 -37.97 1.42 -10.62
CA GLN A 436 -38.71 1.19 -11.87
C GLN A 436 -37.95 0.22 -12.78
N LYS A 437 -36.64 0.34 -12.78
CA LYS A 437 -35.77 -0.48 -13.60
C LYS A 437 -34.77 -1.28 -12.77
N GLY A 438 -34.24 -2.35 -13.35
CA GLY A 438 -33.09 -3.06 -12.78
C GLY A 438 -33.32 -4.33 -11.97
N SER A 439 -34.56 -4.57 -11.56
CA SER A 439 -34.91 -5.69 -10.68
C SER A 439 -36.18 -6.42 -11.12
N ILE A 440 -36.64 -7.32 -10.25
CA ILE A 440 -37.86 -8.10 -10.47
C ILE A 440 -38.77 -7.93 -9.23
N LEU A 441 -39.42 -6.77 -9.13
CA LEU A 441 -40.20 -6.41 -7.94
C LEU A 441 -41.70 -6.28 -8.24
N PRO A 442 -42.50 -7.23 -7.73
CA PRO A 442 -43.95 -7.21 -7.95
C PRO A 442 -44.61 -5.88 -7.58
N GLY A 443 -45.43 -5.37 -8.50
CA GLY A 443 -46.13 -4.11 -8.34
C GLY A 443 -45.30 -2.86 -8.58
N VAL A 444 -43.98 -3.04 -8.75
CA VAL A 444 -43.05 -1.92 -8.80
C VAL A 444 -42.21 -1.88 -10.08
N SER A 445 -41.68 -3.03 -10.48
CA SER A 445 -40.78 -3.12 -11.63
C SER A 445 -41.52 -3.08 -12.94
N ASP A 446 -41.02 -2.26 -13.87
CA ASP A 446 -41.33 -2.48 -15.29
C ASP A 446 -40.92 -3.92 -15.60
N ALA A 447 -41.77 -4.64 -16.31
CA ALA A 447 -41.52 -6.04 -16.65
C ALA A 447 -40.48 -6.14 -17.75
N ASP A 448 -39.23 -5.83 -17.39
CA ASP A 448 -38.08 -5.88 -18.27
C ASP A 448 -37.25 -7.09 -17.89
N LEU A 449 -37.35 -8.16 -18.70
CA LEU A 449 -36.86 -9.47 -18.32
C LEU A 449 -36.19 -10.21 -19.46
N VAL A 450 -35.21 -11.04 -19.11
CA VAL A 450 -34.52 -11.88 -20.07
C VAL A 450 -34.64 -13.34 -19.63
N ILE A 451 -35.13 -14.18 -20.54
CA ILE A 451 -35.14 -15.62 -20.33
C ILE A 451 -34.04 -16.21 -21.21
N TRP A 452 -33.06 -16.83 -20.57
CA TRP A 452 -31.94 -17.44 -21.29
C TRP A 452 -32.28 -18.85 -21.74
N TYR A 453 -31.38 -19.51 -22.47
CA TYR A 453 -31.53 -20.93 -22.76
C TYR A 453 -31.02 -21.71 -21.55
N PRO A 454 -31.54 -22.94 -21.32
CA PRO A 454 -31.01 -23.72 -20.20
C PRO A 454 -29.59 -24.23 -20.50
N ASP A 455 -28.72 -24.18 -19.50
CA ASP A 455 -27.29 -24.50 -19.68
C ASP A 455 -26.97 -26.00 -19.75
N ASP A 456 -27.63 -26.82 -18.94
CA ASP A 456 -27.25 -28.22 -18.81
C ASP A 456 -28.06 -29.17 -19.69
N SER A 457 -28.75 -28.59 -20.68
CA SER A 457 -29.67 -29.33 -21.53
C SER A 457 -28.99 -30.03 -22.71
N LYS A 458 -29.45 -31.23 -23.05
CA LYS A 458 -29.00 -31.87 -24.30
C LYS A 458 -30.00 -31.59 -25.43
N LYS A 459 -31.05 -30.83 -25.12
CA LYS A 459 -32.06 -30.46 -26.11
C LYS A 459 -31.46 -29.53 -27.15
N GLU A 460 -31.82 -29.75 -28.40
CA GLU A 460 -31.39 -28.89 -29.49
C GLU A 460 -32.32 -27.68 -29.61
N TYR A 461 -31.72 -26.51 -29.70
CA TYR A 461 -32.44 -25.28 -29.99
C TYR A 461 -31.87 -24.67 -31.27
N ASN A 462 -32.56 -24.85 -32.39
CA ASN A 462 -32.09 -24.33 -33.68
C ASN A 462 -31.92 -22.81 -33.69
N SER A 463 -32.67 -22.14 -32.84
CA SER A 463 -32.67 -20.68 -32.72
C SER A 463 -31.47 -20.17 -31.93
N LYS A 464 -30.89 -21.03 -31.11
CA LYS A 464 -29.78 -20.65 -30.24
C LYS A 464 -28.49 -20.54 -31.07
N PRO A 465 -27.87 -19.34 -31.07
CA PRO A 465 -26.66 -19.15 -31.85
C PRO A 465 -25.44 -19.80 -31.20
N LYS A 466 -24.54 -20.33 -32.03
CA LYS A 466 -23.29 -20.90 -31.56
C LYS A 466 -22.18 -19.84 -31.62
N LEU A 467 -22.21 -19.04 -32.68
CA LEU A 467 -21.21 -18.01 -32.94
C LEU A 467 -21.84 -16.64 -32.93
N ILE A 468 -21.02 -15.62 -32.66
CA ILE A 468 -21.42 -14.22 -32.80
C ILE A 468 -21.16 -13.81 -34.25
N THR A 469 -22.20 -13.26 -34.88
CA THR A 469 -22.15 -12.80 -36.27
C THR A 469 -22.73 -11.41 -36.32
N ASN A 470 -22.40 -10.67 -37.38
CA ASN A 470 -22.95 -9.33 -37.54
C ASN A 470 -24.49 -9.29 -37.63
N LYS A 471 -25.07 -10.25 -38.36
CA LYS A 471 -26.53 -10.38 -38.49
C LYS A 471 -27.24 -10.53 -37.14
N LEU A 472 -26.65 -11.33 -36.26
CA LEU A 472 -27.17 -11.53 -34.91
C LEU A 472 -27.31 -10.24 -34.12
N MET A 473 -26.52 -9.22 -34.49
CA MET A 473 -26.47 -7.95 -33.77
C MET A 473 -27.72 -7.10 -33.91
N GLU A 474 -28.43 -7.27 -35.02
CA GLU A 474 -29.64 -6.47 -35.32
C GLU A 474 -29.37 -4.95 -35.26
N HIS A 475 -28.16 -4.55 -35.65
CA HIS A 475 -27.78 -3.13 -35.59
C HIS A 475 -27.56 -2.59 -37.00
N ASN A 476 -27.16 -1.33 -37.10
CA ASN A 476 -26.99 -0.66 -38.39
C ASN A 476 -25.51 -0.61 -38.85
N CYS A 477 -24.63 -1.27 -38.11
CA CYS A 477 -23.21 -1.33 -38.45
C CYS A 477 -22.92 -2.60 -39.26
N ASP A 478 -21.85 -2.59 -40.04
CA ASP A 478 -21.54 -3.74 -40.90
C ASP A 478 -20.51 -4.71 -40.31
N TYR A 479 -20.15 -4.48 -39.04
CA TYR A 479 -19.24 -5.38 -38.34
C TYR A 479 -19.51 -5.39 -36.82
N THR A 480 -19.04 -6.46 -36.20
CA THR A 480 -18.90 -6.53 -34.74
C THR A 480 -17.50 -7.05 -34.45
N PRO A 481 -16.79 -6.45 -33.47
CA PRO A 481 -15.42 -6.89 -33.21
C PRO A 481 -15.35 -8.36 -32.77
N PHE A 482 -16.48 -8.88 -32.29
CA PHE A 482 -16.58 -10.25 -31.78
C PHE A 482 -17.04 -11.28 -32.82
N GLU A 483 -16.98 -10.90 -34.10
CA GLU A 483 -17.34 -11.78 -35.21
C GLU A 483 -16.59 -13.10 -35.12
N GLY A 484 -17.31 -14.22 -35.18
CA GLY A 484 -16.72 -15.54 -35.30
C GLY A 484 -16.50 -16.32 -34.02
N ILE A 485 -16.52 -15.64 -32.87
CA ILE A 485 -16.24 -16.29 -31.59
C ILE A 485 -17.43 -17.11 -31.09
N GLU A 486 -17.13 -18.18 -30.36
CA GLU A 486 -18.14 -19.01 -29.71
C GLU A 486 -18.88 -18.25 -28.62
N ILE A 487 -20.19 -18.45 -28.57
CA ILE A 487 -21.02 -17.91 -27.52
C ILE A 487 -21.92 -19.03 -26.99
N LYS A 488 -21.80 -19.30 -25.69
CA LYS A 488 -22.42 -20.47 -25.06
C LYS A 488 -23.87 -20.27 -24.60
N ASN A 489 -24.32 -19.02 -24.59
CA ASN A 489 -25.71 -18.71 -24.28
C ASN A 489 -26.11 -17.35 -24.88
N TRP A 490 -27.42 -17.16 -25.01
CA TRP A 490 -27.99 -15.97 -25.62
C TRP A 490 -29.39 -15.81 -25.02
N PRO A 491 -29.92 -14.57 -25.01
CA PRO A 491 -31.35 -14.43 -24.73
C PRO A 491 -32.25 -15.23 -25.67
N ARG A 492 -33.17 -15.98 -25.07
CA ARG A 492 -34.18 -16.72 -25.80
C ARG A 492 -35.45 -15.88 -25.89
N TYR A 493 -35.72 -15.13 -24.83
CA TYR A 493 -36.81 -14.16 -24.79
C TYR A 493 -36.27 -12.88 -24.18
N THR A 494 -36.51 -11.75 -24.85
CA THR A 494 -36.33 -10.45 -24.18
C THR A 494 -37.69 -9.80 -24.07
N ILE A 495 -38.08 -9.54 -22.83
CA ILE A 495 -39.38 -8.94 -22.52
C ILE A 495 -39.15 -7.51 -22.07
N VAL A 496 -39.80 -6.58 -22.77
CA VAL A 496 -39.67 -5.16 -22.47
C VAL A 496 -41.04 -4.63 -22.13
N LYS A 497 -41.18 -4.15 -20.90
CA LYS A 497 -42.43 -3.60 -20.36
C LYS A 497 -43.61 -4.54 -20.58
N GLY A 498 -43.39 -5.82 -20.30
CA GLY A 498 -44.44 -6.81 -20.37
C GLY A 498 -44.68 -7.42 -21.73
N LYS A 499 -43.96 -6.96 -22.75
CA LYS A 499 -44.14 -7.50 -24.10
C LYS A 499 -42.89 -8.18 -24.62
N ILE A 500 -43.10 -9.28 -25.33
CA ILE A 500 -42.02 -10.01 -26.00
C ILE A 500 -41.57 -9.21 -27.22
N VAL A 501 -40.38 -8.63 -27.13
CA VAL A 501 -39.84 -7.84 -28.23
C VAL A 501 -38.80 -8.67 -29.00
N TYR A 502 -38.23 -9.67 -28.32
CA TYR A 502 -37.29 -10.58 -28.91
C TYR A 502 -37.61 -12.00 -28.50
N LYS A 503 -37.75 -12.88 -29.49
CA LYS A 503 -38.04 -14.27 -29.24
C LYS A 503 -37.25 -15.14 -30.20
N GLU A 504 -36.34 -15.93 -29.64
CA GLU A 504 -35.64 -17.00 -30.38
C GLU A 504 -35.09 -16.52 -31.73
N GLY A 505 -34.37 -15.41 -31.69
CA GLY A 505 -33.67 -14.87 -32.85
C GLY A 505 -34.44 -13.83 -33.65
N GLU A 506 -35.70 -13.62 -33.29
CA GLU A 506 -36.57 -12.70 -34.05
C GLU A 506 -36.98 -11.49 -33.24
N ILE A 507 -36.81 -10.33 -33.86
CA ILE A 507 -37.30 -9.07 -33.32
C ILE A 507 -38.79 -8.94 -33.66
N LEU A 508 -39.61 -8.68 -32.65
CA LEU A 508 -41.04 -8.46 -32.84
C LEU A 508 -41.34 -6.96 -32.80
N LYS A 509 -41.22 -6.31 -33.96
CA LYS A 509 -41.36 -4.86 -34.11
C LYS A 509 -42.70 -4.31 -33.62
N GLU A 510 -43.76 -5.08 -33.81
CA GLU A 510 -45.11 -4.66 -33.39
C GLU A 510 -45.21 -4.47 -31.88
N ASN A 511 -44.24 -5.03 -31.14
CA ASN A 511 -44.18 -4.89 -29.69
C ASN A 511 -43.18 -3.82 -29.22
N ALA A 512 -42.57 -3.11 -30.18
CA ALA A 512 -41.66 -2.00 -29.87
C ALA A 512 -42.45 -0.80 -29.36
N ASP A 513 -42.25 -0.43 -28.10
CA ASP A 513 -42.93 0.73 -27.52
C ASP A 513 -42.06 1.49 -26.52
N GLY A 514 -40.78 1.62 -26.87
CA GLY A 514 -39.82 2.32 -26.04
C GLY A 514 -40.11 3.80 -25.91
N LYS A 515 -39.70 4.38 -24.79
CA LYS A 515 -39.97 5.79 -24.49
C LYS A 515 -38.82 6.47 -23.80
N TYR A 516 -38.71 7.79 -24.00
CA TYR A 516 -37.76 8.56 -23.22
C TYR A 516 -38.04 8.42 -21.71
N LEU A 517 -36.97 8.28 -20.94
CA LEU A 517 -37.09 7.98 -19.53
C LEU A 517 -36.59 9.14 -18.69
N LYS A 518 -37.52 9.80 -17.99
CA LYS A 518 -37.16 10.82 -17.01
C LYS A 518 -36.65 10.10 -15.77
N ARG A 519 -35.44 10.46 -15.34
CA ARG A 519 -34.79 9.78 -14.23
C ARG A 519 -34.88 10.64 -12.95
N GLY A 520 -34.71 10.00 -11.80
CA GLY A 520 -34.65 10.71 -10.52
C GLY A 520 -33.22 10.94 -10.06
N LYS A 521 -33.08 11.48 -8.86
CA LYS A 521 -31.78 11.59 -8.19
C LYS A 521 -31.41 10.25 -7.59
N SER A 522 -30.15 9.85 -7.79
CA SER A 522 -29.65 8.58 -7.29
C SER A 522 -29.42 8.66 -5.77
N PHE A 523 -29.84 7.63 -5.05
CA PHE A 523 -29.60 7.55 -3.61
C PHE A 523 -28.13 7.26 -3.31
N MET A 524 -27.42 6.71 -4.31
CA MET A 524 -26.00 6.44 -4.19
C MET A 524 -25.16 7.71 -4.30
N CYS A 525 -25.77 8.80 -4.75
CA CYS A 525 -25.04 10.03 -5.05
C CYS A 525 -25.32 11.21 -4.12
N THR A 526 -25.94 10.96 -2.98
CA THR A 526 -25.99 11.97 -1.92
C THR A 526 -24.57 12.08 -1.37
N PRO A 527 -24.13 13.30 -1.01
CA PRO A 527 -22.73 13.49 -0.61
C PRO A 527 -22.41 12.86 0.74
N LYS A 528 -21.14 12.50 0.93
CA LYS A 528 -20.66 11.95 2.19
C LYS A 528 -20.61 12.98 3.33
N ASN A 529 -20.61 14.27 2.98
CA ASN A 529 -20.45 15.36 3.95
C ASN A 529 -19.14 15.28 4.71
N GLU A 530 -18.08 14.99 3.97
CA GLU A 530 -16.77 14.89 4.53
C GLU A 530 -15.84 15.76 3.72
N TRP A 531 -15.05 16.57 4.41
CA TRP A 531 -14.25 17.60 3.77
C TRP A 531 -12.80 17.54 4.20
N VAL A 532 -11.94 18.07 3.34
CA VAL A 532 -10.50 18.08 3.57
C VAL A 532 -10.11 19.22 4.52
N THR A 533 -10.83 20.35 4.41
CA THR A 533 -10.58 21.52 5.26
C THR A 533 -11.88 21.98 5.91
N GLU A 534 -11.81 23.12 6.61
CA GLU A 534 -12.98 23.73 7.24
C GLU A 534 -13.95 24.38 6.25
N TRP A 535 -13.50 24.61 5.02
CA TRP A 535 -14.33 25.24 3.99
C TRP A 535 -15.57 24.40 3.65
N ARG A 536 -16.71 25.08 3.54
CA ARG A 536 -17.96 24.47 3.12
C ARG A 536 -18.55 25.37 2.04
N PRO A 537 -19.23 24.80 1.03
CA PRO A 537 -20.01 25.61 0.09
C PRO A 537 -21.02 26.50 0.83
N LYS A 538 -21.31 27.68 0.26
CA LYS A 538 -22.20 28.65 0.90
C LYS A 538 -23.55 28.06 1.33
N TYR A 539 -24.11 27.19 0.48
CA TYR A 539 -25.44 26.62 0.68
C TYR A 539 -25.49 25.53 1.75
N GLU A 540 -24.34 25.10 2.25
CA GLU A 540 -24.31 24.05 3.27
C GLU A 540 -24.70 24.60 4.65
N PRO B 1 55.12 28.67 7.23
CA PRO B 1 54.41 27.40 7.42
C PRO B 1 53.91 26.84 6.09
N ILE B 2 53.75 25.52 6.03
CA ILE B 2 53.35 24.84 4.80
C ILE B 2 51.85 24.85 4.55
N TYR B 3 51.07 25.08 5.61
CA TYR B 3 49.60 25.18 5.49
C TYR B 3 49.07 26.48 6.05
N ASP B 4 48.02 26.99 5.41
CA ASP B 4 47.34 28.20 5.86
C ASP B 4 46.65 27.98 7.20
N LEU B 5 46.05 26.80 7.35
CA LEU B 5 45.16 26.53 8.46
C LEU B 5 45.22 25.07 8.90
N ILE B 6 45.29 24.87 10.21
CA ILE B 6 45.20 23.53 10.82
C ILE B 6 44.06 23.52 11.83
N ILE B 7 43.17 22.53 11.72
CA ILE B 7 42.12 22.32 12.72
C ILE B 7 42.42 21.09 13.58
N LYS B 8 42.64 21.32 14.87
CA LYS B 8 43.04 20.30 15.82
C LYS B 8 41.94 20.01 16.86
N ASN B 9 42.02 18.84 17.50
CA ASN B 9 41.13 18.45 18.62
C ASN B 9 39.65 18.31 18.24
N GLY B 10 39.36 18.11 16.96
CA GLY B 10 37.98 18.08 16.49
C GLY B 10 37.53 16.70 16.07
N ILE B 11 36.21 16.55 15.93
CA ILE B 11 35.61 15.31 15.46
C ILE B 11 35.01 15.55 14.08
N ILE B 12 35.60 14.92 13.07
CA ILE B 12 35.16 15.04 11.70
C ILE B 12 33.88 14.25 11.48
N CYS B 13 32.87 14.95 10.94
CA CYS B 13 31.60 14.33 10.53
CA CYS B 13 31.65 14.30 10.53
C CYS B 13 31.45 14.43 9.03
N THR B 14 31.25 13.30 8.38
CA THR B 14 30.94 13.28 6.95
C THR B 14 29.59 12.58 6.81
N ALA B 15 29.17 12.32 5.57
CA ALA B 15 27.86 11.73 5.32
C ALA B 15 27.83 10.26 5.67
N SER B 16 29.00 9.69 5.98
CA SER B 16 29.10 8.29 6.40
C SER B 16 30.06 7.97 7.53
N ASP B 17 30.85 8.94 7.99
CA ASP B 17 31.81 8.68 9.09
C ASP B 17 31.78 9.72 10.20
N ILE B 18 32.00 9.29 11.44
CA ILE B 18 32.23 10.21 12.55
C ILE B 18 33.49 9.73 13.26
N TYR B 19 34.50 10.61 13.37
CA TYR B 19 35.78 10.23 13.98
C TYR B 19 36.67 11.41 14.36
N ALA B 20 37.48 11.19 15.38
CA ALA B 20 38.44 12.19 15.83
C ALA B 20 39.66 12.17 14.91
N ALA B 21 39.93 13.32 14.29
CA ALA B 21 41.07 13.48 13.39
C ALA B 21 41.29 14.97 13.17
N GLU B 22 42.42 15.31 12.57
CA GLU B 22 42.80 16.70 12.35
C GLU B 22 42.90 17.03 10.86
N ILE B 23 42.69 18.29 10.52
CA ILE B 23 42.64 18.74 9.12
C ILE B 23 43.65 19.85 8.88
N ALA B 24 44.38 19.75 7.77
CA ALA B 24 45.21 20.82 7.28
C ALA B 24 44.67 21.37 5.96
N VAL B 25 44.67 22.70 5.87
CA VAL B 25 44.10 23.43 4.75
C VAL B 25 45.17 24.32 4.12
N ASN B 26 45.21 24.33 2.79
CA ASN B 26 46.08 25.24 2.06
C ASN B 26 45.58 25.56 0.67
N ASN B 27 45.78 26.82 0.27
CA ASN B 27 45.41 27.32 -1.07
C ASN B 27 43.94 27.09 -1.33
N GLY B 28 43.13 27.33 -0.30
CA GLY B 28 41.68 27.26 -0.39
C GLY B 28 41.06 25.87 -0.38
N LYS B 29 41.87 24.84 -0.11
CA LYS B 29 41.44 23.45 -0.20
C LYS B 29 41.86 22.62 1.01
N VAL B 30 41.10 21.54 1.25
CA VAL B 30 41.50 20.51 2.21
C VAL B 30 42.73 19.82 1.62
N GLN B 31 43.78 19.71 2.42
CA GLN B 31 45.04 19.11 2.00
C GLN B 31 45.31 17.74 2.60
N LEU B 32 44.85 17.54 3.83
CA LEU B 32 45.33 16.44 4.64
C LEU B 32 44.37 16.12 5.78
N ILE B 33 44.16 14.83 6.00
CA ILE B 33 43.55 14.32 7.22
C ILE B 33 44.55 13.35 7.88
N ALA B 34 44.81 13.59 9.17
CA ALA B 34 45.74 12.78 9.96
C ALA B 34 45.35 12.82 11.44
N ALA B 35 45.84 11.84 12.21
CA ALA B 35 45.58 11.76 13.66
C ALA B 35 45.97 13.04 14.40
N SER B 36 47.17 13.52 14.10
CA SER B 36 47.77 14.65 14.78
C SER B 36 48.65 15.41 13.80
N ILE B 37 48.39 16.71 13.64
CA ILE B 37 49.19 17.56 12.77
C ILE B 37 49.99 18.56 13.60
N ASP B 38 51.31 18.57 13.41
CA ASP B 38 52.19 19.51 14.11
C ASP B 38 51.73 20.96 13.91
N PRO B 39 51.35 21.64 15.02
CA PRO B 39 50.84 23.02 14.91
C PRO B 39 51.84 24.02 14.32
N SER B 40 53.13 23.72 14.38
CA SER B 40 54.15 24.57 13.76
C SER B 40 54.08 24.61 12.23
N LEU B 41 53.37 23.64 11.64
CA LEU B 41 53.23 23.54 10.19
C LEU B 41 52.15 24.46 9.60
N GLY B 42 51.36 25.10 10.47
CA GLY B 42 50.25 25.96 10.05
C GLY B 42 50.44 27.42 10.41
N SER B 43 49.91 28.29 9.55
CA SER B 43 49.93 29.75 9.81
C SER B 43 48.92 30.10 10.90
N GLU B 44 47.76 29.45 10.81
CA GLU B 44 46.70 29.60 11.79
C GLU B 44 46.33 28.22 12.29
N VAL B 45 46.12 28.12 13.60
CA VAL B 45 45.72 26.87 14.24
C VAL B 45 44.44 27.09 15.04
N ILE B 46 43.42 26.28 14.76
CA ILE B 46 42.16 26.29 15.49
C ILE B 46 42.03 25.04 16.34
N ASP B 47 41.87 25.24 17.65
CA ASP B 47 41.53 24.19 18.59
C ASP B 47 40.00 24.05 18.64
N ALA B 48 39.51 22.93 18.09
CA ALA B 48 38.08 22.66 18.02
C ALA B 48 37.46 22.31 19.37
N GLU B 49 38.30 21.96 20.34
CA GLU B 49 37.89 21.64 21.72
C GLU B 49 36.88 20.50 21.81
N GLY B 50 37.06 19.49 20.96
CA GLY B 50 36.21 18.31 20.99
C GLY B 50 34.93 18.42 20.19
N ALA B 51 34.71 19.58 19.56
CA ALA B 51 33.48 19.83 18.79
C ALA B 51 33.49 19.11 17.44
N PHE B 52 32.31 18.98 16.82
CA PHE B 52 32.20 18.45 15.48
C PHE B 52 32.74 19.43 14.44
N ILE B 53 33.36 18.88 13.40
CA ILE B 53 33.66 19.63 12.19
C ILE B 53 32.81 19.02 11.05
N THR B 54 31.96 19.84 10.44
CA THR B 54 31.18 19.38 9.31
C THR B 54 31.67 20.09 8.07
N PRO B 55 31.35 19.55 6.86
CA PRO B 55 31.50 20.38 5.68
C PRO B 55 30.56 21.56 5.83
N GLY B 56 30.83 22.66 5.15
CA GLY B 56 29.86 23.76 5.12
C GLY B 56 28.55 23.29 4.49
N GLY B 57 27.44 23.84 4.96
CA GLY B 57 26.14 23.58 4.35
C GLY B 57 26.06 24.05 2.90
N ILE B 58 25.24 23.34 2.12
CA ILE B 58 24.96 23.73 0.74
C ILE B 58 23.45 23.88 0.62
N ASP B 59 23.01 25.13 0.49
CA ASP B 59 21.58 25.44 0.36
C ASP B 59 21.25 25.70 -1.09
N ALA B 60 20.59 24.73 -1.70
CA ALA B 60 20.30 24.79 -3.13
C ALA B 60 18.92 25.40 -3.44
N HIS B 61 18.31 26.06 -2.46
CA HIS B 61 17.02 26.69 -2.67
C HIS B 61 16.96 28.04 -1.95
N VAL B 62 17.61 29.02 -2.56
CA VAL B 62 17.71 30.37 -2.01
C VAL B 62 17.19 31.37 -3.05
N HIS B 63 16.34 32.31 -2.62
CA HIS B 63 15.84 33.37 -3.49
C HIS B 63 16.45 34.71 -3.12
N VAL B 64 17.06 35.32 -4.14
CA VAL B 64 17.79 36.56 -4.00
C VAL B 64 17.15 37.59 -4.93
N ASP B 65 17.37 38.88 -4.66
CA ASP B 65 16.88 39.92 -5.55
C ASP B 65 17.55 39.81 -6.91
N GLU B 66 16.75 39.83 -7.97
CA GLU B 66 17.26 39.66 -9.32
C GLU B 66 16.66 40.70 -10.28
N PRO B 67 17.37 41.03 -11.38
CA PRO B 67 16.98 42.14 -12.27
C PRO B 67 15.56 42.04 -12.87
N LEU B 68 15.06 40.84 -13.12
CA LEU B 68 13.73 40.69 -13.73
C LEU B 68 12.58 40.73 -12.74
N LYS B 69 12.90 40.71 -11.43
CA LYS B 69 11.90 40.89 -10.36
C LYS B 69 10.77 39.87 -10.39
N LEU B 70 11.11 38.59 -10.59
CA LEU B 70 10.11 37.54 -10.75
C LEU B 70 9.17 37.45 -9.53
N LEU B 71 9.77 37.56 -8.35
CA LEU B 71 9.03 37.49 -7.09
C LEU B 71 8.86 38.89 -6.49
N GLY B 72 8.68 39.87 -7.38
CA GLY B 72 8.76 41.28 -7.00
C GLY B 72 10.13 41.63 -6.46
N ASP B 73 10.19 42.67 -5.63
CA ASP B 73 11.42 43.03 -4.94
C ASP B 73 11.65 42.16 -3.71
N VAL B 74 12.83 41.53 -3.65
CA VAL B 74 13.28 40.71 -2.52
C VAL B 74 14.31 41.53 -1.73
N VAL B 75 14.31 41.45 -0.40
CA VAL B 75 15.17 42.34 0.40
C VAL B 75 16.66 41.97 0.35
N ASP B 76 16.95 40.68 0.19
CA ASP B 76 18.35 40.24 0.16
C ASP B 76 18.92 40.27 -1.25
N THR B 77 20.11 40.84 -1.36
CA THR B 77 20.95 40.69 -2.54
C THR B 77 21.75 39.40 -2.37
N MET B 78 22.57 39.07 -3.36
CA MET B 78 23.47 37.92 -3.21
C MET B 78 24.46 38.21 -2.07
N GLU B 79 24.91 39.46 -1.97
CA GLU B 79 25.73 39.91 -0.85
C GLU B 79 25.10 39.59 0.51
N HIS B 80 23.85 40.03 0.71
CA HIS B 80 23.15 39.81 1.98
C HIS B 80 22.91 38.34 2.26
N ALA B 81 22.53 37.59 1.23
CA ALA B 81 22.19 36.17 1.38
C ALA B 81 23.38 35.30 1.71
N THR B 82 24.54 35.61 1.11
CA THR B 82 25.76 34.85 1.38
C THR B 82 26.36 35.22 2.75
N ARG B 83 26.22 36.48 3.15
CA ARG B 83 26.60 36.90 4.51
C ARG B 83 25.80 36.11 5.56
N SER B 84 24.49 36.01 5.33
CA SER B 84 23.57 35.33 6.22
C SER B 84 23.84 33.82 6.24
N ALA B 85 24.04 33.24 5.05
CA ALA B 85 24.43 31.83 4.91
C ALA B 85 25.65 31.47 5.77
N VAL B 86 26.72 32.24 5.63
CA VAL B 86 27.97 32.00 6.33
C VAL B 86 27.85 32.18 7.85
N ALA B 87 27.03 33.15 8.29
CA ALA B 87 26.73 33.31 9.72
C ALA B 87 26.04 32.07 10.32
N GLY B 88 25.41 31.27 9.47
CA GLY B 88 24.73 30.04 9.92
C GLY B 88 25.33 28.75 9.38
N GLY B 89 26.58 28.82 8.91
CA GLY B 89 27.32 27.63 8.53
C GLY B 89 27.05 27.05 7.14
N THR B 90 26.39 27.82 6.29
CA THR B 90 26.19 27.43 4.91
C THR B 90 27.27 28.15 4.07
N THR B 91 27.95 27.39 3.20
CA THR B 91 29.11 27.92 2.49
C THR B 91 28.91 27.95 0.96
N THR B 92 27.78 27.43 0.49
CA THR B 92 27.41 27.50 -0.92
C THR B 92 25.90 27.68 -1.01
N VAL B 93 25.47 28.70 -1.74
CA VAL B 93 24.05 28.84 -2.07
C VAL B 93 23.79 28.69 -3.56
N VAL B 94 22.64 28.13 -3.90
CA VAL B 94 22.21 28.09 -5.29
C VAL B 94 20.87 28.82 -5.39
N ALA B 95 20.90 29.95 -6.08
CA ALA B 95 19.69 30.73 -6.32
C ALA B 95 19.16 30.46 -7.73
N PHE B 96 18.35 31.39 -8.23
CA PHE B 96 17.54 31.15 -9.41
C PHE B 96 17.68 32.25 -10.46
N SER B 97 17.84 31.81 -11.70
CA SER B 97 17.89 32.69 -12.85
C SER B 97 16.53 32.69 -13.57
N THR B 98 15.91 33.86 -13.65
CA THR B 98 14.59 34.00 -14.28
C THR B 98 14.74 34.04 -15.79
N GLN B 99 14.04 33.13 -16.47
CA GLN B 99 13.96 33.15 -17.93
C GLN B 99 13.56 34.55 -18.44
N ASP B 100 14.36 35.09 -19.34
CA ASP B 100 14.08 36.38 -19.93
C ASP B 100 13.36 36.17 -21.26
N VAL B 101 12.03 36.28 -21.26
CA VAL B 101 11.22 36.04 -22.46
C VAL B 101 11.46 37.06 -23.58
N SER B 102 12.18 38.14 -23.24
CA SER B 102 12.59 39.12 -24.23
C SER B 102 13.78 38.63 -25.05
N LYS B 103 14.67 37.85 -24.43
CA LYS B 103 15.84 37.27 -25.13
C LYS B 103 15.41 36.14 -26.06
N LYS B 104 16.13 36.00 -27.17
CA LYS B 104 15.66 35.17 -28.31
C LYS B 104 16.73 34.28 -28.91
N GLY B 105 16.32 33.17 -29.52
CA GLY B 105 17.25 32.30 -30.23
C GLY B 105 18.05 31.39 -29.31
N PRO B 106 19.08 30.71 -29.85
CA PRO B 106 19.90 29.72 -29.16
C PRO B 106 20.51 30.21 -27.85
N SER B 107 20.82 31.50 -27.77
CA SER B 107 21.46 32.07 -26.58
C SER B 107 20.48 32.61 -25.53
N ALA B 108 19.17 32.44 -25.76
CA ALA B 108 18.13 33.07 -24.93
C ALA B 108 18.23 32.76 -23.43
N LEU B 109 18.62 31.54 -23.11
CA LEU B 109 18.69 31.10 -21.72
C LEU B 109 20.04 31.42 -21.06
N ALA B 110 21.11 31.35 -21.83
CA ALA B 110 22.42 31.75 -21.34
C ALA B 110 22.40 33.24 -21.01
N GLU B 111 21.70 34.01 -21.85
CA GLU B 111 21.53 35.44 -21.65
C GLU B 111 20.70 35.78 -20.41
N SER B 112 19.78 34.89 -20.04
CA SER B 112 19.01 35.00 -18.81
C SER B 112 19.90 34.86 -17.56
N VAL B 113 20.87 33.95 -17.64
CA VAL B 113 21.83 33.71 -16.57
C VAL B 113 22.81 34.87 -16.48
N LYS B 114 23.21 35.40 -17.64
CA LYS B 114 24.14 36.51 -17.71
C LYS B 114 23.69 37.70 -16.87
N LEU B 115 22.39 38.01 -16.88
CA LEU B 115 21.86 39.14 -16.12
C LEU B 115 22.18 39.06 -14.63
N ASP B 116 22.09 37.84 -14.08
CA ASP B 116 22.32 37.59 -12.66
C ASP B 116 23.81 37.60 -12.33
N VAL B 117 24.60 36.90 -13.13
CA VAL B 117 26.05 36.82 -12.90
C VAL B 117 26.66 38.23 -12.95
N ASP B 118 26.27 39.01 -13.95
CA ASP B 118 26.75 40.37 -14.11
C ASP B 118 26.36 41.26 -12.93
N GLU B 119 25.12 41.12 -12.47
CA GLU B 119 24.65 41.92 -11.34
C GLU B 119 25.42 41.60 -10.06
N TYR B 120 25.61 40.31 -9.80
CA TYR B 120 26.23 39.86 -8.56
C TYR B 120 27.75 40.00 -8.54
N SER B 121 28.37 40.08 -9.73
CA SER B 121 29.82 40.19 -9.82
C SER B 121 30.28 41.53 -9.23
N GLU B 122 29.31 42.40 -9.00
CA GLU B 122 29.53 43.75 -8.51
C GLU B 122 29.35 43.86 -7.00
N GLN B 123 28.87 42.79 -6.39
CA GLN B 123 28.58 42.77 -4.95
C GLN B 123 29.68 42.03 -4.19
N THR B 124 29.80 42.31 -2.90
CA THR B 124 30.71 41.55 -2.05
C THR B 124 30.06 40.20 -1.76
N LEU B 125 30.74 39.13 -2.15
CA LEU B 125 30.23 37.78 -1.92
C LEU B 125 31.00 37.03 -0.86
N TYR B 126 30.28 36.55 0.15
CA TYR B 126 30.87 35.92 1.32
C TYR B 126 31.14 34.43 1.11
N CYS B 127 30.40 33.83 0.20
CA CYS B 127 30.64 32.46 -0.21
C CYS B 127 30.25 32.27 -1.68
N ASP B 128 30.56 31.10 -2.22
CA ASP B 128 30.24 30.77 -3.62
C ASP B 128 28.74 30.62 -3.84
N TYR B 129 28.31 30.92 -5.08
CA TYR B 129 26.92 30.72 -5.49
C TYR B 129 26.81 30.11 -6.88
N GLY B 130 25.83 29.24 -7.05
CA GLY B 130 25.44 28.74 -8.37
C GLY B 130 24.03 29.20 -8.67
N LEU B 131 23.56 28.88 -9.88
CA LEU B 131 22.22 29.30 -10.30
C LEU B 131 21.45 28.19 -10.97
N HIS B 132 20.20 28.01 -10.53
CA HIS B 132 19.22 27.22 -11.27
C HIS B 132 18.56 28.14 -12.28
N LEU B 133 18.05 27.55 -13.35
CA LEU B 133 17.28 28.31 -14.31
C LEU B 133 15.80 28.04 -14.10
N ILE B 134 14.99 29.10 -14.05
CA ILE B 134 13.53 28.95 -14.00
C ILE B 134 12.94 29.07 -15.41
N LEU B 135 12.12 28.09 -15.80
CA LEU B 135 11.41 28.12 -17.08
C LEU B 135 9.88 28.24 -16.91
N PHE B 136 9.30 29.27 -17.52
CA PHE B 136 7.85 29.45 -17.49
C PHE B 136 7.20 29.64 -18.87
N GLN B 137 8.02 29.86 -19.90
CA GLN B 137 7.52 30.03 -21.26
C GLN B 137 8.15 28.97 -22.16
N ILE B 138 7.32 28.02 -22.58
CA ILE B 138 7.77 26.87 -23.39
C ILE B 138 7.08 26.92 -24.75
N GLU B 139 7.86 26.81 -25.82
CA GLU B 139 7.33 26.90 -27.19
C GLU B 139 6.51 25.67 -27.55
N LYS B 140 5.48 25.88 -28.38
CA LYS B 140 4.56 24.83 -28.82
C LYS B 140 4.35 24.96 -30.32
N PRO B 141 4.09 23.85 -31.05
CA PRO B 141 4.12 22.45 -30.65
C PRO B 141 5.50 21.97 -30.20
N SER B 142 5.53 20.80 -29.57
CA SER B 142 6.74 20.26 -28.96
C SER B 142 7.84 19.91 -29.97
N VAL B 143 7.47 19.16 -31.02
CA VAL B 143 8.45 18.63 -31.95
C VAL B 143 9.21 19.75 -32.68
N GLU B 144 8.46 20.66 -33.33
CA GLU B 144 9.03 21.86 -33.93
C GLU B 144 10.01 22.53 -32.99
N ALA B 145 9.56 22.77 -31.76
CA ALA B 145 10.33 23.50 -30.74
C ALA B 145 11.56 22.76 -30.20
N ARG B 146 11.60 21.44 -30.43
CA ARG B 146 12.63 20.57 -29.86
C ARG B 146 14.06 21.11 -30.01
N GLU B 147 14.47 21.33 -31.26
CA GLU B 147 15.86 21.67 -31.57
C GLU B 147 16.39 22.91 -30.85
N LEU B 148 15.55 23.95 -30.75
CA LEU B 148 15.92 25.18 -30.04
C LEU B 148 16.03 25.00 -28.51
N LEU B 149 15.05 24.36 -27.88
CA LEU B 149 15.08 24.17 -26.41
C LEU B 149 16.28 23.32 -25.95
N ASP B 150 16.60 22.33 -26.78
CA ASP B 150 17.80 21.53 -26.64
C ASP B 150 19.04 22.44 -26.71
N VAL B 151 19.15 23.13 -27.83
CA VAL B 151 20.24 24.05 -28.10
C VAL B 151 20.39 25.18 -27.06
N GLN B 152 19.26 25.66 -26.53
CA GLN B 152 19.26 26.70 -25.50
C GLN B 152 19.79 26.20 -24.16
N LEU B 153 19.50 24.95 -23.82
CA LEU B 153 20.05 24.34 -22.59
C LEU B 153 21.56 24.10 -22.73
N GLN B 154 21.97 23.62 -23.90
CA GLN B 154 23.36 23.43 -24.23
C GLN B 154 24.14 24.72 -24.03
N ALA B 155 23.61 25.82 -24.55
CA ALA B 155 24.24 27.14 -24.40
C ALA B 155 24.32 27.58 -22.95
N ALA B 156 23.23 27.39 -22.20
CA ALA B 156 23.21 27.74 -20.77
C ALA B 156 24.27 26.96 -20.00
N TYR B 157 24.36 25.66 -20.30
CA TYR B 157 25.39 24.82 -19.68
C TYR B 157 26.80 25.21 -20.13
N ASN B 158 27.00 25.36 -21.45
CA ASN B 158 28.32 25.62 -22.00
C ASN B 158 28.88 26.97 -21.54
N ASP B 159 28.03 28.00 -21.56
CA ASP B 159 28.43 29.36 -21.19
C ASP B 159 28.58 29.55 -19.68
N TYR B 160 27.64 28.98 -18.91
CA TYR B 160 27.53 29.32 -17.47
C TYR B 160 27.50 28.14 -16.50
N GLY B 161 27.59 26.91 -17.00
CA GLY B 161 27.59 25.75 -16.13
C GLY B 161 26.31 25.63 -15.33
N VAL B 162 25.20 26.01 -15.96
CA VAL B 162 23.88 25.76 -15.38
C VAL B 162 23.43 24.40 -15.89
N SER B 163 23.11 23.51 -14.94
CA SER B 163 22.72 22.14 -15.28
C SER B 163 21.44 21.73 -14.57
N SER B 164 20.70 22.70 -14.06
CA SER B 164 19.39 22.43 -13.46
C SER B 164 18.34 23.41 -13.97
N VAL B 165 17.11 22.90 -14.08
CA VAL B 165 15.98 23.69 -14.55
C VAL B 165 14.83 23.53 -13.57
N KCX B 166 14.25 24.67 -13.16
CA KCX B 166 13.11 24.70 -12.26
CB KCX B 166 13.37 25.74 -11.16
CG KCX B 166 12.19 26.08 -10.24
CD KCX B 166 12.01 25.08 -9.13
CE KCX B 166 10.85 25.44 -8.20
NZ KCX B 166 11.19 26.58 -7.28
C KCX B 166 11.81 25.01 -13.01
O KCX B 166 11.79 25.88 -13.90
N MET B 167 10.75 24.30 -12.69
CA MET B 167 9.43 24.57 -13.26
C MET B 167 8.34 24.53 -12.19
N PHE B 168 7.23 25.23 -12.47
CA PHE B 168 6.10 25.36 -11.54
C PHE B 168 4.82 24.72 -12.10
N MET B 169 4.05 24.10 -11.22
CA MET B 169 2.75 23.53 -11.58
C MET B 169 1.64 24.39 -10.98
N THR B 170 2.05 25.46 -10.28
CA THR B 170 1.13 26.46 -9.70
C THR B 170 1.69 27.89 -9.90
N TYR B 171 0.91 28.89 -9.50
CA TYR B 171 1.28 30.33 -9.64
C TYR B 171 0.91 30.91 -11.01
N PRO B 172 0.02 31.92 -11.03
CA PRO B 172 -0.32 32.56 -12.29
C PRO B 172 0.93 33.15 -12.97
N GLY B 173 1.16 32.80 -14.22
CA GLY B 173 2.32 33.30 -14.96
C GLY B 173 3.53 32.39 -14.85
N LEU B 174 3.51 31.48 -13.89
CA LEU B 174 4.59 30.49 -13.73
C LEU B 174 4.12 29.08 -14.05
N GLN B 175 2.91 28.73 -13.60
CA GLN B 175 2.29 27.44 -13.89
C GLN B 175 2.41 27.07 -15.38
N ILE B 176 2.92 25.87 -15.65
CA ILE B 176 2.94 25.37 -17.01
C ILE B 176 2.17 24.05 -17.11
N SER B 177 1.59 23.79 -18.29
CA SER B 177 0.85 22.57 -18.56
C SER B 177 1.74 21.33 -18.52
N ASP B 178 1.11 20.17 -18.32
CA ASP B 178 1.77 18.87 -18.39
C ASP B 178 2.47 18.67 -19.73
N TYR B 179 1.80 19.13 -20.79
CA TYR B 179 2.34 19.09 -22.16
C TYR B 179 3.69 19.80 -22.25
N ASP B 180 3.75 21.01 -21.69
CA ASP B 180 4.98 21.80 -21.67
C ASP B 180 6.07 21.21 -20.77
N ILE B 181 5.64 20.59 -19.67
CA ILE B 181 6.59 19.90 -18.78
C ILE B 181 7.27 18.75 -19.52
N MET B 182 6.49 18.00 -20.29
CA MET B 182 7.01 16.92 -21.11
C MET B 182 8.03 17.42 -22.12
N SER B 183 7.71 18.53 -22.79
CA SER B 183 8.64 19.18 -23.73
C SER B 183 9.97 19.53 -23.06
N ALA B 184 9.90 20.11 -21.86
CA ALA B 184 11.08 20.47 -21.08
C ALA B 184 11.87 19.23 -20.65
N MET B 185 11.15 18.24 -20.13
CA MET B 185 11.74 16.97 -19.73
C MET B 185 12.47 16.24 -20.86
N TYR B 186 11.94 16.35 -22.08
CA TYR B 186 12.59 15.80 -23.26
C TYR B 186 13.98 16.43 -23.42
N ALA B 187 14.04 17.74 -23.21
CA ALA B 187 15.28 18.51 -23.35
C ALA B 187 16.26 18.26 -22.20
N THR B 188 15.74 18.20 -20.98
CA THR B 188 16.59 18.06 -19.79
C THR B 188 17.24 16.68 -19.69
N ARG B 189 16.48 15.64 -20.03
CA ARG B 189 16.99 14.27 -20.03
C ARG B 189 18.09 14.11 -21.06
N LYS B 190 17.85 14.64 -22.26
CA LYS B 190 18.82 14.61 -23.35
C LYS B 190 20.11 15.30 -22.93
N ASN B 191 19.99 16.33 -22.10
CA ASN B 191 21.14 17.10 -21.66
C ASN B 191 21.66 16.77 -20.26
N GLY B 192 21.09 15.77 -19.61
CA GLY B 192 21.56 15.33 -18.29
C GLY B 192 21.39 16.38 -17.20
N PHE B 193 20.40 17.26 -17.38
CA PHE B 193 20.05 18.30 -16.40
C PHE B 193 19.33 17.71 -15.20
N THR B 194 19.39 18.43 -14.09
CA THR B 194 18.58 18.13 -12.93
C THR B 194 17.27 18.87 -13.10
N THR B 195 16.18 18.13 -13.18
CA THR B 195 14.85 18.70 -13.39
C THR B 195 14.14 18.89 -12.06
N MET B 196 13.73 20.12 -11.78
CA MET B 196 13.11 20.46 -10.51
C MET B 196 11.67 20.90 -10.71
N LEU B 197 10.79 20.47 -9.81
CA LEU B 197 9.38 20.85 -9.87
C LEU B 197 8.80 21.30 -8.54
N HIS B 198 8.07 22.41 -8.61
CA HIS B 198 7.21 22.86 -7.54
C HIS B 198 5.83 22.23 -7.84
N ALA B 199 5.53 21.15 -7.14
CA ALA B 199 4.33 20.36 -7.44
C ALA B 199 3.13 20.67 -6.51
N GLU B 200 2.37 21.69 -6.88
CA GLU B 200 1.04 21.93 -6.30
C GLU B 200 0.11 22.12 -7.49
N ASN B 201 -1.11 21.62 -7.39
CA ASN B 201 -2.10 21.81 -8.43
C ASN B 201 -2.62 23.26 -8.47
N GLY B 202 -2.13 24.04 -9.44
CA GLY B 202 -2.47 25.46 -9.56
C GLY B 202 -3.94 25.73 -9.76
N ASP B 203 -4.62 24.87 -10.53
CA ASP B 203 -6.05 24.97 -10.79
C ASP B 203 -6.87 24.86 -9.52
N MET B 204 -6.52 23.90 -8.67
CA MET B 204 -7.19 23.70 -7.38
C MET B 204 -6.91 24.86 -6.43
N VAL B 205 -5.67 25.33 -6.42
CA VAL B 205 -5.27 26.48 -5.60
C VAL B 205 -6.06 27.73 -6.03
N LYS B 206 -6.08 27.99 -7.33
CA LYS B 206 -6.80 29.14 -7.88
C LYS B 206 -8.29 29.08 -7.55
N TRP B 207 -8.93 27.94 -7.82
CA TRP B 207 -10.36 27.77 -7.58
C TRP B 207 -10.72 28.01 -6.11
N MET B 208 -9.94 27.42 -5.22
CA MET B 208 -10.18 27.48 -3.78
C MET B 208 -9.90 28.85 -3.17
N ILE B 209 -8.92 29.57 -3.72
CA ILE B 209 -8.67 30.97 -3.33
C ILE B 209 -9.93 31.83 -3.61
N GLU B 210 -10.46 31.71 -4.82
CA GLU B 210 -11.67 32.44 -5.21
C GLU B 210 -12.88 32.09 -4.34
N ALA B 211 -13.03 30.81 -4.01
CA ALA B 211 -14.12 30.33 -3.15
C ALA B 211 -14.06 30.94 -1.75
N LEU B 212 -12.85 31.04 -1.20
CA LEU B 212 -12.64 31.59 0.16
C LEU B 212 -12.87 33.09 0.19
N GLU B 213 -12.34 33.79 -0.81
CA GLU B 213 -12.53 35.23 -0.97
C GLU B 213 -14.02 35.58 -1.09
N GLU B 214 -14.77 34.77 -1.81
CA GLU B 214 -16.22 34.92 -1.95
C GLU B 214 -16.94 34.87 -0.59
N GLN B 215 -16.37 34.13 0.36
CA GLN B 215 -16.92 34.05 1.72
C GLN B 215 -16.25 35.06 2.66
N GLY B 216 -15.37 35.88 2.12
CA GLY B 216 -14.64 36.89 2.91
C GLY B 216 -13.57 36.31 3.81
N LEU B 217 -13.14 35.08 3.53
CA LEU B 217 -12.13 34.41 4.35
C LEU B 217 -10.75 34.68 3.76
N THR B 218 -10.24 35.86 4.07
CA THR B 218 -9.06 36.42 3.40
C THR B 218 -7.84 36.64 4.32
N ASP B 219 -8.00 36.35 5.61
CA ASP B 219 -6.90 36.45 6.57
C ASP B 219 -5.79 35.46 6.23
N ALA B 220 -4.57 35.74 6.70
CA ALA B 220 -3.37 34.97 6.36
C ALA B 220 -3.53 33.46 6.56
N TYR B 221 -4.29 33.08 7.60
CA TYR B 221 -4.54 31.68 7.95
C TYR B 221 -5.16 30.85 6.81
N TYR B 222 -5.96 31.51 5.98
CA TYR B 222 -6.70 30.82 4.93
C TYR B 222 -5.83 30.51 3.72
N HIS B 223 -4.58 30.98 3.75
CA HIS B 223 -3.60 30.62 2.75
C HIS B 223 -3.41 29.10 2.73
N GLY B 224 -3.30 28.50 3.92
CA GLY B 224 -3.17 27.05 4.09
C GLY B 224 -4.43 26.32 3.70
N VAL B 225 -5.57 26.88 4.12
CA VAL B 225 -6.90 26.33 3.83
C VAL B 225 -7.16 26.25 2.32
N SER B 226 -6.63 27.22 1.57
CA SER B 226 -6.78 27.29 0.12
C SER B 226 -6.08 26.16 -0.64
N ARG B 227 -5.16 25.47 0.02
CA ARG B 227 -4.32 24.47 -0.65
C ARG B 227 -3.85 23.39 0.33
N PRO B 228 -4.77 22.50 0.76
CA PRO B 228 -4.42 21.38 1.64
C PRO B 228 -3.43 20.39 1.02
N SER B 229 -2.86 19.53 1.85
CA SER B 229 -1.78 18.63 1.46
C SER B 229 -2.09 17.76 0.25
N ILE B 230 -3.37 17.46 0.08
CA ILE B 230 -3.86 16.60 -1.01
C ILE B 230 -3.57 17.23 -2.39
N VAL B 231 -3.57 18.56 -2.43
CA VAL B 231 -3.25 19.34 -3.62
C VAL B 231 -1.81 19.13 -4.04
N GLU B 232 -0.90 19.22 -3.06
CA GLU B 232 0.51 18.92 -3.28
C GLU B 232 0.74 17.43 -3.63
N GLY B 233 0.01 16.55 -2.95
CA GLY B 233 0.03 15.11 -3.24
C GLY B 233 -0.33 14.79 -4.69
N GLU B 234 -1.44 15.36 -5.16
CA GLU B 234 -1.90 15.17 -6.52
C GLU B 234 -0.85 15.58 -7.55
N ALA B 235 -0.34 16.81 -7.43
CA ALA B 235 0.58 17.36 -8.42
C ALA B 235 1.88 16.55 -8.46
N THR B 236 2.35 16.16 -7.28
CA THR B 236 3.52 15.30 -7.16
C THR B 236 3.30 13.97 -7.87
N ASN B 237 2.14 13.36 -7.64
CA ASN B 237 1.81 12.12 -8.31
C ASN B 237 1.84 12.31 -9.82
N ARG B 238 1.19 13.38 -10.28
CA ARG B 238 1.11 13.70 -11.71
C ARG B 238 2.51 13.89 -12.30
N ALA B 239 3.37 14.59 -11.55
CA ALA B 239 4.75 14.89 -11.99
C ALA B 239 5.62 13.64 -12.07
N ILE B 240 5.46 12.71 -11.12
CA ILE B 240 6.14 11.42 -11.18
C ILE B 240 5.71 10.65 -12.43
N THR B 241 4.42 10.68 -12.74
CA THR B 241 3.87 10.01 -13.92
C THR B 241 4.47 10.57 -15.22
N LEU B 242 4.61 11.89 -15.28
CA LEU B 242 5.28 12.53 -16.39
C LEU B 242 6.73 12.05 -16.51
N ALA B 243 7.45 12.10 -15.38
CA ALA B 243 8.87 11.74 -15.32
C ALA B 243 9.12 10.29 -15.70
N THR B 244 8.19 9.43 -15.30
CA THR B 244 8.22 8.01 -15.66
C THR B 244 8.03 7.83 -17.18
N THR B 245 6.95 8.39 -17.71
CA THR B 245 6.70 8.36 -19.15
C THR B 245 7.91 8.90 -19.93
N MET B 246 8.55 9.93 -19.38
CA MET B 246 9.66 10.59 -20.06
C MET B 246 11.04 10.05 -19.67
N ASP B 247 11.09 9.08 -18.75
CA ASP B 247 12.35 8.52 -18.22
C ASP B 247 13.31 9.61 -17.74
N THR B 248 12.78 10.59 -17.01
CA THR B 248 13.56 11.74 -16.62
C THR B 248 13.73 11.83 -15.11
N PRO B 249 15.00 11.83 -14.64
CA PRO B 249 15.28 12.12 -13.23
C PRO B 249 14.59 13.40 -12.81
N ILE B 250 13.94 13.39 -11.66
CA ILE B 250 13.14 14.53 -11.23
C ILE B 250 13.32 14.77 -9.73
N LEU B 251 13.42 16.05 -9.35
CA LEU B 251 13.54 16.45 -7.94
C LEU B 251 12.39 17.37 -7.55
N PHE B 252 11.68 17.03 -6.48
CA PHE B 252 10.63 17.89 -5.95
C PHE B 252 11.16 18.80 -4.90
N VAL B 253 10.95 20.10 -5.09
CA VAL B 253 11.41 21.11 -4.15
C VAL B 253 10.40 21.28 -3.03
N HIS B 254 10.90 21.82 -1.90
CA HIS B 254 10.13 22.11 -0.70
C HIS B 254 8.88 21.25 -0.50
N VAL B 255 9.09 19.94 -0.33
CA VAL B 255 8.01 19.00 -0.06
C VAL B 255 7.49 19.16 1.39
N SER B 256 6.17 19.22 1.54
CA SER B 256 5.55 19.43 2.87
C SER B 256 4.37 18.53 3.13
N SER B 257 3.96 17.76 2.11
CA SER B 257 2.73 16.97 2.19
C SER B 257 3.02 15.48 2.42
N PRO B 258 2.35 14.88 3.44
CA PRO B 258 2.44 13.42 3.65
C PRO B 258 2.11 12.62 2.38
N GLN B 259 1.07 13.04 1.65
CA GLN B 259 0.62 12.36 0.43
C GLN B 259 1.66 12.44 -0.67
N ALA B 260 2.34 13.59 -0.74
CA ALA B 260 3.44 13.79 -1.68
C ALA B 260 4.64 12.90 -1.30
N ALA B 261 4.98 12.91 -0.01
CA ALA B 261 6.03 12.07 0.50
C ALA B 261 5.75 10.57 0.23
N GLU B 262 4.49 10.16 0.33
CA GLU B 262 4.07 8.78 0.08
C GLU B 262 4.30 8.33 -1.36
N VAL B 263 3.91 9.15 -2.33
CA VAL B 263 4.09 8.76 -3.73
C VAL B 263 5.56 8.86 -4.14
N ILE B 264 6.28 9.80 -3.54
CA ILE B 264 7.73 9.91 -3.72
C ILE B 264 8.41 8.62 -3.25
N LYS B 265 8.12 8.23 -2.00
CA LYS B 265 8.64 6.98 -1.43
C LYS B 265 8.39 5.77 -2.32
N GLN B 266 7.16 5.61 -2.79
CA GLN B 266 6.79 4.48 -3.67
C GLN B 266 7.61 4.45 -4.96
N ALA B 267 7.87 5.63 -5.51
CA ALA B 267 8.67 5.77 -6.72
C ALA B 267 10.10 5.35 -6.46
N GLN B 268 10.64 5.78 -5.32
CA GLN B 268 12.00 5.45 -4.91
C GLN B 268 12.19 3.95 -4.69
N THR B 269 11.19 3.33 -4.06
CA THR B 269 11.19 1.88 -3.84
C THR B 269 11.22 1.11 -5.17
N LYS B 270 10.52 1.65 -6.19
CA LYS B 270 10.52 1.04 -7.53
C LYS B 270 11.87 1.24 -8.21
N GLY B 271 12.67 2.16 -7.70
CA GLY B 271 13.99 2.40 -8.27
C GLY B 271 14.02 3.57 -9.26
N LEU B 272 12.88 4.23 -9.41
CA LEU B 272 12.80 5.39 -10.27
C LEU B 272 13.67 6.50 -9.67
N LYS B 273 14.29 7.30 -10.53
CA LYS B 273 15.13 8.38 -10.07
C LYS B 273 14.29 9.59 -9.69
N VAL B 274 13.74 9.53 -8.48
CA VAL B 274 12.91 10.60 -7.95
C VAL B 274 13.55 11.07 -6.67
N TYR B 275 14.03 12.31 -6.69
CA TYR B 275 14.64 12.91 -5.51
C TYR B 275 13.70 13.97 -4.93
N ALA B 276 13.95 14.36 -3.69
CA ALA B 276 13.08 15.33 -3.02
C ALA B 276 13.85 16.19 -2.02
N GLU B 277 13.35 17.40 -1.85
CA GLU B 277 13.89 18.35 -0.89
C GLU B 277 12.78 18.74 0.07
N THR B 278 13.09 18.84 1.35
CA THR B 278 12.20 19.48 2.30
C THR B 278 12.93 20.63 2.98
N CYS B 279 12.24 21.32 3.90
CA CYS B 279 12.76 22.53 4.52
C CYS B 279 12.46 22.53 6.01
N PRO B 280 13.36 23.14 6.82
CA PRO B 280 13.19 23.16 8.28
C PRO B 280 11.79 23.52 8.72
N GLN B 281 11.23 24.56 8.12
CA GLN B 281 9.92 25.09 8.51
C GLN B 281 8.80 24.05 8.45
N TYR B 282 8.94 23.06 7.57
CA TYR B 282 7.93 22.00 7.40
C TYR B 282 8.03 20.90 8.47
N ALA B 283 9.18 20.81 9.12
CA ALA B 283 9.36 19.88 10.22
C ALA B 283 9.14 20.55 11.57
N LEU B 284 9.30 21.87 11.61
CA LEU B 284 9.44 22.58 12.88
C LEU B 284 8.25 23.48 13.24
N LEU B 285 7.48 23.89 12.23
CA LEU B 285 6.35 24.79 12.42
C LEU B 285 5.04 24.15 11.97
N SER B 286 3.95 24.49 12.67
CA SER B 286 2.61 24.08 12.27
C SER B 286 1.80 25.35 11.95
N ASP B 287 0.70 25.22 11.22
CA ASP B 287 -0.07 26.38 10.76
C ASP B 287 -0.78 27.17 11.87
N ALA B 288 -0.72 26.68 13.11
CA ALA B 288 -1.25 27.41 14.27
C ALA B 288 -0.54 28.76 14.48
N ILE B 289 0.68 28.87 13.97
CA ILE B 289 1.47 30.09 14.09
C ILE B 289 0.97 31.23 13.17
N THR B 290 0.14 30.88 12.18
CA THR B 290 -0.40 31.86 11.21
C THR B 290 -1.66 32.58 11.71
N ARG B 291 -2.16 32.19 12.88
CA ARG B 291 -3.35 32.81 13.47
C ARG B 291 -3.32 32.83 14.99
N CYS B 292 -4.21 33.63 15.57
CA CYS B 292 -4.49 33.69 17.00
C CYS B 292 -4.88 32.35 17.62
N HIS B 293 -4.71 32.25 18.94
CA HIS B 293 -5.20 31.15 19.82
C HIS B 293 -4.18 30.85 20.93
N GLY B 302 5.04 17.23 19.41
CA GLY B 302 6.17 17.75 20.19
C GLY B 302 7.53 17.61 19.49
N VAL B 303 7.52 17.22 18.22
CA VAL B 303 8.74 17.03 17.43
C VAL B 303 9.25 18.35 16.81
N GLY B 304 8.72 19.46 17.28
CA GLY B 304 9.09 20.75 16.71
C GLY B 304 9.38 21.84 17.72
N ILE B 305 9.30 23.07 17.24
CA ILE B 305 9.47 24.25 18.06
C ILE B 305 8.22 24.48 18.92
N ASP B 306 8.42 24.75 20.21
CA ASP B 306 7.31 25.21 21.05
C ASP B 306 6.90 26.57 20.50
N LEU B 307 5.72 26.62 19.89
CA LEU B 307 5.25 27.82 19.18
C LEU B 307 5.07 29.03 20.08
N SER B 308 4.78 28.78 21.36
CA SER B 308 4.59 29.87 22.32
C SER B 308 5.90 30.59 22.65
N SER B 309 7.03 29.95 22.33
CA SER B 309 8.35 30.50 22.60
C SER B 309 8.82 31.48 21.52
N ILE B 310 8.14 31.45 20.37
CA ILE B 310 8.41 32.38 19.26
C ILE B 310 7.96 33.80 19.64
N SER B 311 8.84 34.76 19.43
CA SER B 311 8.54 36.17 19.70
C SER B 311 7.88 36.84 18.51
N GLU B 312 6.98 37.79 18.80
CA GLU B 312 6.34 38.63 17.80
C GLU B 312 5.56 37.81 16.75
N SER B 313 4.57 37.07 17.24
CA SER B 313 3.70 36.23 16.43
C SER B 313 2.25 36.55 16.84
N PRO B 314 1.25 35.97 16.14
CA PRO B 314 -0.14 36.14 16.57
C PRO B 314 -0.41 35.84 18.05
N PHE B 315 0.40 34.95 18.63
CA PHE B 315 0.28 34.57 20.04
C PHE B 315 0.66 35.74 20.95
N THR B 316 1.79 36.37 20.64
CA THR B 316 2.31 37.50 21.43
C THR B 316 1.66 38.84 21.08
N ASN B 317 1.35 39.01 19.79
CA ASN B 317 0.72 40.23 19.27
C ASN B 317 -0.61 39.92 18.58
N PRO B 318 -1.67 39.62 19.36
CA PRO B 318 -2.96 39.18 18.80
C PRO B 318 -3.70 40.27 18.02
N ASP B 319 -3.46 41.53 18.40
CA ASP B 319 -4.07 42.70 17.75
C ASP B 319 -3.66 42.88 16.29
N ASP B 320 -2.39 42.62 15.99
CA ASP B 320 -1.87 42.71 14.63
C ASP B 320 -2.38 41.53 13.80
N ARG B 321 -3.50 41.74 13.12
CA ARG B 321 -4.15 40.70 12.33
C ARG B 321 -3.37 40.30 11.07
N PHE B 322 -2.34 41.07 10.74
CA PHE B 322 -1.55 40.80 9.54
C PHE B 322 -0.25 40.05 9.83
N ILE B 323 0.08 39.89 11.11
CA ILE B 323 1.37 39.34 11.54
C ILE B 323 1.64 37.88 11.12
N GLY B 324 0.56 37.16 10.78
CA GLY B 324 0.69 35.78 10.29
C GLY B 324 1.41 35.69 8.96
N SER B 325 1.46 36.83 8.25
CA SER B 325 2.12 36.95 6.95
C SER B 325 3.61 36.62 7.04
N LYS B 326 4.20 36.81 8.22
CA LYS B 326 5.58 36.42 8.51
C LYS B 326 5.85 34.96 8.19
N TYR B 327 4.85 34.11 8.36
CA TYR B 327 5.01 32.68 8.19
C TYR B 327 4.26 32.13 6.95
N ILE B 328 3.87 33.02 6.04
CA ILE B 328 3.21 32.60 4.80
C ILE B 328 4.25 32.23 3.74
N CYS B 329 4.18 31.00 3.28
CA CYS B 329 5.09 30.47 2.26
C CYS B 329 4.37 29.46 1.37
N SER B 330 5.01 29.02 0.28
CA SER B 330 4.43 28.04 -0.64
C SER B 330 5.36 26.86 -0.93
N PRO B 331 4.91 25.62 -0.64
CA PRO B 331 3.60 25.27 -0.07
C PRO B 331 3.46 25.76 1.37
N PRO B 332 2.22 25.85 1.88
CA PRO B 332 2.05 26.45 3.21
C PRO B 332 2.60 25.59 4.35
N ILE B 333 2.94 26.26 5.45
CA ILE B 333 3.17 25.58 6.72
C ILE B 333 1.90 24.81 7.10
N ARG B 334 2.06 23.52 7.40
CA ARG B 334 0.93 22.58 7.45
C ARG B 334 0.31 22.47 8.83
N PRO B 335 -0.91 21.90 8.92
CA PRO B 335 -1.56 21.72 10.21
C PRO B 335 -0.76 20.82 11.15
N GLU B 336 -1.04 20.95 12.45
CA GLU B 336 -0.45 20.09 13.49
C GLU B 336 -0.60 18.59 13.14
N GLY B 337 0.44 17.82 13.43
CA GLY B 337 0.40 16.37 13.20
C GLY B 337 1.10 15.94 11.92
N THR B 338 1.39 16.91 11.05
CA THR B 338 2.05 16.68 9.77
C THR B 338 3.59 16.58 9.93
N GLN B 339 4.11 17.31 10.92
CA GLN B 339 5.54 17.59 11.07
C GLN B 339 6.41 16.35 11.31
N LYS B 340 5.86 15.40 12.07
CA LYS B 340 6.59 14.18 12.38
C LYS B 340 6.95 13.41 11.12
N SER B 341 6.05 13.42 10.13
CA SER B 341 6.27 12.65 8.91
C SER B 341 7.37 13.27 8.05
N ILE B 342 7.64 14.56 8.27
CA ILE B 342 8.73 15.25 7.56
C ILE B 342 10.09 14.76 8.09
N TRP B 343 10.19 14.65 9.42
CA TRP B 343 11.37 14.05 10.06
C TRP B 343 11.60 12.60 9.65
N LYS B 344 10.52 11.82 9.61
CA LYS B 344 10.60 10.44 9.12
C LYS B 344 11.15 10.37 7.69
N GLY B 345 10.63 11.21 6.81
CA GLY B 345 11.12 11.31 5.44
C GLY B 345 12.62 11.60 5.34
N MET B 346 13.11 12.48 6.24
CA MET B 346 14.51 12.84 6.29
C MET B 346 15.38 11.67 6.70
N ASN B 347 14.88 10.88 7.65
CA ASN B 347 15.60 9.70 8.13
C ASN B 347 15.53 8.48 7.21
N ASN B 348 14.38 8.27 6.55
CA ASN B 348 14.16 7.03 5.80
C ASN B 348 14.58 7.07 4.32
N GLY B 349 15.11 8.21 3.88
CA GLY B 349 15.61 8.33 2.51
C GLY B 349 14.68 9.03 1.52
N THR B 350 13.51 9.47 1.99
CA THR B 350 12.54 10.16 1.14
C THR B 350 13.10 11.49 0.67
N PHE B 351 13.63 12.27 1.61
CA PHE B 351 14.22 13.54 1.28
C PHE B 351 15.73 13.41 1.07
N THR B 352 16.12 13.60 -0.18
CA THR B 352 17.51 13.57 -0.59
C THR B 352 18.27 14.73 0.05
N ILE B 353 17.64 15.90 0.08
CA ILE B 353 18.31 17.13 0.51
C ILE B 353 17.38 17.99 1.37
N VAL B 354 17.97 18.97 2.06
CA VAL B 354 17.22 19.96 2.81
C VAL B 354 17.73 21.35 2.40
N GLY B 355 16.80 22.22 1.99
CA GLY B 355 17.08 23.61 1.66
C GLY B 355 16.19 24.51 2.50
N SER B 356 16.28 25.82 2.32
CA SER B 356 15.53 26.74 3.16
C SER B 356 14.31 27.34 2.45
N ASP B 357 14.37 27.37 1.12
CA ASP B 357 13.46 28.19 0.32
C ASP B 357 13.48 29.63 0.86
N HIS B 358 14.69 30.13 1.06
CA HIS B 358 14.96 31.44 1.63
C HIS B 358 14.39 32.51 0.70
N CYS B 359 13.47 33.32 1.22
CA CYS B 359 12.81 34.33 0.41
C CYS B 359 12.25 35.41 1.33
N SER B 360 12.94 36.56 1.36
CA SER B 360 12.75 37.53 2.41
C SER B 360 12.00 38.81 1.98
N TYR B 361 10.98 39.16 2.77
CA TYR B 361 10.27 40.42 2.62
C TYR B 361 10.11 41.02 4.00
N ASN B 362 10.32 42.33 4.11
CA ASN B 362 10.29 43.02 5.41
C ASN B 362 8.90 43.00 6.02
N TYR B 363 8.85 43.03 7.35
CA TYR B 363 7.58 43.17 8.03
C TYR B 363 7.45 44.49 8.79
N TYR B 364 8.57 45.02 9.28
CA TYR B 364 8.51 46.20 10.15
C TYR B 364 8.68 47.54 9.44
N GLU B 365 8.89 47.47 8.12
CA GLU B 365 8.69 48.61 7.24
C GLU B 365 7.58 48.24 6.26
N LYS B 366 6.66 49.18 6.05
CA LYS B 366 5.40 48.92 5.35
C LYS B 366 5.35 49.49 3.94
N THR B 367 6.32 50.36 3.61
CA THR B 367 6.20 51.20 2.41
C THR B 367 6.94 50.69 1.17
N SER B 368 8.01 49.92 1.36
CA SER B 368 8.87 49.55 0.23
C SER B 368 8.25 48.48 -0.66
N THR B 369 8.78 48.36 -1.86
CA THR B 369 8.33 47.32 -2.81
C THR B 369 8.70 45.91 -2.35
N ALA B 370 9.58 45.83 -1.36
CA ALA B 370 10.02 44.54 -0.81
C ALA B 370 9.41 44.24 0.56
N SER B 371 8.34 44.96 0.91
CA SER B 371 7.62 44.75 2.16
C SER B 371 6.55 43.65 2.03
N LYS B 372 6.25 42.96 3.15
CA LYS B 372 5.10 42.06 3.22
C LYS B 372 3.78 42.82 3.06
N HIS B 373 3.78 44.09 3.50
CA HIS B 373 2.60 44.96 3.47
C HIS B 373 2.28 45.48 2.08
N ARG B 374 3.13 45.11 1.13
CA ARG B 374 2.89 45.23 -0.31
C ARG B 374 1.48 44.72 -0.67
N ALA B 375 0.96 43.82 0.15
CA ALA B 375 -0.39 43.27 0.01
C ALA B 375 -1.48 44.34 0.20
N PHE B 376 -1.13 45.43 0.86
CA PHE B 376 -2.02 46.59 0.97
C PHE B 376 -1.65 47.61 -0.09
N ASP B 377 -2.53 47.75 -1.07
CA ASP B 377 -2.35 48.67 -2.18
C ASP B 377 -3.74 49.11 -2.68
N PRO B 378 -4.42 49.98 -1.92
CA PRO B 378 -5.84 50.28 -2.16
C PRO B 378 -6.14 50.70 -3.61
N GLU B 379 -5.20 51.39 -4.25
CA GLU B 379 -5.36 51.85 -5.64
C GLU B 379 -5.35 50.72 -6.67
N ASN B 380 -4.62 49.64 -6.37
CA ASN B 380 -4.59 48.48 -7.24
C ASN B 380 -5.55 47.38 -6.82
N ASN B 381 -6.53 47.76 -5.99
CA ASN B 381 -7.53 46.82 -5.46
C ASN B 381 -6.92 45.70 -4.60
N LYS B 382 -5.92 46.06 -3.78
CA LYS B 382 -5.33 45.12 -2.83
C LYS B 382 -5.52 45.65 -1.43
N ASN B 383 -6.11 44.81 -0.57
CA ASN B 383 -6.44 45.21 0.79
C ASN B 383 -5.98 44.20 1.83
N GLY B 384 -4.79 43.65 1.61
CA GLY B 384 -4.13 42.76 2.58
C GLY B 384 -4.64 41.33 2.59
N GLU B 385 -5.38 40.95 1.55
CA GLU B 385 -5.88 39.59 1.41
C GLU B 385 -4.72 38.62 1.24
N PHE B 386 -4.87 37.38 1.71
CA PHE B 386 -3.75 36.44 1.72
C PHE B 386 -3.13 36.21 0.33
N ARG B 387 -3.98 36.27 -0.70
CA ARG B 387 -3.60 36.15 -2.10
C ARG B 387 -2.45 37.10 -2.46
N TYR B 388 -2.49 38.29 -1.86
CA TYR B 388 -1.54 39.36 -2.17
C TYR B 388 -0.31 39.40 -1.27
N ILE B 389 -0.22 38.46 -0.33
CA ILE B 389 0.93 38.39 0.57
C ILE B 389 2.12 37.75 -0.15
N PRO B 390 3.26 38.48 -0.22
CA PRO B 390 4.45 37.87 -0.82
C PRO B 390 4.88 36.62 -0.03
N ASN B 391 4.95 35.50 -0.71
CA ASN B 391 5.24 34.21 -0.08
C ASN B 391 6.72 34.01 0.16
N GLY B 392 7.07 33.64 1.39
CA GLY B 392 8.44 33.31 1.73
C GLY B 392 8.84 33.59 3.16
N LEU B 393 9.79 32.80 3.65
CA LEU B 393 10.45 33.06 4.93
C LEU B 393 11.95 33.19 4.73
N PRO B 394 12.60 34.06 5.54
CA PRO B 394 14.05 34.04 5.69
C PRO B 394 14.46 32.74 6.39
N GLY B 395 15.47 32.05 5.88
CA GLY B 395 15.86 30.77 6.44
C GLY B 395 17.24 30.25 6.09
N VAL B 396 17.99 30.98 5.28
CA VAL B 396 19.33 30.51 4.87
C VAL B 396 20.33 30.45 6.04
N CYS B 397 20.18 31.36 7.00
CA CYS B 397 21.02 31.36 8.20
C CYS B 397 20.65 30.22 9.13
N THR B 398 19.38 30.10 9.47
CA THR B 398 18.94 29.19 10.54
C THR B 398 18.91 27.70 10.15
N ARG B 399 19.00 27.40 8.86
CA ARG B 399 18.85 26.03 8.37
C ARG B 399 19.75 25.01 9.08
N MET B 400 21.05 25.30 9.14
CA MET B 400 22.01 24.33 9.68
C MET B 400 21.90 24.14 11.18
N PRO B 401 21.91 25.25 11.95
CA PRO B 401 21.74 25.13 13.40
C PRO B 401 20.40 24.54 13.81
N LEU B 402 19.34 24.84 13.06
CA LEU B 402 18.01 24.26 13.35
C LEU B 402 18.01 22.72 13.29
N LEU B 403 18.65 22.16 12.26
CA LEU B 403 18.78 20.72 12.12
C LEU B 403 19.77 20.12 13.09
N TYR B 404 20.84 20.85 13.39
CA TYR B 404 21.79 20.42 14.42
C TYR B 404 21.09 20.23 15.77
N ASP B 405 20.36 21.25 16.19
CA ASP B 405 19.66 21.25 17.47
C ASP B 405 18.44 20.33 17.41
N TYR B 406 17.40 20.76 16.72
CA TYR B 406 16.13 20.03 16.71
C TYR B 406 16.19 18.68 16.02
N GLY B 407 17.15 18.52 15.11
CA GLY B 407 17.38 17.24 14.46
C GLY B 407 18.27 16.30 15.25
N TYR B 408 19.57 16.57 15.23
CA TYR B 408 20.56 15.71 15.87
C TYR B 408 20.47 15.67 17.39
N LEU B 409 20.62 16.83 18.05
CA LEU B 409 20.65 16.88 19.52
C LEU B 409 19.36 16.40 20.18
N ARG B 410 18.22 16.79 19.60
CA ARG B 410 16.93 16.44 20.17
C ARG B 410 16.40 15.11 19.65
N GLY B 411 17.15 14.49 18.75
CA GLY B 411 16.91 13.10 18.36
C GLY B 411 15.90 12.85 17.25
N ASN B 412 15.53 13.88 16.52
CA ASN B 412 14.56 13.73 15.44
C ASN B 412 15.25 13.22 14.18
N LEU B 413 16.55 13.48 14.10
CA LEU B 413 17.44 12.92 13.09
C LEU B 413 18.29 11.78 13.71
N THR B 414 18.55 10.72 12.95
CA THR B 414 19.22 9.52 13.47
C THR B 414 20.67 9.75 13.91
N SER B 415 21.40 10.55 13.15
CA SER B 415 22.80 10.84 13.47
C SER B 415 23.26 12.15 12.83
N MET B 416 24.50 12.54 13.15
CA MET B 416 25.17 13.65 12.47
C MET B 416 25.55 13.31 11.03
N MET B 417 25.73 12.03 10.73
CA MET B 417 26.02 11.59 9.36
C MET B 417 24.84 11.84 8.41
N LYS B 418 23.63 11.57 8.89
CA LYS B 418 22.40 11.88 8.16
C LYS B 418 22.28 13.38 7.91
N LEU B 419 22.53 14.17 8.95
CA LEU B 419 22.55 15.63 8.84
C LEU B 419 23.48 16.11 7.71
N VAL B 420 24.74 15.66 7.76
CA VAL B 420 25.73 16.05 6.75
C VAL B 420 25.30 15.58 5.35
N GLU B 421 24.72 14.38 5.27
CA GLU B 421 24.27 13.84 3.98
C GLU B 421 23.23 14.74 3.30
N ILE B 422 22.22 15.16 4.06
CA ILE B 422 21.11 15.92 3.48
C ILE B 422 21.34 17.44 3.36
N GLN B 423 22.22 17.96 4.22
CA GLN B 423 22.52 19.40 4.28
C GLN B 423 23.73 19.78 3.47
N CYS B 424 24.65 18.85 3.23
CA CYS B 424 25.93 19.19 2.60
C CYS B 424 26.25 18.34 1.35
N THR B 425 26.32 17.02 1.53
CA THR B 425 26.90 16.17 0.50
C THR B 425 25.95 15.90 -0.67
N ASN B 426 24.73 15.46 -0.36
CA ASN B 426 23.70 15.24 -1.39
C ASN B 426 23.36 16.49 -2.24
N PRO B 427 23.19 17.68 -1.60
CA PRO B 427 22.99 18.87 -2.45
C PRO B 427 24.11 19.10 -3.47
N ALA B 428 25.36 18.85 -3.09
CA ALA B 428 26.49 18.98 -4.02
C ALA B 428 26.39 17.94 -5.15
N LYS B 429 26.00 16.72 -4.78
CA LYS B 429 25.95 15.59 -5.70
C LYS B 429 24.84 15.73 -6.72
N VAL B 430 23.66 16.08 -6.24
CA VAL B 430 22.50 16.19 -7.12
C VAL B 430 22.56 17.44 -8.03
N TYR B 431 23.33 18.45 -7.63
CA TYR B 431 23.47 19.67 -8.44
C TYR B 431 24.85 19.89 -9.06
N GLY B 432 25.59 18.81 -9.32
CA GLY B 432 26.85 18.87 -10.08
C GLY B 432 27.96 19.71 -9.46
N MET B 433 27.97 19.85 -8.14
CA MET B 433 29.02 20.59 -7.45
C MET B 433 30.00 19.65 -6.74
N TYR B 434 29.76 18.36 -6.86
CA TYR B 434 30.58 17.34 -6.23
C TYR B 434 31.67 16.86 -7.21
N PRO B 435 32.92 16.61 -6.73
CA PRO B 435 33.43 16.63 -5.35
C PRO B 435 33.99 17.97 -4.84
N GLN B 436 34.02 19.00 -5.68
CA GLN B 436 34.53 20.32 -5.28
C GLN B 436 33.87 20.81 -3.99
N LYS B 437 32.57 20.53 -3.89
CA LYS B 437 31.78 20.96 -2.76
C LYS B 437 31.18 19.77 -2.02
N GLY B 438 30.85 19.99 -0.74
CA GLY B 438 29.99 19.05 0.01
C GLY B 438 30.64 18.04 0.95
N SER B 439 31.96 17.88 0.86
CA SER B 439 32.69 16.90 1.65
C SER B 439 33.99 17.47 2.23
N ILE B 440 34.80 16.55 2.78
CA ILE B 440 36.11 16.86 3.36
C ILE B 440 37.16 15.94 2.73
N LEU B 441 37.56 16.26 1.50
CA LEU B 441 38.43 15.37 0.70
C LEU B 441 39.78 16.00 0.39
N PRO B 442 40.85 15.50 1.01
CA PRO B 442 42.19 16.04 0.78
C PRO B 442 42.58 16.14 -0.69
N GLY B 443 43.06 17.32 -1.07
CA GLY B 443 43.50 17.61 -2.43
C GLY B 443 42.38 17.89 -3.42
N VAL B 444 41.13 17.72 -2.98
CA VAL B 444 39.98 17.77 -3.88
C VAL B 444 38.93 18.80 -3.43
N SER B 445 38.63 18.83 -2.14
CA SER B 445 37.59 19.69 -1.58
C SER B 445 38.03 21.13 -1.46
N ASP B 446 37.19 22.06 -1.91
CA ASP B 446 37.26 23.42 -1.41
C ASP B 446 37.16 23.32 0.12
N ALA B 447 38.02 24.04 0.83
CA ALA B 447 38.01 24.01 2.30
C ALA B 447 36.85 24.82 2.84
N ASP B 448 35.65 24.27 2.64
CA ASP B 448 34.40 24.84 3.11
C ASP B 448 33.95 24.04 4.33
N LEU B 449 34.14 24.61 5.52
CA LEU B 449 34.01 23.85 6.76
C LEU B 449 33.37 24.64 7.88
N VAL B 450 32.68 23.92 8.75
CA VAL B 450 32.06 24.53 9.94
C VAL B 450 32.57 23.82 11.18
N ILE B 451 33.04 24.61 12.13
CA ILE B 451 33.44 24.16 13.44
C ILE B 451 32.36 24.62 14.41
N TRP B 452 31.70 23.66 15.04
CA TRP B 452 30.62 23.92 15.98
C TRP B 452 31.18 24.15 17.37
N TYR B 453 30.33 24.47 18.33
CA TYR B 453 30.74 24.53 19.73
C TYR B 453 30.67 23.10 20.30
N PRO B 454 31.49 22.79 21.31
CA PRO B 454 31.38 21.45 21.92
C PRO B 454 30.07 21.29 22.71
N ASP B 455 29.40 20.14 22.55
CA ASP B 455 28.08 19.90 23.15
C ASP B 455 28.10 19.60 24.66
N ASP B 456 29.05 18.81 25.11
CA ASP B 456 29.02 18.31 26.50
C ASP B 456 29.86 19.14 27.47
N SER B 457 30.18 20.37 27.06
CA SER B 457 31.10 21.22 27.80
C SER B 457 30.40 22.06 28.86
N LYS B 458 31.05 22.26 30.00
CA LYS B 458 30.57 23.20 31.02
C LYS B 458 31.24 24.57 30.85
N LYS B 459 32.12 24.68 29.86
CA LYS B 459 32.83 25.92 29.55
C LYS B 459 31.84 26.96 29.04
N GLU B 460 32.02 28.20 29.50
CA GLU B 460 31.25 29.34 29.03
C GLU B 460 31.79 29.86 27.70
N TYR B 461 30.90 30.04 26.72
CA TYR B 461 31.23 30.73 25.49
C TYR B 461 30.34 31.96 25.31
N ASN B 462 30.88 33.13 25.63
CA ASN B 462 30.17 34.42 25.54
C ASN B 462 29.58 34.65 24.15
N SER B 463 30.26 34.12 23.15
CA SER B 463 29.93 34.37 21.75
C SER B 463 28.85 33.42 21.25
N LYS B 464 28.64 32.32 21.97
CA LYS B 464 27.65 31.33 21.58
C LYS B 464 26.24 31.84 21.93
N PRO B 465 25.36 31.92 20.91
CA PRO B 465 24.01 32.42 21.14
C PRO B 465 23.11 31.40 21.84
N LYS B 466 22.23 31.89 22.70
CA LYS B 466 21.25 31.06 23.36
C LYS B 466 19.93 31.08 22.59
N LEU B 467 19.60 32.24 22.04
CA LEU B 467 18.36 32.46 21.30
C LEU B 467 18.65 32.87 19.86
N ILE B 468 17.69 32.59 18.98
CA ILE B 468 17.69 33.14 17.62
C ILE B 468 17.10 34.55 17.65
N THR B 469 17.86 35.50 17.14
CA THR B 469 17.43 36.91 17.01
C THR B 469 17.67 37.35 15.59
N ASN B 470 16.99 38.42 15.19
CA ASN B 470 17.19 38.98 13.86
C ASN B 470 18.65 39.40 13.58
N LYS B 471 19.28 40.06 14.56
CA LYS B 471 20.67 40.52 14.43
C LYS B 471 21.64 39.38 14.13
N LEU B 472 21.41 38.23 14.76
CA LEU B 472 22.24 37.05 14.55
C LEU B 472 22.19 36.55 13.10
N MET B 473 21.15 36.94 12.35
CA MET B 473 20.94 36.48 10.99
C MET B 473 21.91 37.09 9.99
N GLU B 474 22.40 38.29 10.29
CA GLU B 474 23.32 39.02 9.41
C GLU B 474 22.74 39.19 7.99
N HIS B 475 21.42 39.35 7.92
CA HIS B 475 20.73 39.52 6.64
C HIS B 475 20.17 40.93 6.49
N ASN B 476 19.48 41.16 5.37
CA ASN B 476 18.91 42.48 5.09
C ASN B 476 17.42 42.59 5.43
N CYS B 477 16.86 41.55 6.04
CA CYS B 477 15.46 41.53 6.44
C CYS B 477 15.32 42.02 7.89
N ASP B 478 14.13 42.49 8.26
CA ASP B 478 13.92 43.03 9.60
C ASP B 478 13.30 42.02 10.58
N TYR B 479 13.13 40.78 10.13
CA TYR B 479 12.60 39.70 10.96
C TYR B 479 13.14 38.34 10.56
N THR B 480 13.05 37.41 11.50
CA THR B 480 13.19 35.98 11.22
C THR B 480 12.02 35.29 11.91
N PRO B 481 11.40 34.30 11.23
CA PRO B 481 10.24 33.64 11.83
C PRO B 481 10.58 32.90 13.14
N PHE B 482 11.86 32.58 13.33
CA PHE B 482 12.34 31.84 14.51
C PHE B 482 12.84 32.74 15.66
N GLU B 483 12.47 34.02 15.60
CA GLU B 483 12.83 35.00 16.63
C GLU B 483 12.41 34.49 18.01
N GLY B 484 13.35 34.49 18.95
CA GLY B 484 13.07 34.21 20.36
C GLY B 484 13.25 32.77 20.82
N ILE B 485 13.36 31.84 19.88
CA ILE B 485 13.45 30.41 20.26
C ILE B 485 14.86 30.03 20.68
N GLU B 486 14.95 29.04 21.56
CA GLU B 486 16.23 28.50 22.01
C GLU B 486 16.98 27.78 20.89
N ILE B 487 18.28 28.00 20.84
CA ILE B 487 19.16 27.29 19.93
C ILE B 487 20.37 26.76 20.72
N LYS B 488 20.58 25.46 20.66
CA LYS B 488 21.51 24.80 21.55
C LYS B 488 22.93 24.68 20.98
N ASN B 489 23.07 24.99 19.69
CA ASN B 489 24.38 25.11 19.05
C ASN B 489 24.35 26.07 17.85
N TRP B 490 25.54 26.52 17.45
CA TRP B 490 25.70 27.49 16.39
C TRP B 490 27.13 27.32 15.85
N PRO B 491 27.36 27.64 14.56
CA PRO B 491 28.73 27.71 14.06
C PRO B 491 29.61 28.64 14.89
N ARG B 492 30.79 28.14 15.27
CA ARG B 492 31.79 28.92 16.00
C ARG B 492 32.79 29.47 15.00
N TYR B 493 33.07 28.69 13.95
CA TYR B 493 33.90 29.10 12.83
C TYR B 493 33.23 28.63 11.55
N THR B 494 33.07 29.53 10.59
CA THR B 494 32.67 29.11 9.25
C THR B 494 33.86 29.45 8.35
N ILE B 495 34.39 28.41 7.72
CA ILE B 495 35.55 28.54 6.85
C ILE B 495 35.10 28.37 5.41
N VAL B 496 35.37 29.39 4.60
CA VAL B 496 35.00 29.38 3.19
C VAL B 496 36.27 29.44 2.36
N LYS B 497 36.50 28.39 1.59
CA LYS B 497 37.65 28.26 0.71
C LYS B 497 38.96 28.56 1.44
N GLY B 498 39.08 27.99 2.64
CA GLY B 498 40.30 28.08 3.41
C GLY B 498 40.45 29.32 4.26
N LYS B 499 39.46 30.21 4.22
CA LYS B 499 39.54 31.44 5.02
C LYS B 499 38.40 31.53 6.02
N ILE B 500 38.70 32.01 7.21
CA ILE B 500 37.70 32.26 8.24
C ILE B 500 36.87 33.48 7.85
N VAL B 501 35.61 33.25 7.54
CA VAL B 501 34.68 34.30 7.13
C VAL B 501 33.74 34.62 8.29
N TYR B 502 33.57 33.66 9.19
CA TYR B 502 32.75 33.81 10.38
C TYR B 502 33.46 33.21 11.58
N LYS B 503 33.60 34.01 12.63
CA LYS B 503 34.29 33.58 13.83
C LYS B 503 33.55 34.12 15.04
N GLU B 504 32.97 33.22 15.82
CA GLU B 504 32.38 33.54 17.12
C GLU B 504 31.50 34.79 17.10
N GLY B 505 30.58 34.82 16.14
CA GLY B 505 29.58 35.88 16.06
C GLY B 505 29.93 37.03 15.14
N GLU B 506 31.15 37.02 14.60
CA GLU B 506 31.59 38.12 13.76
C GLU B 506 31.86 37.69 12.34
N ILE B 507 31.34 38.47 11.39
CA ILE B 507 31.65 38.30 9.98
C ILE B 507 32.97 39.01 9.70
N LEU B 508 33.88 38.29 9.05
CA LEU B 508 35.15 38.85 8.62
C LEU B 508 35.11 39.20 7.13
N LYS B 509 34.63 40.40 6.82
CA LYS B 509 34.41 40.86 5.44
C LYS B 509 35.66 40.81 4.56
N GLU B 510 36.82 41.11 5.15
CA GLU B 510 38.11 41.07 4.44
C GLU B 510 38.39 39.71 3.83
N ASN B 511 37.73 38.69 4.35
CA ASN B 511 37.91 37.33 3.86
C ASN B 511 36.79 36.87 2.91
N ALA B 512 35.85 37.76 2.61
CA ALA B 512 34.81 37.50 1.62
C ALA B 512 35.40 37.43 0.21
N ASP B 513 35.40 36.25 -0.40
CA ASP B 513 35.90 36.10 -1.77
C ASP B 513 35.05 35.11 -2.57
N GLY B 514 33.73 35.18 -2.39
CA GLY B 514 32.79 34.30 -3.06
C GLY B 514 32.74 34.54 -4.56
N LYS B 515 32.43 33.50 -5.32
CA LYS B 515 32.40 33.58 -6.79
C LYS B 515 31.26 32.78 -7.40
N TYR B 516 30.83 33.20 -8.59
CA TYR B 516 29.89 32.40 -9.35
C TYR B 516 30.49 31.01 -9.61
N LEU B 517 29.64 29.99 -9.47
CA LEU B 517 30.08 28.62 -9.55
C LEU B 517 29.49 27.91 -10.77
N LYS B 518 30.35 27.59 -11.74
CA LYS B 518 29.94 26.77 -12.87
C LYS B 518 29.85 25.31 -12.43
N ARG B 519 28.69 24.70 -12.66
CA ARG B 519 28.43 23.35 -12.20
C ARG B 519 28.55 22.34 -13.35
N GLY B 520 28.71 21.08 -12.98
CA GLY B 520 28.76 20.00 -13.95
C GLY B 520 27.44 19.24 -14.01
N LYS B 521 27.43 18.18 -14.80
CA LYS B 521 26.27 17.28 -14.88
C LYS B 521 26.29 16.36 -13.66
N SER B 522 25.15 16.22 -13.02
CA SER B 522 25.04 15.35 -11.84
C SER B 522 25.10 13.87 -12.22
N PHE B 523 25.85 13.08 -11.47
CA PHE B 523 25.91 11.64 -11.71
C PHE B 523 24.61 10.97 -11.27
N MET B 524 23.88 11.65 -10.38
CA MET B 524 22.60 11.17 -9.89
C MET B 524 21.48 11.31 -10.94
N CYS B 525 21.73 12.10 -11.97
CA CYS B 525 20.70 12.43 -12.95
C CYS B 525 20.87 11.88 -14.36
N THR B 526 21.79 10.92 -14.53
CA THR B 526 21.76 10.10 -15.75
C THR B 526 20.47 9.27 -15.72
N PRO B 527 19.83 9.06 -16.88
CA PRO B 527 18.51 8.40 -16.88
C PRO B 527 18.59 6.91 -16.57
N LYS B 528 17.48 6.37 -16.07
CA LYS B 528 17.35 4.95 -15.76
C LYS B 528 17.32 4.07 -16.99
N ASN B 529 16.96 4.66 -18.13
CA ASN B 529 16.69 3.93 -19.38
C ASN B 529 15.61 2.88 -19.26
N GLU B 530 14.53 3.28 -18.61
CA GLU B 530 13.40 2.43 -18.35
C GLU B 530 12.18 3.17 -18.88
N TRP B 531 11.39 2.48 -19.68
CA TRP B 531 10.28 3.09 -20.38
C TRP B 531 8.97 2.34 -20.13
N VAL B 532 7.86 3.09 -20.22
CA VAL B 532 6.53 2.52 -20.07
C VAL B 532 6.10 1.79 -21.34
N THR B 533 6.46 2.32 -22.52
CA THR B 533 6.14 1.67 -23.80
C THR B 533 7.39 1.42 -24.63
N GLU B 534 7.19 0.98 -25.88
CA GLU B 534 8.29 0.78 -26.83
C GLU B 534 8.87 2.06 -27.41
N TRP B 535 8.19 3.19 -27.21
CA TRP B 535 8.66 4.48 -27.71
C TRP B 535 9.95 4.93 -27.02
N ARG B 536 10.85 5.48 -27.83
CA ARG B 536 12.12 6.03 -27.39
C ARG B 536 12.32 7.34 -28.12
N PRO B 537 12.91 8.34 -27.46
CA PRO B 537 13.30 9.59 -28.14
C PRO B 537 14.21 9.30 -29.34
N LYS B 538 14.08 10.13 -30.38
CA LYS B 538 14.84 9.97 -31.61
C LYS B 538 16.34 9.73 -31.40
N TYR B 539 16.93 10.47 -30.46
CA TYR B 539 18.36 10.46 -30.19
C TYR B 539 18.88 9.21 -29.45
N GLU B 540 17.99 8.33 -29.01
CA GLU B 540 18.39 7.17 -28.19
C GLU B 540 19.13 6.10 -28.98
N PRO C 1 -59.60 -19.58 4.47
CA PRO C 1 -58.34 -18.88 4.20
C PRO C 1 -57.30 -19.82 3.58
N ILE C 2 -56.56 -19.31 2.59
CA ILE C 2 -55.52 -20.14 1.95
C ILE C 2 -54.11 -19.82 2.46
N TYR C 3 -53.96 -18.70 3.17
CA TYR C 3 -52.68 -18.37 3.79
C TYR C 3 -52.82 -18.19 5.30
N ASP C 4 -51.81 -18.62 6.03
CA ASP C 4 -51.78 -18.44 7.49
C ASP C 4 -51.65 -16.96 7.84
N LEU C 5 -50.85 -16.25 7.06
CA LEU C 5 -50.41 -14.92 7.41
C LEU C 5 -50.25 -14.03 6.19
N ILE C 6 -50.81 -12.82 6.25
CA ILE C 6 -50.56 -11.79 5.25
C ILE C 6 -49.97 -10.55 5.92
N ILE C 7 -48.88 -10.04 5.34
CA ILE C 7 -48.29 -8.77 5.79
C ILE C 7 -48.55 -7.67 4.76
N LYS C 8 -49.33 -6.67 5.18
CA LYS C 8 -49.75 -5.56 4.31
C LYS C 8 -49.10 -4.24 4.69
N ASN C 9 -49.09 -3.29 3.75
CA ASN C 9 -48.64 -1.91 3.97
C ASN C 9 -47.17 -1.74 4.41
N GLY C 10 -46.34 -2.74 4.09
CA GLY C 10 -44.94 -2.73 4.50
C GLY C 10 -43.98 -2.47 3.36
N ILE C 11 -42.73 -2.19 3.71
CA ILE C 11 -41.69 -2.02 2.73
C ILE C 11 -40.69 -3.16 2.89
N ILE C 12 -40.59 -3.98 1.85
CA ILE C 12 -39.69 -5.12 1.86
C ILE C 12 -38.25 -4.66 1.65
N CYS C 13 -37.36 -5.10 2.54
CA CYS C 13 -35.93 -4.85 2.40
CA CYS C 13 -35.94 -4.86 2.38
C CYS C 13 -35.19 -6.17 2.23
N THR C 14 -34.43 -6.30 1.16
CA THR C 14 -33.59 -7.48 0.95
C THR C 14 -32.16 -6.96 0.86
N ALA C 15 -31.22 -7.86 0.56
CA ALA C 15 -29.81 -7.50 0.46
C ALA C 15 -29.51 -6.65 -0.76
N SER C 16 -30.47 -6.57 -1.69
CA SER C 16 -30.31 -5.74 -2.90
C SER C 16 -31.51 -4.85 -3.29
N ASP C 17 -32.66 -4.99 -2.61
CA ASP C 17 -33.86 -4.23 -3.00
C ASP C 17 -34.61 -3.61 -1.84
N ILE C 18 -35.19 -2.44 -2.06
CA ILE C 18 -36.11 -1.81 -1.11
C ILE C 18 -37.33 -1.40 -1.91
N TYR C 19 -38.51 -1.89 -1.50
CA TYR C 19 -39.74 -1.57 -2.19
C TYR C 19 -40.99 -1.93 -1.41
N ALA C 20 -42.07 -1.20 -1.69
CA ALA C 20 -43.37 -1.43 -1.10
C ALA C 20 -44.06 -2.60 -1.80
N ALA C 21 -44.38 -3.62 -1.03
CA ALA C 21 -45.09 -4.80 -1.51
C ALA C 21 -45.59 -5.58 -0.31
N GLU C 22 -46.43 -6.56 -0.59
CA GLU C 22 -47.09 -7.36 0.44
C GLU C 22 -46.65 -8.82 0.38
N ILE C 23 -46.69 -9.50 1.52
CA ILE C 23 -46.21 -10.88 1.65
C ILE C 23 -47.31 -11.79 2.16
N ALA C 24 -47.45 -12.96 1.53
CA ALA C 24 -48.32 -14.02 2.03
C ALA C 24 -47.49 -15.21 2.50
N VAL C 25 -47.85 -15.76 3.65
CA VAL C 25 -47.15 -16.86 4.27
C VAL C 25 -48.10 -18.03 4.48
N ASN C 26 -47.60 -19.24 4.20
CA ASN C 26 -48.33 -20.45 4.47
C ASN C 26 -47.43 -21.66 4.69
N ASN C 27 -47.83 -22.54 5.61
CA ASN C 27 -47.08 -23.74 5.97
C ASN C 27 -45.61 -23.46 6.30
N GLY C 28 -45.39 -22.38 7.06
CA GLY C 28 -44.06 -22.06 7.59
C GLY C 28 -43.14 -21.35 6.62
N LYS C 29 -43.66 -21.01 5.45
CA LYS C 29 -42.84 -20.49 4.36
C LYS C 29 -43.43 -19.25 3.68
N VAL C 30 -42.54 -18.43 3.10
CA VAL C 30 -42.94 -17.36 2.20
C VAL C 30 -43.57 -17.99 0.97
N GLN C 31 -44.77 -17.54 0.61
CA GLN C 31 -45.45 -18.12 -0.54
C GLN C 31 -45.67 -17.17 -1.71
N LEU C 32 -45.70 -15.86 -1.44
CA LEU C 32 -46.12 -14.89 -2.43
C LEU C 32 -45.63 -13.49 -2.10
N ILE C 33 -45.15 -12.79 -3.13
CA ILE C 33 -44.94 -11.35 -3.09
C ILE C 33 -45.79 -10.72 -4.20
N ALA C 34 -46.60 -9.72 -3.83
CA ALA C 34 -47.48 -9.01 -4.75
C ALA C 34 -47.80 -7.59 -4.23
N ALA C 35 -48.25 -6.71 -5.12
CA ALA C 35 -48.56 -5.31 -4.77
C ALA C 35 -49.59 -5.21 -3.65
N SER C 36 -50.66 -5.99 -3.77
CA SER C 36 -51.75 -5.96 -2.84
C SER C 36 -52.35 -7.36 -2.73
N ILE C 37 -52.43 -7.89 -1.51
CA ILE C 37 -53.05 -9.19 -1.29
C ILE C 37 -54.36 -9.04 -0.49
N ASP C 38 -55.43 -9.57 -1.06
CA ASP C 38 -56.76 -9.61 -0.45
C ASP C 38 -56.70 -10.11 0.99
N PRO C 39 -57.05 -9.25 1.97
CA PRO C 39 -56.98 -9.60 3.39
C PRO C 39 -57.83 -10.82 3.76
N SER C 40 -58.89 -11.07 2.99
CA SER C 40 -59.77 -12.21 3.24
C SER C 40 -59.10 -13.55 2.95
N LEU C 41 -57.99 -13.53 2.22
CA LEU C 41 -57.26 -14.77 1.91
C LEU C 41 -56.36 -15.27 3.05
N GLY C 42 -56.24 -14.49 4.12
CA GLY C 42 -55.35 -14.82 5.22
C GLY C 42 -56.08 -15.05 6.53
N SER C 43 -55.55 -15.96 7.35
CA SER C 43 -56.12 -16.23 8.66
C SER C 43 -55.76 -15.09 9.61
N GLU C 44 -54.53 -14.60 9.48
CA GLU C 44 -54.05 -13.46 10.23
C GLU C 44 -53.50 -12.42 9.26
N VAL C 45 -53.80 -11.15 9.52
CA VAL C 45 -53.33 -10.06 8.71
C VAL C 45 -52.59 -9.07 9.60
N ILE C 46 -51.38 -8.71 9.20
CA ILE C 46 -50.59 -7.72 9.91
C ILE C 46 -50.43 -6.47 9.05
N ASP C 47 -50.89 -5.34 9.59
CA ASP C 47 -50.66 -4.02 9.00
C ASP C 47 -49.30 -3.48 9.48
N ALA C 48 -48.33 -3.45 8.57
CA ALA C 48 -46.98 -2.98 8.90
C ALA C 48 -46.89 -1.46 9.07
N GLU C 49 -47.91 -0.75 8.60
CA GLU C 49 -48.01 0.71 8.76
C GLU C 49 -46.82 1.49 8.20
N GLY C 50 -46.34 1.05 7.03
CA GLY C 50 -45.25 1.74 6.35
C GLY C 50 -43.86 1.33 6.79
N ALA C 51 -43.77 0.47 7.79
CA ALA C 51 -42.48 0.05 8.34
C ALA C 51 -41.74 -0.91 7.42
N PHE C 52 -40.43 -1.04 7.65
CA PHE C 52 -39.63 -2.02 6.92
C PHE C 52 -39.93 -3.45 7.35
N ILE C 53 -39.93 -4.35 6.38
CA ILE C 53 -39.94 -5.77 6.65
C ILE C 53 -38.58 -6.30 6.20
N THR C 54 -37.84 -6.90 7.13
CA THR C 54 -36.56 -7.52 6.80
C THR C 54 -36.68 -9.03 6.99
N PRO C 55 -35.75 -9.81 6.39
CA PRO C 55 -35.66 -11.21 6.81
C PRO C 55 -35.27 -11.22 8.27
N GLY C 56 -35.55 -12.29 9.00
CA GLY C 56 -35.01 -12.42 10.36
C GLY C 56 -33.48 -12.42 10.33
N GLY C 57 -32.88 -11.90 11.40
CA GLY C 57 -31.42 -11.91 11.51
C GLY C 57 -30.89 -13.32 11.67
N ILE C 58 -29.69 -13.54 11.17
CA ILE C 58 -28.99 -14.79 11.38
C ILE C 58 -27.68 -14.49 12.08
N ASP C 59 -27.59 -14.94 13.32
CA ASP C 59 -26.41 -14.73 14.15
C ASP C 59 -25.59 -16.01 14.21
N ALA C 60 -24.50 -16.03 13.48
CA ALA C 60 -23.70 -17.23 13.33
C ALA C 60 -22.56 -17.32 14.35
N HIS C 61 -22.59 -16.47 15.37
CA HIS C 61 -21.60 -16.55 16.43
C HIS C 61 -22.22 -16.35 17.81
N VAL C 62 -22.88 -17.41 18.28
CA VAL C 62 -23.54 -17.41 19.57
C VAL C 62 -22.93 -18.53 20.45
N HIS C 63 -22.64 -18.19 21.71
CA HIS C 63 -22.16 -19.17 22.69
C HIS C 63 -23.23 -19.52 23.72
N VAL C 64 -23.53 -20.81 23.79
CA VAL C 64 -24.58 -21.35 24.65
C VAL C 64 -23.95 -22.31 25.65
N ASP C 65 -24.62 -22.54 26.78
CA ASP C 65 -24.18 -23.58 27.72
C ASP C 65 -24.16 -24.95 27.01
N GLU C 66 -23.05 -25.67 27.13
CA GLU C 66 -22.93 -26.99 26.51
C GLU C 66 -22.30 -28.03 27.46
N PRO C 67 -22.53 -29.34 27.21
CA PRO C 67 -22.19 -30.37 28.20
C PRO C 67 -20.69 -30.46 28.56
N LEU C 68 -19.82 -30.11 27.62
CA LEU C 68 -18.37 -30.22 27.88
C LEU C 68 -17.79 -29.00 28.60
N LYS C 69 -18.60 -27.94 28.70
CA LYS C 69 -18.24 -26.70 29.40
C LYS C 69 -16.88 -26.11 29.02
N LEU C 70 -16.69 -25.95 27.71
CA LEU C 70 -15.45 -25.41 27.15
C LEU C 70 -15.15 -24.01 27.69
N LEU C 71 -16.19 -23.19 27.79
CA LEU C 71 -16.08 -21.82 28.29
C LEU C 71 -16.58 -21.73 29.75
N GLY C 72 -16.34 -22.80 30.50
CA GLY C 72 -16.93 -22.97 31.82
C GLY C 72 -18.45 -22.98 31.71
N ASP C 73 -19.11 -22.64 32.81
CA ASP C 73 -20.56 -22.49 32.82
C ASP C 73 -21.03 -21.16 32.22
N VAL C 74 -21.89 -21.26 31.21
CA VAL C 74 -22.49 -20.11 30.52
C VAL C 74 -23.95 -19.98 31.00
N VAL C 75 -24.44 -18.76 31.22
CA VAL C 75 -25.78 -18.59 31.80
C VAL C 75 -26.94 -18.94 30.88
N ASP C 76 -26.73 -18.76 29.57
CA ASP C 76 -27.76 -19.05 28.58
C ASP C 76 -27.72 -20.50 28.05
N THR C 77 -28.88 -21.13 28.08
CA THR C 77 -29.11 -22.39 27.39
C THR C 77 -29.50 -22.04 25.96
N MET C 78 -29.72 -23.04 25.11
CA MET C 78 -30.24 -22.78 23.78
C MET C 78 -31.64 -22.17 23.91
N GLU C 79 -32.42 -22.64 24.86
CA GLU C 79 -33.71 -22.02 25.17
C GLU C 79 -33.61 -20.51 25.42
N HIS C 80 -32.72 -20.12 26.35
CA HIS C 80 -32.57 -18.71 26.71
C HIS C 80 -32.05 -17.87 25.55
N ALA C 81 -31.07 -18.41 24.82
CA ALA C 81 -30.44 -17.68 23.72
C ALA C 81 -31.37 -17.46 22.53
N THR C 82 -32.19 -18.46 22.20
CA THR C 82 -33.17 -18.33 21.12
C THR C 82 -34.32 -17.38 21.50
N ARG C 83 -34.72 -17.39 22.77
CA ARG C 83 -35.73 -16.46 23.25
C ARG C 83 -35.21 -15.03 23.12
N SER C 84 -33.95 -14.83 23.48
CA SER C 84 -33.32 -13.51 23.40
C SER C 84 -33.15 -13.06 21.95
N ALA C 85 -32.67 -13.98 21.10
CA ALA C 85 -32.54 -13.76 19.67
C ALA C 85 -33.83 -13.21 19.06
N VAL C 86 -34.92 -13.94 19.27
CA VAL C 86 -36.24 -13.60 18.76
C VAL C 86 -36.76 -12.24 19.28
N ALA C 87 -36.52 -11.92 20.55
CA ALA C 87 -36.90 -10.61 21.11
C ALA C 87 -36.17 -9.45 20.43
N GLY C 88 -35.08 -9.76 19.75
CA GLY C 88 -34.28 -8.77 19.04
C GLY C 88 -34.21 -8.97 17.54
N GLY C 89 -35.14 -9.77 17.00
CA GLY C 89 -35.29 -9.91 15.56
C GLY C 89 -34.36 -10.88 14.85
N THR C 90 -33.66 -11.72 15.62
CA THR C 90 -32.79 -12.77 15.07
C THR C 90 -33.59 -14.07 15.10
N THR C 91 -33.62 -14.80 13.98
CA THR C 91 -34.50 -15.97 13.85
C THR C 91 -33.73 -17.28 13.56
N THR C 92 -32.41 -17.18 13.47
CA THR C 92 -31.54 -18.34 13.38
C THR C 92 -30.26 -18.02 14.12
N VAL C 93 -29.85 -18.93 15.00
CA VAL C 93 -28.57 -18.82 15.69
C VAL C 93 -27.70 -20.02 15.33
N VAL C 94 -26.39 -19.78 15.20
CA VAL C 94 -25.45 -20.86 15.05
C VAL C 94 -24.47 -20.82 16.22
N ALA C 95 -24.54 -21.86 17.04
CA ALA C 95 -23.67 -22.02 18.18
C ALA C 95 -22.52 -22.97 17.85
N PHE C 96 -21.88 -23.50 18.90
CA PHE C 96 -20.65 -24.26 18.74
C PHE C 96 -20.67 -25.59 19.46
N SER C 97 -20.18 -26.62 18.76
CA SER C 97 -20.02 -27.96 19.30
C SER C 97 -18.56 -28.15 19.67
N THR C 98 -18.31 -28.46 20.95
CA THR C 98 -16.96 -28.69 21.45
C THR C 98 -16.48 -30.09 21.11
N GLN C 99 -15.36 -30.18 20.41
CA GLN C 99 -14.70 -31.47 20.15
C GLN C 99 -14.55 -32.25 21.45
N ASP C 100 -15.04 -33.49 21.45
CA ASP C 100 -14.93 -34.38 22.59
C ASP C 100 -13.73 -35.29 22.38
N VAL C 101 -12.61 -34.94 23.01
CA VAL C 101 -11.35 -35.67 22.85
C VAL C 101 -11.38 -37.07 23.46
N SER C 102 -12.47 -37.36 24.18
CA SER C 102 -12.72 -38.70 24.70
C SER C 102 -13.28 -39.62 23.60
N LYS C 103 -14.01 -39.04 22.64
CA LYS C 103 -14.52 -39.81 21.49
C LYS C 103 -13.40 -40.08 20.47
N LYS C 104 -13.31 -41.33 20.02
CA LYS C 104 -12.26 -41.74 19.09
C LYS C 104 -12.83 -42.29 17.76
N GLY C 105 -11.97 -42.46 16.76
CA GLY C 105 -12.36 -43.08 15.50
C GLY C 105 -13.14 -42.17 14.56
N PRO C 106 -13.61 -42.73 13.42
CA PRO C 106 -14.32 -42.00 12.37
C PRO C 106 -15.53 -41.19 12.83
N SER C 107 -16.19 -41.63 13.89
CA SER C 107 -17.40 -40.95 14.36
C SER C 107 -17.14 -39.94 15.48
N ALA C 108 -15.87 -39.71 15.81
CA ALA C 108 -15.48 -38.89 16.97
C ALA C 108 -16.09 -37.48 16.97
N LEU C 109 -16.22 -36.89 15.79
CA LEU C 109 -16.69 -35.51 15.69
C LEU C 109 -18.22 -35.43 15.56
N ALA C 110 -18.82 -36.41 14.88
CA ALA C 110 -20.27 -36.53 14.83
C ALA C 110 -20.84 -36.74 16.23
N GLU C 111 -20.12 -37.52 17.03
CA GLU C 111 -20.45 -37.77 18.42
C GLU C 111 -20.32 -36.54 19.30
N SER C 112 -19.40 -35.65 18.95
CA SER C 112 -19.27 -34.34 19.61
C SER C 112 -20.50 -33.45 19.40
N VAL C 113 -21.04 -33.48 18.17
CA VAL C 113 -22.25 -32.73 17.82
C VAL C 113 -23.48 -33.35 18.48
N LYS C 114 -23.50 -34.69 18.54
CA LYS C 114 -24.59 -35.43 19.14
C LYS C 114 -24.89 -34.96 20.56
N LEU C 115 -23.86 -34.65 21.34
CA LEU C 115 -24.03 -34.23 22.72
C LEU C 115 -24.91 -32.99 22.83
N ASP C 116 -24.66 -32.03 21.94
CA ASP C 116 -25.38 -30.77 21.93
C ASP C 116 -26.81 -30.90 21.41
N VAL C 117 -26.95 -31.57 20.27
CA VAL C 117 -28.25 -31.79 19.66
C VAL C 117 -29.20 -32.52 20.63
N ASP C 118 -28.68 -33.56 21.30
CA ASP C 118 -29.45 -34.31 22.29
C ASP C 118 -29.86 -33.47 23.51
N GLU C 119 -28.92 -32.68 24.03
CA GLU C 119 -29.14 -31.79 25.15
C GLU C 119 -30.24 -30.76 24.82
N TYR C 120 -30.15 -30.16 23.65
CA TYR C 120 -31.04 -29.06 23.29
C TYR C 120 -32.42 -29.54 22.80
N SER C 121 -32.50 -30.79 22.35
CA SER C 121 -33.78 -31.33 21.86
C SER C 121 -34.79 -31.41 22.99
N GLU C 122 -34.30 -31.23 24.21
CA GLU C 122 -35.10 -31.37 25.40
C GLU C 122 -35.54 -29.99 25.94
N GLN C 123 -35.07 -28.92 25.28
CA GLN C 123 -35.39 -27.55 25.67
C GLN C 123 -36.43 -26.93 24.74
N THR C 124 -37.14 -25.90 25.23
CA THR C 124 -38.04 -25.11 24.39
C THR C 124 -37.20 -24.21 23.50
N LEU C 125 -37.33 -24.38 22.19
CA LEU C 125 -36.56 -23.58 21.26
C LEU C 125 -37.47 -22.60 20.51
N TYR C 126 -37.09 -21.33 20.55
CA TYR C 126 -37.91 -20.23 20.00
C TYR C 126 -37.63 -19.99 18.53
N CYS C 127 -36.44 -20.38 18.08
CA CYS C 127 -36.06 -20.37 16.68
C CYS C 127 -35.07 -21.50 16.37
N ASP C 128 -34.77 -21.68 15.07
CA ASP C 128 -33.85 -22.71 14.63
C ASP C 128 -32.42 -22.41 15.02
N TYR C 129 -31.63 -23.47 15.16
CA TYR C 129 -30.22 -23.35 15.49
C TYR C 129 -29.40 -24.36 14.71
N GLY C 130 -28.22 -23.93 14.27
CA GLY C 130 -27.22 -24.82 13.70
C GLY C 130 -26.01 -24.84 14.62
N LEU C 131 -25.04 -25.69 14.29
CA LEU C 131 -23.82 -25.76 15.08
C LEU C 131 -22.56 -25.74 14.23
N HIS C 132 -21.59 -24.94 14.67
CA HIS C 132 -20.21 -25.03 14.20
C HIS C 132 -19.49 -26.05 15.06
N LEU C 133 -18.44 -26.65 14.51
CA LEU C 133 -17.59 -27.57 15.25
C LEU C 133 -16.32 -26.84 15.67
N ILE C 134 -15.97 -26.92 16.95
CA ILE C 134 -14.69 -26.38 17.44
C ILE C 134 -13.62 -27.47 17.48
N LEU C 135 -12.49 -27.23 16.83
CA LEU C 135 -11.35 -28.16 16.85
C LEU C 135 -10.13 -27.62 17.61
N PHE C 136 -9.65 -28.38 18.59
CA PHE C 136 -8.46 -27.98 19.37
C PHE C 136 -7.43 -29.10 19.52
N GLN C 137 -7.79 -30.32 19.16
CA GLN C 137 -6.87 -31.44 19.22
C GLN C 137 -6.74 -32.08 17.85
N ILE C 138 -5.59 -31.87 17.22
CA ILE C 138 -5.33 -32.39 15.88
C ILE C 138 -4.17 -33.37 15.93
N GLU C 139 -4.37 -34.52 15.29
CA GLU C 139 -3.39 -35.61 15.31
C GLU C 139 -2.18 -35.29 14.45
N LYS C 140 -1.02 -35.86 14.80
CA LYS C 140 0.19 -35.68 14.03
C LYS C 140 0.77 -37.08 13.78
N PRO C 141 1.63 -37.26 12.75
CA PRO C 141 2.05 -36.31 11.73
C PRO C 141 0.91 -35.88 10.80
N SER C 142 1.21 -34.89 9.95
CA SER C 142 0.22 -34.28 9.07
C SER C 142 -0.54 -35.26 8.18
N VAL C 143 0.19 -36.20 7.55
CA VAL C 143 -0.40 -37.12 6.57
C VAL C 143 -1.52 -37.98 7.18
N GLU C 144 -1.29 -38.47 8.40
CA GLU C 144 -2.32 -39.15 9.18
C GLU C 144 -3.40 -38.17 9.69
N ALA C 145 -2.95 -37.06 10.27
CA ALA C 145 -3.80 -35.98 10.79
C ALA C 145 -4.90 -35.58 9.83
N ARG C 146 -4.47 -35.21 8.62
CA ARG C 146 -5.36 -34.75 7.55
C ARG C 146 -6.31 -35.85 7.00
N GLU C 147 -5.95 -37.13 7.19
CA GLU C 147 -6.72 -38.25 6.63
C GLU C 147 -7.87 -38.81 7.47
N LEU C 148 -7.67 -38.90 8.79
CA LEU C 148 -8.74 -39.31 9.70
C LEU C 148 -9.67 -38.12 9.85
N LEU C 149 -9.08 -36.92 9.85
CA LEU C 149 -9.86 -35.68 9.90
C LEU C 149 -10.81 -35.58 8.71
N ASP C 150 -10.36 -36.08 7.56
CA ASP C 150 -11.20 -36.17 6.36
C ASP C 150 -12.47 -36.96 6.68
N VAL C 151 -12.29 -38.22 7.07
CA VAL C 151 -13.39 -39.14 7.39
C VAL C 151 -14.26 -38.66 8.54
N GLN C 152 -13.63 -38.06 9.54
CA GLN C 152 -14.34 -37.50 10.70
C GLN C 152 -15.21 -36.31 10.33
N LEU C 153 -14.74 -35.49 9.39
CA LEU C 153 -15.54 -34.37 8.89
C LEU C 153 -16.71 -34.83 8.03
N GLN C 154 -16.45 -35.82 7.17
CA GLN C 154 -17.50 -36.47 6.38
C GLN C 154 -18.62 -36.95 7.28
N ALA C 155 -18.28 -37.67 8.36
CA ALA C 155 -19.26 -38.18 9.32
C ALA C 155 -20.05 -37.05 10.00
N ALA C 156 -19.34 -36.01 10.42
CA ALA C 156 -19.99 -34.85 11.04
C ALA C 156 -21.02 -34.24 10.08
N TYR C 157 -20.63 -34.03 8.82
CA TYR C 157 -21.53 -33.51 7.80
C TYR C 157 -22.65 -34.48 7.45
N ASN C 158 -22.32 -35.76 7.24
CA ASN C 158 -23.31 -36.76 6.83
C ASN C 158 -24.36 -37.02 7.92
N ASP C 159 -23.94 -37.09 9.18
CA ASP C 159 -24.86 -37.36 10.27
C ASP C 159 -25.64 -36.13 10.74
N TYR C 160 -25.01 -34.96 10.74
CA TYR C 160 -25.58 -33.78 11.41
C TYR C 160 -25.61 -32.48 10.60
N GLY C 161 -25.14 -32.54 9.36
CA GLY C 161 -25.09 -31.35 8.51
C GLY C 161 -24.27 -30.21 9.07
N VAL C 162 -23.18 -30.55 9.73
CA VAL C 162 -22.21 -29.56 10.17
C VAL C 162 -21.20 -29.41 9.03
N SER C 163 -21.04 -28.18 8.56
CA SER C 163 -20.17 -27.89 7.42
C SER C 163 -19.19 -26.74 7.73
N SER C 164 -19.06 -26.42 9.01
CA SER C 164 -18.12 -25.38 9.42
C SER C 164 -17.27 -25.85 10.59
N VAL C 165 -16.01 -25.41 10.59
CA VAL C 165 -15.07 -25.76 11.64
C VAL C 165 -14.38 -24.49 12.16
N KCX C 166 -14.37 -24.34 13.49
CA KCX C 166 -13.77 -23.15 14.11
CB KCX C 166 -14.79 -22.46 15.02
CG KCX C 166 -14.21 -21.60 16.14
CD KCX C 166 -13.99 -20.15 15.71
CE KCX C 166 -13.77 -19.26 16.92
NZ KCX C 166 -14.88 -19.28 17.94
C KCX C 166 -12.51 -23.53 14.89
O KCX C 166 -12.50 -24.52 15.63
N MET C 167 -11.45 -22.75 14.67
CA MET C 167 -10.15 -22.99 15.29
C MET C 167 -9.60 -21.72 15.90
N PHE C 168 -8.70 -21.88 16.88
CA PHE C 168 -8.15 -20.76 17.63
C PHE C 168 -6.65 -20.66 17.45
N MET C 169 -6.14 -19.44 17.42
CA MET C 169 -4.71 -19.19 17.37
C MET C 169 -4.23 -18.62 18.71
N THR C 170 -5.17 -18.54 19.66
CA THR C 170 -4.92 -18.03 21.02
C THR C 170 -5.71 -18.86 22.05
N TYR C 171 -5.55 -18.55 23.35
CA TYR C 171 -6.18 -19.29 24.47
C TYR C 171 -5.45 -20.60 24.80
N PRO C 172 -4.99 -20.74 26.06
CA PRO C 172 -4.39 -21.99 26.53
C PRO C 172 -5.37 -23.17 26.39
N GLY C 173 -4.95 -24.23 25.71
CA GLY C 173 -5.81 -25.41 25.54
C GLY C 173 -6.65 -25.37 24.27
N LEU C 174 -6.75 -24.18 23.67
CA LEU C 174 -7.47 -24.01 22.42
C LEU C 174 -6.52 -23.71 21.28
N GLN C 175 -5.54 -22.86 21.56
CA GLN C 175 -4.53 -22.46 20.57
C GLN C 175 -3.91 -23.67 19.88
N ILE C 176 -3.91 -23.67 18.55
CA ILE C 176 -3.21 -24.72 17.81
C ILE C 176 -2.14 -24.12 16.90
N SER C 177 -1.08 -24.90 16.65
CA SER C 177 0.03 -24.49 15.81
C SER C 177 -0.40 -24.32 14.36
N ASP C 178 0.42 -23.57 13.60
CA ASP C 178 0.21 -23.39 12.16
C ASP C 178 0.23 -24.72 11.44
N TYR C 179 1.10 -25.62 11.90
CA TYR C 179 1.21 -26.97 11.36
C TYR C 179 -0.14 -27.68 11.44
N ASP C 180 -0.77 -27.63 12.61
CA ASP C 180 -2.10 -28.24 12.81
C ASP C 180 -3.21 -27.56 12.03
N ILE C 181 -3.12 -26.23 11.88
CA ILE C 181 -4.09 -25.49 11.08
C ILE C 181 -4.04 -25.98 9.62
N MET C 182 -2.83 -26.16 9.10
CA MET C 182 -2.65 -26.66 7.75
C MET C 182 -3.27 -28.04 7.59
N SER C 183 -3.05 -28.92 8.56
CA SER C 183 -3.66 -30.26 8.57
C SER C 183 -5.19 -30.20 8.50
N ALA C 184 -5.78 -29.31 9.31
CA ALA C 184 -7.23 -29.10 9.31
C ALA C 184 -7.72 -28.46 8.00
N MET C 185 -6.99 -27.47 7.49
CA MET C 185 -7.29 -26.84 6.20
C MET C 185 -7.29 -27.82 5.04
N TYR C 186 -6.39 -28.80 5.09
CA TYR C 186 -6.33 -29.83 4.08
C TYR C 186 -7.64 -30.58 4.04
N ALA C 187 -8.15 -30.90 5.23
CA ALA C 187 -9.39 -31.64 5.38
C ALA C 187 -10.61 -30.82 5.02
N THR C 188 -10.66 -29.56 5.46
CA THR C 188 -11.85 -28.72 5.26
C THR C 188 -12.05 -28.33 3.80
N ARG C 189 -10.95 -28.05 3.10
CA ARG C 189 -10.98 -27.72 1.68
C ARG C 189 -11.47 -28.91 0.88
N LYS C 190 -10.94 -30.09 1.19
CA LYS C 190 -11.35 -31.33 0.53
C LYS C 190 -12.85 -31.57 0.71
N ASN C 191 -13.38 -31.11 1.84
CA ASN C 191 -14.78 -31.34 2.20
C ASN C 191 -15.70 -30.14 1.98
N GLY C 192 -15.16 -29.07 1.40
CA GLY C 192 -15.94 -27.87 1.12
C GLY C 192 -16.52 -27.20 2.36
N PHE C 193 -15.82 -27.36 3.49
CA PHE C 193 -16.24 -26.78 4.77
C PHE C 193 -15.94 -25.30 4.82
N THR C 194 -16.65 -24.58 5.67
CA THR C 194 -16.32 -23.21 5.98
C THR C 194 -15.34 -23.23 7.14
N THR C 195 -14.14 -22.70 6.89
CA THR C 195 -13.10 -22.71 7.90
C THR C 195 -13.07 -21.37 8.62
N MET C 196 -13.17 -21.42 9.95
CA MET C 196 -13.23 -20.21 10.77
C MET C 196 -12.01 -20.11 11.69
N LEU C 197 -11.45 -18.91 11.80
CA LEU C 197 -10.30 -18.69 12.68
C LEU C 197 -10.51 -17.51 13.64
N HIS C 198 -10.17 -17.75 14.91
CA HIS C 198 -9.97 -16.69 15.88
C HIS C 198 -8.48 -16.31 15.80
N ALA C 199 -8.17 -15.22 15.11
CA ALA C 199 -6.79 -14.86 14.81
C ALA C 199 -6.20 -13.78 15.71
N GLU C 200 -5.70 -14.22 16.87
CA GLU C 200 -4.83 -13.44 17.73
C GLU C 200 -3.61 -14.29 18.01
N ASN C 201 -2.43 -13.68 18.07
CA ASN C 201 -1.20 -14.39 18.44
C ASN C 201 -1.21 -14.74 19.93
N GLY C 202 -1.42 -16.03 20.23
CA GLY C 202 -1.49 -16.53 21.60
C GLY C 202 -0.21 -16.38 22.41
N ASP C 203 0.93 -16.60 21.75
CA ASP C 203 2.26 -16.42 22.34
C ASP C 203 2.46 -15.00 22.83
N MET C 204 2.10 -14.02 22.01
CA MET C 204 2.24 -12.61 22.38
C MET C 204 1.28 -12.21 23.51
N VAL C 205 0.05 -12.72 23.43
CA VAL C 205 -0.95 -12.51 24.48
C VAL C 205 -0.46 -13.06 25.81
N LYS C 206 0.01 -14.31 25.78
CA LYS C 206 0.51 -15.01 26.96
C LYS C 206 1.69 -14.25 27.58
N TRP C 207 2.70 -13.94 26.77
CA TRP C 207 3.88 -13.20 27.25
C TRP C 207 3.52 -11.88 27.91
N MET C 208 2.66 -11.11 27.25
CA MET C 208 2.27 -9.77 27.69
C MET C 208 1.40 -9.78 28.96
N ILE C 209 0.58 -10.83 29.11
CA ILE C 209 -0.21 -11.01 30.33
C ILE C 209 0.72 -11.18 31.54
N GLU C 210 1.71 -12.06 31.39
CA GLU C 210 2.69 -12.31 32.44
C GLU C 210 3.50 -11.06 32.77
N ALA C 211 3.88 -10.30 31.75
CA ALA C 211 4.61 -9.05 31.93
C ALA C 211 3.82 -8.02 32.76
N LEU C 212 2.51 -7.93 32.49
CA LEU C 212 1.63 -6.97 33.18
C LEU C 212 1.40 -7.38 34.63
N GLU C 213 1.16 -8.67 34.84
CA GLU C 213 0.95 -9.23 36.17
C GLU C 213 2.16 -9.02 37.06
N GLU C 214 3.35 -9.15 36.47
CA GLU C 214 4.60 -8.91 37.14
C GLU C 214 4.70 -7.48 37.67
N GLN C 215 4.06 -6.54 36.97
CA GLN C 215 4.00 -5.14 37.43
C GLN C 215 2.75 -4.84 38.25
N GLY C 216 1.94 -5.86 38.52
CA GLY C 216 0.71 -5.71 39.30
C GLY C 216 -0.41 -5.03 38.54
N LEU C 217 -0.31 -5.03 37.22
CA LEU C 217 -1.28 -4.37 36.35
C LEU C 217 -2.36 -5.37 35.94
N THR C 218 -3.27 -5.65 36.88
CA THR C 218 -4.21 -6.77 36.74
C THR C 218 -5.68 -6.39 36.68
N ASP C 219 -5.98 -5.09 36.72
CA ASP C 219 -7.36 -4.64 36.59
C ASP C 219 -7.90 -4.90 35.20
N ALA C 220 -9.23 -4.94 35.07
CA ALA C 220 -9.91 -5.32 33.82
C ALA C 220 -9.39 -4.57 32.60
N TYR C 221 -9.03 -3.30 32.78
CA TYR C 221 -8.57 -2.44 31.69
C TYR C 221 -7.34 -2.98 30.97
N TYR C 222 -6.48 -3.68 31.71
CA TYR C 222 -5.23 -4.18 31.15
C TYR C 222 -5.40 -5.43 30.28
N HIS C 223 -6.65 -5.92 30.20
CA HIS C 223 -6.98 -7.00 29.26
C HIS C 223 -6.71 -6.54 27.82
N GLY C 224 -7.11 -5.30 27.52
CA GLY C 224 -6.87 -4.67 26.23
C GLY C 224 -5.39 -4.42 25.98
N VAL C 225 -4.72 -3.89 27.01
CA VAL C 225 -3.28 -3.60 27.00
C VAL C 225 -2.45 -4.84 26.68
N SER C 226 -2.88 -5.99 27.19
CA SER C 226 -2.16 -7.25 27.01
C SER C 226 -2.18 -7.76 25.56
N ARG C 227 -3.04 -7.17 24.73
CA ARG C 227 -3.22 -7.67 23.38
C ARG C 227 -3.70 -6.58 22.40
N PRO C 228 -2.82 -5.61 22.08
CA PRO C 228 -3.17 -4.54 21.13
C PRO C 228 -3.46 -5.05 19.72
N SER C 229 -4.04 -4.19 18.89
CA SER C 229 -4.53 -4.58 17.56
C SER C 229 -3.51 -5.25 16.66
N ILE C 230 -2.25 -4.88 16.86
CA ILE C 230 -1.13 -5.42 16.09
C ILE C 230 -1.01 -6.95 16.25
N VAL C 231 -1.39 -7.44 17.43
CA VAL C 231 -1.42 -8.87 17.74
C VAL C 231 -2.49 -9.60 16.88
N GLU C 232 -3.69 -9.03 16.79
CA GLU C 232 -4.74 -9.53 15.89
C GLU C 232 -4.33 -9.39 14.43
N GLY C 233 -3.67 -8.29 14.10
CA GLY C 233 -3.18 -8.05 12.75
C GLY C 233 -2.21 -9.13 12.30
N GLU C 234 -1.20 -9.39 13.12
CA GLU C 234 -0.20 -10.43 12.88
C GLU C 234 -0.86 -11.79 12.60
N ALA C 235 -1.71 -12.24 13.51
CA ALA C 235 -2.25 -13.60 13.41
C ALA C 235 -3.12 -13.75 12.17
N THR C 236 -3.88 -12.70 11.87
CA THR C 236 -4.72 -12.66 10.70
C THR C 236 -3.88 -12.74 9.42
N ASN C 237 -2.78 -11.99 9.38
CA ASN C 237 -1.85 -12.07 8.28
C ASN C 237 -1.33 -13.49 8.09
N ARG C 238 -0.91 -14.09 9.20
CA ARG C 238 -0.35 -15.44 9.22
C ARG C 238 -1.39 -16.47 8.75
N ALA C 239 -2.64 -16.31 9.22
CA ALA C 239 -3.74 -17.18 8.82
C ALA C 239 -4.10 -17.07 7.33
N ILE C 240 -4.06 -15.85 6.77
CA ILE C 240 -4.25 -15.65 5.33
C ILE C 240 -3.13 -16.36 4.54
N THR C 241 -1.90 -16.26 5.02
CA THR C 241 -0.77 -16.93 4.39
C THR C 241 -0.96 -18.44 4.36
N LEU C 242 -1.45 -18.98 5.48
CA LEU C 242 -1.75 -20.41 5.57
C LEU C 242 -2.82 -20.78 4.55
N ALA C 243 -3.93 -20.02 4.55
CA ALA C 243 -5.06 -20.25 3.68
C ALA C 243 -4.72 -20.15 2.19
N THR C 244 -3.82 -19.23 1.87
CA THR C 244 -3.29 -19.07 0.51
C THR C 244 -2.49 -20.30 0.10
N THR C 245 -1.52 -20.68 0.93
CA THR C 245 -0.70 -21.85 0.69
C THR C 245 -1.56 -23.09 0.50
N MET C 246 -2.66 -23.14 1.25
CA MET C 246 -3.53 -24.31 1.29
C MET C 246 -4.74 -24.20 0.35
N ASP C 247 -4.82 -23.07 -0.38
CA ASP C 247 -5.98 -22.74 -1.24
C ASP C 247 -7.33 -22.99 -0.56
N THR C 248 -7.45 -22.52 0.67
CA THR C 248 -8.63 -22.84 1.46
C THR C 248 -9.39 -21.57 1.78
N PRO C 249 -10.69 -21.51 1.43
CA PRO C 249 -11.54 -20.40 1.85
C PRO C 249 -11.49 -20.27 3.36
N ILE C 250 -11.38 -19.04 3.85
CA ILE C 250 -11.27 -18.80 5.29
C ILE C 250 -12.12 -17.62 5.76
N LEU C 251 -12.69 -17.76 6.96
CA LEU C 251 -13.47 -16.70 7.59
C LEU C 251 -12.87 -16.33 8.94
N PHE C 252 -12.62 -15.04 9.15
CA PHE C 252 -12.14 -14.53 10.42
C PHE C 252 -13.30 -14.05 11.26
N VAL C 253 -13.40 -14.60 12.45
CA VAL C 253 -14.49 -14.26 13.36
C VAL C 253 -14.12 -13.04 14.20
N HIS C 254 -15.17 -12.38 14.72
CA HIS C 254 -15.05 -11.16 15.51
C HIS C 254 -13.80 -10.31 15.27
N VAL C 255 -13.66 -9.79 14.05
CA VAL C 255 -12.54 -8.87 13.69
C VAL C 255 -12.70 -7.49 14.34
N SER C 256 -11.64 -7.02 14.98
CA SER C 256 -11.69 -5.74 15.70
C SER C 256 -10.51 -4.83 15.40
N SER C 257 -9.52 -5.33 14.67
CA SER C 257 -8.26 -4.62 14.46
C SER C 257 -8.18 -3.99 13.07
N PRO C 258 -7.80 -2.69 13.00
CA PRO C 258 -7.58 -2.03 11.71
C PRO C 258 -6.54 -2.76 10.86
N GLN C 259 -5.47 -3.25 11.50
CA GLN C 259 -4.41 -4.00 10.83
C GLN C 259 -4.91 -5.31 10.24
N ALA C 260 -5.81 -5.97 10.96
CA ALA C 260 -6.39 -7.23 10.50
C ALA C 260 -7.34 -6.93 9.34
N ALA C 261 -8.17 -5.89 9.49
CA ALA C 261 -9.04 -5.44 8.41
C ALA C 261 -8.25 -5.10 7.13
N GLU C 262 -7.08 -4.48 7.31
CA GLU C 262 -6.19 -4.12 6.19
C GLU C 262 -5.71 -5.32 5.38
N VAL C 263 -5.22 -6.34 6.06
CA VAL C 263 -4.68 -7.50 5.34
C VAL C 263 -5.80 -8.34 4.76
N ILE C 264 -6.96 -8.34 5.43
CA ILE C 264 -8.17 -8.96 4.92
C ILE C 264 -8.57 -8.30 3.61
N LYS C 265 -8.70 -6.97 3.63
CA LYS C 265 -9.06 -6.18 2.47
C LYS C 265 -8.14 -6.49 1.29
N GLN C 266 -6.82 -6.50 1.54
CA GLN C 266 -5.82 -6.76 0.51
C GLN C 266 -5.98 -8.14 -0.14
N ALA C 267 -6.32 -9.13 0.66
CA ALA C 267 -6.59 -10.50 0.19
C ALA C 267 -7.83 -10.53 -0.69
N GLN C 268 -8.87 -9.82 -0.25
CA GLN C 268 -10.12 -9.74 -0.98
C GLN C 268 -9.92 -9.07 -2.37
N THR C 269 -9.13 -7.99 -2.39
CA THR C 269 -8.78 -7.29 -3.64
C THR C 269 -8.04 -8.23 -4.63
N LYS C 270 -7.20 -9.11 -4.08
CA LYS C 270 -6.49 -10.12 -4.88
C LYS C 270 -7.44 -11.19 -5.42
N GLY C 271 -8.63 -11.28 -4.83
CA GLY C 271 -9.63 -12.28 -5.22
C GLY C 271 -9.57 -13.54 -4.40
N LEU C 272 -8.73 -13.55 -3.39
CA LEU C 272 -8.63 -14.66 -2.45
C LEU C 272 -9.95 -14.82 -1.71
N LYS C 273 -10.35 -16.06 -1.45
CA LYS C 273 -11.59 -16.30 -0.74
C LYS C 273 -11.37 -16.12 0.77
N VAL C 274 -11.40 -14.85 1.19
CA VAL C 274 -11.18 -14.49 2.58
C VAL C 274 -12.39 -13.71 3.03
N TYR C 275 -13.14 -14.29 3.97
CA TYR C 275 -14.32 -13.62 4.51
C TYR C 275 -14.04 -13.18 5.93
N ALA C 276 -14.89 -12.30 6.45
CA ALA C 276 -14.70 -11.76 7.80
C ALA C 276 -16.03 -11.40 8.46
N GLU C 277 -16.02 -11.55 9.77
CA GLU C 277 -17.12 -11.16 10.61
C GLU C 277 -16.64 -10.09 11.59
N THR C 278 -17.46 -9.06 11.80
CA THR C 278 -17.27 -8.18 12.96
C THR C 278 -18.52 -8.21 13.85
N CYS C 279 -18.49 -7.43 14.94
CA CYS C 279 -19.53 -7.44 15.96
C CYS C 279 -19.89 -6.02 16.37
N PRO C 280 -21.17 -5.76 16.73
CA PRO C 280 -21.60 -4.42 17.10
C PRO C 280 -20.68 -3.72 18.13
N GLN C 281 -20.23 -4.46 19.14
CA GLN C 281 -19.37 -3.91 20.20
C GLN C 281 -18.08 -3.28 19.69
N TYR C 282 -17.59 -3.79 18.56
CA TYR C 282 -16.35 -3.28 17.96
C TYR C 282 -16.54 -1.99 17.15
N ALA C 283 -17.77 -1.71 16.75
CA ALA C 283 -18.10 -0.43 16.12
C ALA C 283 -18.67 0.57 17.12
N LEU C 284 -19.19 0.09 18.23
CA LEU C 284 -20.02 0.92 19.11
C LEU C 284 -19.37 1.33 20.42
N LEU C 285 -18.42 0.54 20.88
CA LEU C 285 -17.76 0.78 22.16
C LEU C 285 -16.26 0.94 21.98
N SER C 286 -15.68 1.74 22.87
CA SER C 286 -14.22 1.90 22.96
C SER C 286 -13.79 1.46 24.37
N ASP C 287 -12.50 1.21 24.53
CA ASP C 287 -12.00 0.62 25.78
C ASP C 287 -12.03 1.53 27.01
N ALA C 288 -12.45 2.78 26.83
CA ALA C 288 -12.66 3.70 27.94
C ALA C 288 -13.78 3.23 28.89
N ILE C 289 -14.67 2.39 28.38
CA ILE C 289 -15.77 1.82 29.15
C ILE C 289 -15.29 0.77 30.18
N THR C 290 -14.07 0.26 30.00
CA THR C 290 -13.51 -0.78 30.88
C THR C 290 -12.84 -0.22 32.14
N ARG C 291 -12.75 1.11 32.23
CA ARG C 291 -12.17 1.76 33.42
C ARG C 291 -12.69 3.19 33.65
N CYS C 292 -12.16 3.87 34.66
CA CYS C 292 -12.38 5.31 34.78
C CYS C 292 -11.19 6.11 35.33
N GLY C 302 -21.45 10.86 16.97
CA GLY C 302 -20.31 10.58 16.10
C GLY C 302 -20.37 9.22 15.41
N VAL C 303 -19.53 8.30 15.86
CA VAL C 303 -19.48 6.95 15.28
C VAL C 303 -20.36 5.94 16.00
N GLY C 304 -20.51 6.10 17.31
CA GLY C 304 -21.20 5.12 18.13
C GLY C 304 -21.92 5.63 19.37
N ILE C 305 -21.84 4.83 20.43
CA ILE C 305 -22.61 5.08 21.62
C ILE C 305 -21.92 6.10 22.53
N ASP C 306 -22.68 7.10 22.97
CA ASP C 306 -22.26 8.02 24.02
C ASP C 306 -22.07 7.19 25.29
N LEU C 307 -20.81 6.94 25.63
CA LEU C 307 -20.47 6.02 26.72
C LEU C 307 -20.98 6.48 28.08
N SER C 308 -21.21 7.78 28.24
CA SER C 308 -21.72 8.31 29.50
C SER C 308 -23.20 7.98 29.71
N SER C 309 -23.88 7.60 28.62
CA SER C 309 -25.30 7.26 28.67
C SER C 309 -25.56 5.80 29.09
N ILE C 310 -24.51 4.98 29.07
CA ILE C 310 -24.57 3.59 29.53
C ILE C 310 -24.71 3.56 31.05
N SER C 311 -25.69 2.81 31.55
CA SER C 311 -25.86 2.73 33.01
C SER C 311 -25.09 1.56 33.63
N GLU C 312 -24.71 1.73 34.88
CA GLU C 312 -24.00 0.72 35.67
C GLU C 312 -22.65 0.34 35.06
N SER C 313 -21.80 1.34 34.86
CA SER C 313 -20.45 1.15 34.31
C SER C 313 -19.44 1.83 35.23
N PRO C 314 -18.12 1.72 34.92
CA PRO C 314 -17.11 2.42 35.72
C PRO C 314 -17.38 3.92 35.88
N PHE C 315 -18.06 4.52 34.90
CA PHE C 315 -18.40 5.95 34.93
C PHE C 315 -19.44 6.25 36.01
N THR C 316 -20.46 5.41 36.09
CA THR C 316 -21.57 5.61 37.03
C THR C 316 -21.28 4.99 38.40
N ASN C 317 -20.57 3.87 38.40
CA ASN C 317 -20.14 3.21 39.65
C ASN C 317 -18.61 3.08 39.74
N PRO C 318 -17.91 4.19 40.04
CA PRO C 318 -16.44 4.18 40.00
C PRO C 318 -15.79 3.38 41.13
N ASP C 319 -16.51 3.20 42.24
CA ASP C 319 -16.04 2.42 43.40
C ASP C 319 -15.88 0.92 43.08
N ASP C 320 -16.81 0.39 42.28
CA ASP C 320 -16.78 -0.99 41.86
C ASP C 320 -15.64 -1.20 40.86
N ARG C 321 -14.48 -1.58 41.38
CA ARG C 321 -13.27 -1.74 40.57
C ARG C 321 -13.34 -2.91 39.59
N PHE C 322 -14.32 -3.79 39.79
CA PHE C 322 -14.43 -5.00 38.99
C PHE C 322 -15.46 -4.87 37.86
N ILE C 323 -16.23 -3.77 37.87
CA ILE C 323 -17.36 -3.59 36.93
C ILE C 323 -16.99 -3.54 35.43
N GLY C 324 -15.72 -3.25 35.14
CA GLY C 324 -15.20 -3.27 33.78
C GLY C 324 -15.28 -4.64 33.13
N SER C 325 -15.33 -5.68 33.97
CA SER C 325 -15.45 -7.07 33.51
C SER C 325 -16.70 -7.33 32.65
N LYS C 326 -17.75 -6.53 32.87
CA LYS C 326 -18.95 -6.53 32.05
C LYS C 326 -18.62 -6.38 30.55
N TYR C 327 -17.52 -5.69 30.26
CA TYR C 327 -17.16 -5.34 28.89
C TYR C 327 -15.89 -6.06 28.40
N ILE C 328 -15.43 -7.04 29.18
CA ILE C 328 -14.28 -7.85 28.79
C ILE C 328 -14.68 -8.98 27.82
N CYS C 329 -14.06 -8.97 26.64
CA CYS C 329 -14.28 -10.00 25.63
C CYS C 329 -12.99 -10.20 24.81
N SER C 330 -12.99 -11.19 23.91
CA SER C 330 -11.82 -11.43 23.04
C SER C 330 -12.19 -11.61 21.57
N PRO C 331 -11.60 -10.78 20.69
CA PRO C 331 -10.57 -9.78 21.03
C PRO C 331 -11.16 -8.61 21.85
N PRO C 332 -10.30 -7.82 22.53
CA PRO C 332 -10.85 -6.78 23.40
C PRO C 332 -11.55 -5.62 22.66
N ILE C 333 -12.47 -4.97 23.35
CA ILE C 333 -12.98 -3.66 22.94
C ILE C 333 -11.79 -2.72 22.83
N ARG C 334 -11.69 -2.07 21.66
CA ARG C 334 -10.48 -1.35 21.26
C ARG C 334 -10.45 0.09 21.73
N PRO C 335 -9.25 0.73 21.70
CA PRO C 335 -9.16 2.14 22.09
C PRO C 335 -9.96 3.06 21.15
N GLU C 336 -10.32 4.23 21.67
CA GLU C 336 -10.97 5.28 20.91
C GLU C 336 -10.25 5.58 19.58
N GLY C 337 -11.04 5.76 18.53
CA GLY C 337 -10.48 6.07 17.21
C GLY C 337 -10.47 4.87 16.28
N THR C 338 -10.64 3.67 16.83
CA THR C 338 -10.64 2.42 16.05
C THR C 338 -12.01 2.13 15.42
N GLN C 339 -13.06 2.60 16.09
CA GLN C 339 -14.46 2.21 15.81
C GLN C 339 -14.96 2.62 14.41
N LYS C 340 -14.50 3.78 13.94
CA LYS C 340 -14.86 4.29 12.62
C LYS C 340 -14.45 3.30 11.51
N SER C 341 -13.28 2.70 11.65
CA SER C 341 -12.76 1.79 10.63
C SER C 341 -13.58 0.49 10.57
N ILE C 342 -14.27 0.17 11.65
CA ILE C 342 -15.13 -1.01 11.69
C ILE C 342 -16.39 -0.79 10.84
N TRP C 343 -17.00 0.40 10.96
CA TRP C 343 -18.12 0.81 10.09
C TRP C 343 -17.70 0.86 8.62
N LYS C 344 -16.51 1.38 8.34
CA LYS C 344 -16.00 1.44 6.98
C LYS C 344 -15.86 0.06 6.37
N GLY C 345 -15.33 -0.88 7.14
CA GLY C 345 -15.23 -2.28 6.72
C GLY C 345 -16.58 -2.91 6.40
N MET C 346 -17.59 -2.58 7.19
CA MET C 346 -18.95 -3.06 6.97
C MET C 346 -19.56 -2.52 5.68
N ASN C 347 -19.24 -1.27 5.38
CA ASN C 347 -19.71 -0.62 4.17
C ASN C 347 -18.93 -0.99 2.90
N ASN C 348 -17.61 -1.20 3.02
CA ASN C 348 -16.75 -1.40 1.83
C ASN C 348 -16.55 -2.84 1.37
N GLY C 349 -17.16 -3.79 2.07
CA GLY C 349 -17.06 -5.19 1.69
C GLY C 349 -16.06 -6.03 2.47
N THR C 350 -15.35 -5.42 3.42
CA THR C 350 -14.39 -6.14 4.27
C THR C 350 -15.09 -7.18 5.15
N PHE C 351 -16.14 -6.76 5.86
CA PHE C 351 -16.88 -7.68 6.67
C PHE C 351 -18.07 -8.24 5.91
N THR C 352 -18.00 -9.56 5.68
CA THR C 352 -19.01 -10.31 4.98
C THR C 352 -20.26 -10.37 5.82
N ILE C 353 -20.07 -10.59 7.13
CA ILE C 353 -21.17 -10.79 8.07
C ILE C 353 -20.97 -10.03 9.40
N VAL C 354 -22.05 -9.92 10.16
CA VAL C 354 -21.99 -9.40 11.54
C VAL C 354 -22.67 -10.38 12.47
N GLY C 355 -21.95 -10.81 13.50
CA GLY C 355 -22.48 -11.65 14.58
C GLY C 355 -22.28 -10.95 15.92
N SER C 356 -22.69 -11.59 17.00
CA SER C 356 -22.63 -10.93 18.31
C SER C 356 -21.48 -11.41 19.18
N ASP C 357 -21.00 -12.62 18.90
CA ASP C 357 -20.12 -13.38 19.81
C ASP C 357 -20.75 -13.36 21.21
N HIS C 358 -22.05 -13.67 21.23
CA HIS C 358 -22.90 -13.72 22.42
C HIS C 358 -22.32 -14.73 23.39
N CYS C 359 -22.01 -14.28 24.60
CA CYS C 359 -21.41 -15.16 25.60
C CYS C 359 -21.61 -14.55 26.98
N SER C 360 -22.55 -15.11 27.72
CA SER C 360 -23.06 -14.44 28.91
C SER C 360 -22.61 -15.05 30.24
N TYR C 361 -22.16 -14.19 31.13
CA TYR C 361 -21.85 -14.54 32.50
C TYR C 361 -22.43 -13.46 33.40
N ASN C 362 -23.09 -13.87 34.48
CA ASN C 362 -23.75 -12.94 35.39
C ASN C 362 -22.79 -11.97 36.08
N TYR C 363 -23.27 -10.77 36.39
CA TYR C 363 -22.48 -9.83 37.17
C TYR C 363 -23.05 -9.57 38.56
N TYR C 364 -24.36 -9.63 38.71
CA TYR C 364 -25.00 -9.24 39.97
C TYR C 364 -25.26 -10.39 40.95
N GLU C 365 -24.92 -11.61 40.53
CA GLU C 365 -24.71 -12.71 41.46
C GLU C 365 -23.25 -13.13 41.33
N LYS C 366 -22.61 -13.37 42.46
CA LYS C 366 -21.17 -13.57 42.51
C LYS C 366 -20.75 -15.02 42.75
N THR C 367 -21.69 -15.88 43.13
CA THR C 367 -21.37 -17.18 43.70
C THR C 367 -21.41 -18.36 42.73
N SER C 368 -22.21 -18.26 41.65
CA SER C 368 -22.38 -19.39 40.75
C SER C 368 -21.15 -19.61 39.83
N THR C 369 -21.10 -20.78 39.22
CA THR C 369 -20.02 -21.17 38.31
C THR C 369 -20.10 -20.38 37.00
N ALA C 370 -21.23 -19.72 36.79
CA ALA C 370 -21.51 -18.94 35.58
C ALA C 370 -21.41 -17.43 35.81
N SER C 371 -20.83 -17.04 36.96
CA SER C 371 -20.64 -15.62 37.30
C SER C 371 -19.30 -15.06 36.78
N LYS C 372 -19.29 -13.77 36.46
CA LYS C 372 -18.06 -13.04 36.14
C LYS C 372 -17.08 -13.05 37.32
N HIS C 373 -17.63 -13.09 38.54
CA HIS C 373 -16.85 -13.07 39.79
C HIS C 373 -16.16 -14.41 40.09
N ARG C 374 -16.42 -15.39 39.22
CA ARG C 374 -15.66 -16.63 39.10
C ARG C 374 -14.15 -16.36 39.14
N ALA C 375 -13.75 -15.16 38.70
CA ALA C 375 -12.36 -14.68 38.73
C ALA C 375 -11.80 -14.53 40.15
N PHE C 376 -12.69 -14.42 41.13
CA PHE C 376 -12.30 -14.47 42.53
C PHE C 376 -12.50 -15.89 43.07
N ASP C 377 -11.38 -16.57 43.36
CA ASP C 377 -11.39 -17.93 43.88
C ASP C 377 -10.10 -18.12 44.70
N PRO C 378 -10.07 -17.56 45.92
CA PRO C 378 -8.84 -17.43 46.71
C PRO C 378 -8.10 -18.76 46.94
N GLU C 379 -8.85 -19.82 47.24
CA GLU C 379 -8.26 -21.15 47.51
C GLU C 379 -7.85 -21.87 46.23
N ASN C 380 -7.95 -21.15 45.11
CA ASN C 380 -7.51 -21.66 43.83
C ASN C 380 -6.51 -20.69 43.17
N ASN C 381 -5.99 -19.78 43.98
CA ASN C 381 -5.03 -18.73 43.56
C ASN C 381 -5.57 -17.74 42.51
N LYS C 382 -6.86 -17.41 42.61
CA LYS C 382 -7.50 -16.43 41.75
C LYS C 382 -8.02 -15.27 42.60
N ASN C 383 -7.59 -14.06 42.28
CA ASN C 383 -7.99 -12.88 43.03
C ASN C 383 -8.51 -11.73 42.17
N GLY C 384 -9.29 -12.10 41.14
CA GLY C 384 -9.97 -11.12 40.30
C GLY C 384 -9.12 -10.46 39.23
N GLU C 385 -7.94 -11.02 38.98
CA GLU C 385 -7.05 -10.55 37.90
C GLU C 385 -7.72 -10.75 36.55
N PHE C 386 -7.45 -9.84 35.60
CA PHE C 386 -8.14 -9.84 34.31
C PHE C 386 -8.05 -11.18 33.58
N ARG C 387 -6.91 -11.84 33.71
CA ARG C 387 -6.66 -13.17 33.15
C ARG C 387 -7.76 -14.17 33.50
N TYR C 388 -8.32 -14.03 34.71
CA TYR C 388 -9.32 -14.96 35.23
C TYR C 388 -10.78 -14.56 34.94
N ILE C 389 -10.97 -13.41 34.30
CA ILE C 389 -12.31 -12.93 33.97
C ILE C 389 -12.85 -13.73 32.77
N PRO C 390 -14.03 -14.37 32.94
CA PRO C 390 -14.67 -15.01 31.79
C PRO C 390 -14.99 -14.00 30.69
N ASN C 391 -14.44 -14.25 29.52
CA ASN C 391 -14.56 -13.35 28.37
C ASN C 391 -15.87 -13.50 27.62
N GLY C 392 -16.59 -12.38 27.45
CA GLY C 392 -17.81 -12.36 26.65
C GLY C 392 -18.82 -11.30 27.07
N LEU C 393 -19.63 -10.87 26.11
CA LEU C 393 -20.78 -10.01 26.34
C LEU C 393 -22.04 -10.67 25.82
N PRO C 394 -23.18 -10.44 26.51
CA PRO C 394 -24.50 -10.73 25.93
C PRO C 394 -24.72 -9.79 24.75
N GLY C 395 -25.18 -10.32 23.63
CA GLY C 395 -25.39 -9.49 22.45
C GLY C 395 -26.30 -10.01 21.37
N VAL C 396 -26.84 -11.21 21.54
CA VAL C 396 -27.72 -11.83 20.53
C VAL C 396 -29.03 -11.02 20.31
N CYS C 397 -29.52 -10.40 21.38
CA CYS C 397 -30.73 -9.61 21.30
C CYS C 397 -30.50 -8.26 20.64
N THR C 398 -29.48 -7.54 21.10
CA THR C 398 -29.28 -6.14 20.71
C THR C 398 -28.65 -5.96 19.33
N ARG C 399 -28.10 -7.04 18.77
CA ARG C 399 -27.38 -6.99 17.50
C ARG C 399 -28.14 -6.32 16.35
N MET C 400 -29.38 -6.73 16.10
CA MET C 400 -30.14 -6.20 14.98
C MET C 400 -30.61 -4.76 15.19
N PRO C 401 -31.23 -4.47 16.36
CA PRO C 401 -31.65 -3.09 16.61
C PRO C 401 -30.49 -2.10 16.69
N LEU C 402 -29.33 -2.55 17.18
CA LEU C 402 -28.15 -1.69 17.26
C LEU C 402 -27.66 -1.22 15.89
N LEU C 403 -27.68 -2.14 14.91
CA LEU C 403 -27.29 -1.78 13.55
C LEU C 403 -28.38 -1.00 12.84
N TYR C 404 -29.64 -1.33 13.12
CA TYR C 404 -30.77 -0.57 12.58
C TYR C 404 -30.65 0.90 12.98
N ASP C 405 -30.46 1.14 14.27
CA ASP C 405 -30.34 2.49 14.80
C ASP C 405 -29.00 3.11 14.42
N TYR C 406 -27.94 2.67 15.08
CA TYR C 406 -26.65 3.33 14.94
C TYR C 406 -26.05 3.14 13.55
N GLY C 407 -26.48 2.10 12.84
CA GLY C 407 -26.03 1.87 11.47
C GLY C 407 -26.84 2.66 10.45
N TYR C 408 -28.05 2.19 10.18
CA TYR C 408 -28.90 2.74 9.13
C TYR C 408 -29.45 4.13 9.47
N LEU C 409 -30.14 4.27 10.60
CA LEU C 409 -30.79 5.54 10.95
C LEU C 409 -29.79 6.68 11.18
N ARG C 410 -28.69 6.39 11.87
CA ARG C 410 -27.69 7.42 12.16
C ARG C 410 -26.63 7.55 11.06
N GLY C 411 -26.75 6.74 10.01
CA GLY C 411 -25.99 6.91 8.78
C GLY C 411 -24.59 6.32 8.74
N ASN C 412 -24.26 5.43 9.68
CA ASN C 412 -22.96 4.76 9.66
C ASN C 412 -22.88 3.63 8.65
N LEU C 413 -24.04 3.05 8.32
CA LEU C 413 -24.18 2.11 7.19
C LEU C 413 -24.86 2.81 6.01
N THR C 414 -24.47 2.45 4.79
CA THR C 414 -24.98 3.12 3.58
C THR C 414 -26.49 3.00 3.36
N SER C 415 -27.03 1.81 3.64
CA SER C 415 -28.45 1.57 3.40
C SER C 415 -28.97 0.43 4.26
N MET C 416 -30.29 0.23 4.19
CA MET C 416 -30.96 -0.96 4.75
C MET C 416 -30.55 -2.24 4.01
N MET C 417 -30.24 -2.13 2.72
CA MET C 417 -29.82 -3.28 1.93
C MET C 417 -28.50 -3.83 2.43
N LYS C 418 -27.56 -2.95 2.78
CA LYS C 418 -26.29 -3.39 3.38
C LYS C 418 -26.54 -4.08 4.72
N LEU C 419 -27.41 -3.50 5.52
CA LEU C 419 -27.81 -4.09 6.81
C LEU C 419 -28.30 -5.54 6.66
N VAL C 420 -29.25 -5.75 5.78
CA VAL C 420 -29.81 -7.07 5.52
C VAL C 420 -28.74 -8.00 4.95
N GLU C 421 -27.86 -7.46 4.11
CA GLU C 421 -26.81 -8.29 3.49
C GLU C 421 -25.91 -8.94 4.54
N ILE C 422 -25.47 -8.15 5.52
CA ILE C 422 -24.47 -8.59 6.51
C ILE C 422 -25.08 -9.27 7.73
N GLN C 423 -26.33 -8.91 8.04
CA GLN C 423 -27.04 -9.44 9.20
C GLN C 423 -27.84 -10.69 8.89
N CYS C 424 -28.24 -10.85 7.62
CA CYS C 424 -29.23 -11.89 7.28
C CYS C 424 -28.77 -12.79 6.15
N THR C 425 -28.51 -12.22 5.00
CA THR C 425 -28.36 -13.01 3.78
C THR C 425 -26.98 -13.66 3.66
N ASN C 426 -25.92 -12.88 3.86
CA ASN C 426 -24.54 -13.41 3.83
C ASN C 426 -24.27 -14.49 4.89
N PRO C 427 -24.74 -14.30 6.14
CA PRO C 427 -24.60 -15.41 7.12
C PRO C 427 -25.20 -16.75 6.63
N ALA C 428 -26.38 -16.70 6.02
CA ALA C 428 -27.01 -17.90 5.48
C ALA C 428 -26.19 -18.51 4.32
N LYS C 429 -25.67 -17.63 3.46
CA LYS C 429 -24.89 -18.05 2.29
C LYS C 429 -23.56 -18.67 2.65
N VAL C 430 -22.82 -18.03 3.56
CA VAL C 430 -21.49 -18.52 3.92
C VAL C 430 -21.54 -19.77 4.83
N TYR C 431 -22.68 -19.98 5.50
CA TYR C 431 -22.84 -21.15 6.37
C TYR C 431 -23.84 -22.20 5.90
N GLY C 432 -24.07 -22.27 4.59
CA GLY C 432 -24.87 -23.36 3.98
C GLY C 432 -26.32 -23.43 4.39
N MET C 433 -26.91 -22.28 4.74
CA MET C 433 -28.30 -22.23 5.16
C MET C 433 -29.17 -21.57 4.10
N TYR C 434 -28.54 -21.18 3.01
CA TYR C 434 -29.20 -20.47 1.92
C TYR C 434 -29.61 -21.50 0.85
N PRO C 435 -30.81 -21.33 0.24
CA PRO C 435 -31.83 -20.28 0.36
C PRO C 435 -32.92 -20.49 1.45
N GLN C 436 -32.91 -21.62 2.16
CA GLN C 436 -33.90 -21.88 3.19
C GLN C 436 -33.98 -20.70 4.16
N LYS C 437 -32.83 -20.11 4.44
CA LYS C 437 -32.72 -19.00 5.39
C LYS C 437 -32.12 -17.77 4.73
N GLY C 438 -32.39 -16.60 5.31
CA GLY C 438 -31.66 -15.37 4.98
C GLY C 438 -32.33 -14.37 4.05
N SER C 439 -33.41 -14.79 3.41
CA SER C 439 -34.09 -13.97 2.41
C SER C 439 -35.62 -14.04 2.50
N ILE C 440 -36.28 -13.50 1.47
CA ILE C 440 -37.74 -13.49 1.36
C ILE C 440 -38.12 -13.99 -0.04
N LEU C 441 -38.04 -15.31 -0.19
CA LEU C 441 -38.21 -15.96 -1.48
C LEU C 441 -39.44 -16.86 -1.51
N PRO C 442 -40.47 -16.47 -2.30
CA PRO C 442 -41.71 -17.24 -2.40
C PRO C 442 -41.46 -18.71 -2.74
N GLY C 443 -42.07 -19.60 -1.96
CA GLY C 443 -41.99 -21.03 -2.20
C GLY C 443 -40.71 -21.69 -1.72
N VAL C 444 -39.75 -20.88 -1.25
CA VAL C 444 -38.41 -21.35 -0.91
C VAL C 444 -37.99 -20.97 0.52
N SER C 445 -38.25 -19.74 0.92
CA SER C 445 -37.81 -19.24 2.23
C SER C 445 -38.67 -19.74 3.37
N ASP C 446 -38.04 -20.19 4.45
CA ASP C 446 -38.72 -20.29 5.72
C ASP C 446 -39.20 -18.87 5.99
N ALA C 447 -40.42 -18.75 6.49
CA ALA C 447 -41.02 -17.45 6.76
C ALA C 447 -40.45 -16.85 8.04
N ASP C 448 -39.18 -16.49 7.98
CA ASP C 448 -38.47 -15.86 9.09
C ASP C 448 -38.32 -14.38 8.80
N LEU C 449 -39.13 -13.57 9.47
CA LEU C 449 -39.29 -12.17 9.09
C LEU C 449 -39.39 -11.27 10.32
N VAL C 450 -38.93 -10.04 10.16
CA VAL C 450 -39.02 -9.03 11.21
C VAL C 450 -39.76 -7.82 10.65
N ILE C 451 -40.79 -7.38 11.37
CA ILE C 451 -41.53 -6.17 11.05
C ILE C 451 -41.10 -5.16 12.10
N TRP C 452 -40.49 -4.08 11.64
CA TRP C 452 -40.04 -3.01 12.52
C TRP C 452 -41.18 -2.02 12.81
N TYR C 453 -40.91 -1.02 13.64
CA TYR C 453 -41.85 0.08 13.83
C TYR C 453 -41.58 1.09 12.71
N PRO C 454 -42.60 1.91 12.36
CA PRO C 454 -42.38 2.92 11.30
C PRO C 454 -41.53 4.07 11.83
N ASP C 455 -40.59 4.55 11.03
CA ASP C 455 -39.60 5.52 11.47
C ASP C 455 -40.07 6.98 11.50
N ASP C 456 -40.84 7.40 10.50
CA ASP C 456 -41.20 8.82 10.45
C ASP C 456 -42.60 9.11 11.01
N SER C 457 -43.08 8.23 11.88
CA SER C 457 -44.41 8.31 12.43
C SER C 457 -44.49 9.20 13.67
N LYS C 458 -45.61 9.91 13.81
CA LYS C 458 -45.89 10.70 15.00
C LYS C 458 -46.80 9.90 15.95
N LYS C 459 -47.24 8.74 15.50
CA LYS C 459 -48.07 7.84 16.30
C LYS C 459 -47.27 7.26 17.48
N GLU C 460 -47.94 7.19 18.63
CA GLU C 460 -47.34 6.59 19.82
C GLU C 460 -47.48 5.07 19.81
N TYR C 461 -46.38 4.40 20.17
CA TYR C 461 -46.41 2.96 20.39
C TYR C 461 -45.89 2.69 21.79
N ASN C 462 -46.82 2.41 22.71
CA ASN C 462 -46.48 2.11 24.10
C ASN C 462 -45.51 0.93 24.23
N SER C 463 -45.61 -0.01 23.28
CA SER C 463 -44.83 -1.22 23.31
C SER C 463 -43.41 -1.02 22.78
N LYS C 464 -43.22 0.06 22.02
CA LYS C 464 -41.90 0.40 21.47
C LYS C 464 -40.97 0.91 22.58
N PRO C 465 -39.83 0.23 22.78
CA PRO C 465 -38.88 0.63 23.82
C PRO C 465 -38.07 1.86 23.40
N LYS C 466 -37.77 2.72 24.36
CA LYS C 466 -36.93 3.89 24.11
C LYS C 466 -35.48 3.62 24.53
N LEU C 467 -35.33 2.83 25.60
CA LEU C 467 -34.04 2.48 26.16
C LEU C 467 -33.84 0.97 26.09
N ILE C 468 -32.58 0.55 26.04
CA ILE C 468 -32.21 -0.86 26.22
C ILE C 468 -32.09 -1.14 27.71
N THR C 469 -32.83 -2.15 28.17
CA THR C 469 -32.76 -2.61 29.55
C THR C 469 -32.57 -4.13 29.57
N ASN C 470 -32.11 -4.65 30.70
CA ASN C 470 -31.91 -6.09 30.85
C ASN C 470 -33.19 -6.92 30.62
N LYS C 471 -34.32 -6.43 31.14
CA LYS C 471 -35.63 -7.07 31.00
C LYS C 471 -36.02 -7.25 29.52
N LEU C 472 -35.73 -6.24 28.71
CA LEU C 472 -35.99 -6.25 27.26
C LEU C 472 -35.25 -7.38 26.54
N MET C 473 -34.17 -7.87 27.14
CA MET C 473 -33.31 -8.87 26.51
C MET C 473 -33.93 -10.27 26.45
N GLU C 474 -34.82 -10.57 27.40
CA GLU C 474 -35.48 -11.88 27.49
C GLU C 474 -34.46 -13.03 27.60
N HIS C 475 -33.34 -12.74 28.22
CA HIS C 475 -32.27 -13.74 28.38
C HIS C 475 -32.15 -14.17 29.85
N ASN C 476 -31.18 -15.04 30.12
CA ASN C 476 -30.96 -15.57 31.46
C ASN C 476 -29.82 -14.87 32.22
N CYS C 477 -29.27 -13.82 31.62
CA CYS C 477 -28.20 -13.02 32.24
C CYS C 477 -28.80 -11.86 33.01
N ASP C 478 -28.08 -11.37 34.02
CA ASP C 478 -28.57 -10.28 34.86
C ASP C 478 -28.12 -8.87 34.40
N TYR C 479 -27.44 -8.81 33.25
CA TYR C 479 -27.00 -7.53 32.68
C TYR C 479 -26.88 -7.59 31.16
N THR C 480 -26.92 -6.39 30.57
CA THR C 480 -26.53 -6.16 29.19
C THR C 480 -25.56 -4.99 29.20
N PRO C 481 -24.45 -5.09 28.43
CA PRO C 481 -23.50 -3.98 28.40
C PRO C 481 -24.11 -2.66 27.86
N PHE C 482 -25.22 -2.75 27.13
CA PHE C 482 -25.87 -1.58 26.53
C PHE C 482 -27.04 -1.03 27.40
N GLU C 483 -27.09 -1.45 28.66
CA GLU C 483 -28.06 -0.93 29.62
C GLU C 483 -28.12 0.60 29.63
N GLY C 484 -29.31 1.14 29.44
CA GLY C 484 -29.56 2.58 29.59
C GLY C 484 -29.50 3.42 28.33
N ILE C 485 -28.96 2.87 27.24
CA ILE C 485 -28.76 3.66 26.02
C ILE C 485 -30.04 3.77 25.23
N GLU C 486 -30.17 4.87 24.48
CA GLU C 486 -31.30 5.09 23.58
C GLU C 486 -31.29 4.10 22.41
N ILE C 487 -32.47 3.59 22.08
CA ILE C 487 -32.62 2.78 20.88
C ILE C 487 -33.85 3.28 20.11
N LYS C 488 -33.62 3.64 18.84
CA LYS C 488 -34.63 4.36 18.06
C LYS C 488 -35.59 3.47 17.29
N ASN C 489 -35.29 2.17 17.23
CA ASN C 489 -36.21 1.18 16.68
C ASN C 489 -36.00 -0.21 17.28
N TRP C 490 -37.02 -1.05 17.17
CA TRP C 490 -37.05 -2.39 17.73
C TRP C 490 -37.99 -3.25 16.88
N PRO C 491 -37.76 -4.58 16.82
CA PRO C 491 -38.78 -5.47 16.25
C PRO C 491 -40.14 -5.29 16.89
N ARG C 492 -41.16 -5.07 16.06
CA ARG C 492 -42.55 -5.03 16.49
C ARG C 492 -43.19 -6.42 16.37
N TYR C 493 -42.77 -7.16 15.36
CA TYR C 493 -43.14 -8.55 15.16
C TYR C 493 -41.89 -9.32 14.76
N THR C 494 -41.62 -10.43 15.42
CA THR C 494 -40.64 -11.40 14.94
C THR C 494 -41.41 -12.67 14.58
N ILE C 495 -41.37 -12.99 13.29
CA ILE C 495 -42.06 -14.15 12.73
C ILE C 495 -41.02 -15.24 12.47
N VAL C 496 -41.21 -16.40 13.08
CA VAL C 496 -40.30 -17.54 12.92
C VAL C 496 -41.09 -18.69 12.31
N LYS C 497 -40.64 -19.13 11.13
CA LYS C 497 -41.32 -20.17 10.34
C LYS C 497 -42.84 -19.99 10.25
N GLY C 498 -43.26 -18.78 9.93
CA GLY C 498 -44.66 -18.48 9.73
C GLY C 498 -45.45 -18.15 10.98
N LYS C 499 -44.82 -18.25 12.15
CA LYS C 499 -45.54 -18.01 13.40
C LYS C 499 -45.00 -16.80 14.13
N ILE C 500 -45.90 -15.98 14.67
CA ILE C 500 -45.50 -14.85 15.49
C ILE C 500 -45.00 -15.37 16.83
N VAL C 501 -43.70 -15.21 17.06
CA VAL C 501 -43.07 -15.66 18.29
C VAL C 501 -42.79 -14.46 19.20
N TYR C 502 -42.71 -13.28 18.59
CA TYR C 502 -42.53 -12.02 19.30
C TYR C 502 -43.45 -10.95 18.76
N LYS C 503 -44.24 -10.34 19.64
CA LYS C 503 -45.19 -9.30 19.24
C LYS C 503 -45.22 -8.19 20.27
N GLU C 504 -44.76 -7.01 19.86
CA GLU C 504 -44.90 -5.79 20.67
C GLU C 504 -44.47 -5.96 22.13
N GLY C 505 -43.27 -6.52 22.32
CA GLY C 505 -42.69 -6.69 23.64
C GLY C 505 -42.98 -8.01 24.33
N GLU C 506 -43.82 -8.85 23.72
CA GLU C 506 -44.20 -10.12 24.31
C GLU C 506 -43.68 -11.31 23.54
N ILE C 507 -43.07 -12.23 24.27
CA ILE C 507 -42.70 -13.54 23.74
C ILE C 507 -43.92 -14.47 23.77
N LEU C 508 -44.23 -15.07 22.62
CA LEU C 508 -45.36 -16.00 22.52
C LEU C 508 -44.85 -17.44 22.48
N LYS C 509 -44.63 -17.98 23.68
CA LYS C 509 -44.00 -19.29 23.89
C LYS C 509 -44.74 -20.46 23.21
N GLU C 510 -46.07 -20.38 23.13
CA GLU C 510 -46.87 -21.41 22.45
C GLU C 510 -46.50 -21.55 20.97
N ASN C 511 -45.86 -20.51 20.43
CA ASN C 511 -45.42 -20.51 19.04
C ASN C 511 -43.94 -20.87 18.86
N ALA C 512 -43.28 -21.20 19.96
CA ALA C 512 -41.89 -21.67 19.90
C ALA C 512 -41.82 -23.07 19.32
N ASP C 513 -41.20 -23.20 18.16
CA ASP C 513 -41.08 -24.50 17.52
C ASP C 513 -39.74 -24.64 16.78
N GLY C 514 -38.68 -24.11 17.39
CA GLY C 514 -37.34 -24.18 16.83
C GLY C 514 -36.77 -25.60 16.76
N LYS C 515 -35.88 -25.82 15.81
CA LYS C 515 -35.31 -27.14 15.57
C LYS C 515 -33.84 -27.05 15.22
N TYR C 516 -33.11 -28.13 15.49
CA TYR C 516 -31.75 -28.24 14.96
C TYR C 516 -31.75 -28.16 13.43
N LEU C 517 -30.78 -27.44 12.89
CA LEU C 517 -30.72 -27.16 11.48
C LEU C 517 -29.52 -27.85 10.81
N LYS C 518 -29.80 -28.87 10.01
CA LYS C 518 -28.78 -29.50 9.17
C LYS C 518 -28.41 -28.53 8.04
N ARG C 519 -27.13 -28.22 7.89
CA ARG C 519 -26.70 -27.26 6.88
C ARG C 519 -26.03 -27.94 5.69
N GLY C 520 -25.96 -27.22 4.58
CA GLY C 520 -25.31 -27.71 3.38
C GLY C 520 -23.92 -27.13 3.23
N LYS C 521 -23.26 -27.47 2.11
CA LYS C 521 -21.97 -26.88 1.78
C LYS C 521 -22.21 -25.48 1.18
N SER C 522 -21.45 -24.49 1.64
CA SER C 522 -21.57 -23.12 1.16
C SER C 522 -21.01 -23.00 -0.24
N PHE C 523 -21.74 -22.30 -1.11
CA PHE C 523 -21.27 -22.05 -2.48
C PHE C 523 -20.13 -21.04 -2.46
N MET C 524 -20.08 -20.25 -1.40
CA MET C 524 -19.00 -19.27 -1.18
C MET C 524 -17.65 -19.91 -0.82
N CYS C 525 -17.66 -21.19 -0.42
CA CYS C 525 -16.45 -21.85 0.08
C CYS C 525 -15.90 -22.97 -0.81
N THR C 526 -16.31 -23.03 -2.07
CA THR C 526 -15.60 -23.86 -3.04
C THR C 526 -14.25 -23.18 -3.29
N PRO C 527 -13.18 -23.97 -3.42
CA PRO C 527 -11.84 -23.37 -3.51
C PRO C 527 -11.61 -22.59 -4.78
N LYS C 528 -10.72 -21.60 -4.72
CA LYS C 528 -10.31 -20.81 -5.88
C LYS C 528 -9.50 -21.61 -6.91
N ASN C 529 -8.93 -22.72 -6.48
CA ASN C 529 -8.04 -23.52 -7.34
C ASN C 529 -6.81 -22.74 -7.78
N GLU C 530 -6.27 -21.96 -6.85
CA GLU C 530 -5.07 -21.20 -7.11
C GLU C 530 -4.01 -21.49 -6.06
N TRP C 531 -2.80 -21.70 -6.54
CA TRP C 531 -1.74 -22.21 -5.69
C TRP C 531 -0.49 -21.35 -5.78
N VAL C 532 0.31 -21.38 -4.71
CA VAL C 532 1.56 -20.66 -4.64
C VAL C 532 2.66 -21.39 -5.42
N THR C 533 2.62 -22.72 -5.40
CA THR C 533 3.63 -23.57 -6.03
C THR C 533 2.95 -24.59 -6.95
N GLU C 534 3.76 -25.48 -7.53
CA GLU C 534 3.24 -26.56 -8.36
C GLU C 534 2.58 -27.69 -7.56
N TRP C 535 2.76 -27.68 -6.24
CA TRP C 535 2.18 -28.71 -5.39
C TRP C 535 0.65 -28.65 -5.37
N ARG C 536 0.04 -29.83 -5.45
CA ARG C 536 -1.40 -30.04 -5.35
C ARG C 536 -1.65 -31.19 -4.38
N PRO C 537 -2.74 -31.11 -3.59
CA PRO C 537 -3.23 -32.24 -2.82
C PRO C 537 -3.40 -33.49 -3.69
N LYS C 538 -3.17 -34.65 -3.09
CA LYS C 538 -3.20 -35.92 -3.83
C LYS C 538 -4.53 -36.13 -4.56
N TYR C 539 -5.63 -35.69 -3.94
CA TYR C 539 -6.96 -35.92 -4.47
C TYR C 539 -7.34 -34.95 -5.59
N GLU C 540 -6.51 -33.94 -5.83
CA GLU C 540 -6.90 -32.78 -6.65
C GLU C 540 -6.80 -33.01 -8.17
N PRO D 1 62.22 4.83 7.17
CA PRO D 1 60.99 5.38 6.63
C PRO D 1 59.93 5.48 7.71
N ILE D 2 59.08 6.50 7.63
CA ILE D 2 58.11 6.74 8.70
C ILE D 2 56.78 5.99 8.54
N TYR D 3 56.53 5.47 7.34
CA TYR D 3 55.35 4.66 7.08
C TYR D 3 55.72 3.29 6.55
N ASP D 4 54.99 2.26 6.99
CA ASP D 4 55.17 0.92 6.48
C ASP D 4 54.77 0.81 5.01
N LEU D 5 53.70 1.51 4.66
CA LEU D 5 53.04 1.34 3.38
C LEU D 5 52.48 2.65 2.86
N ILE D 6 52.72 2.94 1.59
CA ILE D 6 52.07 4.04 0.89
C ILE D 6 51.35 3.50 -0.35
N ILE D 7 50.11 3.92 -0.53
CA ILE D 7 49.35 3.60 -1.73
C ILE D 7 49.14 4.85 -2.60
N LYS D 8 49.74 4.83 -3.78
CA LYS D 8 49.74 5.97 -4.71
C LYS D 8 48.88 5.71 -5.95
N ASN D 9 48.50 6.80 -6.62
CA ASN D 9 47.78 6.77 -7.91
C ASN D 9 46.43 6.03 -7.90
N GLY D 10 45.80 5.95 -6.73
CA GLY D 10 44.54 5.24 -6.59
C GLY D 10 43.37 6.16 -6.36
N ILE D 11 42.16 5.60 -6.51
CA ILE D 11 40.91 6.31 -6.27
C ILE D 11 40.25 5.71 -5.02
N ILE D 12 40.20 6.50 -3.96
CA ILE D 12 39.59 6.07 -2.72
C ILE D 12 38.07 6.06 -2.85
N CYS D 13 37.46 4.92 -2.50
CA CYS D 13 36.01 4.79 -2.44
CA CYS D 13 36.02 4.85 -2.42
C CYS D 13 35.57 4.51 -1.01
N THR D 14 34.67 5.33 -0.50
CA THR D 14 34.09 5.13 0.81
C THR D 14 32.60 4.96 0.61
N ALA D 15 31.84 4.89 1.70
CA ALA D 15 30.38 4.73 1.62
C ALA D 15 29.70 6.03 1.19
N SER D 16 30.45 7.12 1.13
CA SER D 16 29.89 8.41 0.72
C SER D 16 30.73 9.22 -0.28
N ASP D 17 31.98 8.83 -0.52
CA ASP D 17 32.87 9.61 -1.40
C ASP D 17 33.65 8.78 -2.39
N ILE D 18 33.90 9.35 -3.57
CA ILE D 18 34.83 8.78 -4.55
C ILE D 18 35.77 9.89 -4.99
N TYR D 19 37.08 9.67 -4.83
CA TYR D 19 38.07 10.68 -5.17
C TYR D 19 39.50 10.13 -5.25
N ALA D 20 40.31 10.80 -6.06
CA ALA D 20 41.71 10.46 -6.21
C ALA D 20 42.49 11.07 -5.06
N ALA D 21 43.17 10.21 -4.32
CA ALA D 21 44.02 10.62 -3.21
C ALA D 21 44.92 9.44 -2.83
N GLU D 22 45.90 9.71 -1.98
CA GLU D 22 46.88 8.70 -1.60
C GLU D 22 46.79 8.38 -0.11
N ILE D 23 47.18 7.16 0.26
CA ILE D 23 47.07 6.70 1.65
C ILE D 23 48.44 6.26 2.19
N ALA D 24 48.74 6.67 3.42
CA ALA D 24 49.89 6.17 4.17
C ALA D 24 49.44 5.31 5.36
N VAL D 25 50.11 4.17 5.52
CA VAL D 25 49.79 3.19 6.56
C VAL D 25 51.01 2.97 7.46
N ASN D 26 50.75 2.88 8.76
CA ASN D 26 51.81 2.63 9.74
C ASN D 26 51.24 1.98 10.98
N ASN D 27 51.98 1.00 11.52
CA ASN D 27 51.58 0.30 12.75
C ASN D 27 50.17 -0.33 12.65
N GLY D 28 49.87 -0.88 11.49
CA GLY D 28 48.62 -1.62 11.28
C GLY D 28 47.38 -0.77 11.03
N LYS D 29 47.58 0.55 10.94
CA LYS D 29 46.47 1.51 10.81
C LYS D 29 46.65 2.51 9.66
N VAL D 30 45.52 3.03 9.18
CA VAL D 30 45.51 4.17 8.27
C VAL D 30 46.04 5.37 9.04
N GLN D 31 47.00 6.07 8.46
CA GLN D 31 47.68 7.15 9.14
C GLN D 31 47.37 8.52 8.52
N LEU D 32 47.15 8.54 7.21
CA LEU D 32 47.11 9.79 6.49
C LEU D 32 46.43 9.64 5.12
N ILE D 33 45.62 10.63 4.77
CA ILE D 33 45.14 10.82 3.41
C ILE D 33 45.58 12.21 2.93
N ALA D 34 46.21 12.24 1.75
CA ALA D 34 46.70 13.46 1.12
C ALA D 34 46.75 13.28 -0.39
N ALA D 35 46.82 14.41 -1.12
CA ALA D 35 46.87 14.39 -2.59
C ALA D 35 48.06 13.61 -3.15
N SER D 36 49.23 13.82 -2.55
CA SER D 36 50.45 13.16 -2.99
C SER D 36 51.36 12.92 -1.79
N ILE D 37 51.80 11.67 -1.60
CA ILE D 37 52.71 11.35 -0.51
C ILE D 37 54.06 10.91 -1.07
N ASP D 38 55.11 11.59 -0.63
CA ASP D 38 56.48 11.30 -1.03
C ASP D 38 56.82 9.82 -0.85
N PRO D 39 57.09 9.11 -1.96
CA PRO D 39 57.37 7.66 -1.91
C PRO D 39 58.57 7.29 -1.03
N SER D 40 59.50 8.22 -0.79
CA SER D 40 60.64 7.97 0.07
C SER D 40 60.26 7.80 1.56
N LEU D 41 59.06 8.25 1.91
CA LEU D 41 58.58 8.17 3.29
C LEU D 41 58.03 6.80 3.67
N GLY D 42 57.89 5.90 2.68
CA GLY D 42 57.34 4.56 2.90
C GLY D 42 58.34 3.44 2.69
N SER D 43 58.19 2.37 3.46
CA SER D 43 59.03 1.18 3.32
C SER D 43 58.60 0.39 2.08
N GLU D 44 57.28 0.34 1.87
CA GLU D 44 56.69 -0.26 0.70
C GLU D 44 55.76 0.74 0.02
N VAL D 45 55.85 0.81 -1.31
CA VAL D 45 54.99 1.68 -2.10
C VAL D 45 54.23 0.87 -3.12
N ILE D 46 52.91 1.05 -3.14
CA ILE D 46 52.07 0.41 -4.14
C ILE D 46 51.47 1.43 -5.10
N ASP D 47 51.75 1.25 -6.39
CA ASP D 47 51.11 2.02 -7.44
C ASP D 47 49.79 1.34 -7.81
N ALA D 48 48.68 2.01 -7.49
CA ALA D 48 47.35 1.47 -7.75
C ALA D 48 46.95 1.56 -9.22
N GLU D 49 47.69 2.37 -9.98
CA GLU D 49 47.47 2.53 -11.44
C GLU D 49 46.05 2.94 -11.82
N GLY D 50 45.48 3.86 -11.04
CA GLY D 50 44.18 4.42 -11.34
C GLY D 50 43.01 3.61 -10.81
N ALA D 51 43.30 2.46 -10.21
CA ALA D 51 42.24 1.57 -9.70
C ALA D 51 41.59 2.10 -8.41
N PHE D 52 40.42 1.54 -8.10
CA PHE D 52 39.73 1.84 -6.87
C PHE D 52 40.44 1.24 -5.66
N ILE D 53 40.46 1.98 -4.56
CA ILE D 53 40.84 1.46 -3.26
C ILE D 53 39.57 1.46 -2.40
N THR D 54 39.16 0.29 -1.93
CA THR D 54 38.04 0.21 -1.03
C THR D 54 38.52 -0.22 0.36
N PRO D 55 37.67 -0.02 1.41
CA PRO D 55 37.99 -0.71 2.65
C PRO D 55 37.85 -2.20 2.39
N GLY D 56 38.49 -3.03 3.19
CA GLY D 56 38.27 -4.49 3.10
C GLY D 56 36.81 -4.82 3.39
N GLY D 57 36.29 -5.83 2.71
CA GLY D 57 34.94 -6.30 2.96
C GLY D 57 34.77 -6.83 4.38
N ILE D 58 33.59 -6.63 4.94
CA ILE D 58 33.27 -7.25 6.22
C ILE D 58 32.07 -8.18 6.03
N ASP D 59 32.33 -9.49 6.13
CA ASP D 59 31.30 -10.51 5.96
C ASP D 59 30.80 -11.01 7.32
N ALA D 60 29.62 -10.54 7.72
CA ALA D 60 29.09 -10.81 9.04
C ALA D 60 28.20 -12.07 9.11
N HIS D 61 28.25 -12.88 8.05
CA HIS D 61 27.48 -14.11 8.00
C HIS D 61 28.29 -15.23 7.37
N VAL D 62 29.23 -15.77 8.14
CA VAL D 62 30.07 -16.88 7.72
C VAL D 62 29.92 -18.05 8.70
N HIS D 63 29.80 -19.25 8.17
CA HIS D 63 29.76 -20.45 9.00
C HIS D 63 31.04 -21.24 8.84
N VAL D 64 31.64 -21.51 10.01
CA VAL D 64 32.91 -22.20 10.10
C VAL D 64 32.71 -23.47 10.93
N ASP D 65 33.61 -24.45 10.78
CA ASP D 65 33.57 -25.64 11.61
C ASP D 65 33.75 -25.27 13.09
N GLU D 66 32.87 -25.77 13.95
CA GLU D 66 32.92 -25.45 15.38
C GLU D 66 32.74 -26.70 16.25
N PRO D 67 33.26 -26.66 17.50
CA PRO D 67 33.30 -27.86 18.36
C PRO D 67 31.95 -28.56 18.61
N LEU D 68 30.87 -27.79 18.65
CA LEU D 68 29.56 -28.37 18.97
C LEU D 68 28.81 -28.92 17.74
N LYS D 69 29.37 -28.65 16.55
CA LYS D 69 28.90 -29.21 15.27
C LYS D 69 27.41 -29.03 15.03
N LEU D 70 26.95 -27.80 15.22
CA LEU D 70 25.54 -27.46 15.05
C LEU D 70 25.04 -27.80 13.64
N LEU D 71 25.84 -27.46 12.64
CA LEU D 71 25.51 -27.70 11.24
C LEU D 71 26.25 -28.94 10.73
N GLY D 72 26.40 -29.92 11.63
CA GLY D 72 27.27 -31.05 11.37
C GLY D 72 28.70 -30.59 11.12
N ASP D 73 29.47 -31.44 10.44
CA ASP D 73 30.82 -31.11 10.01
C ASP D 73 30.82 -30.15 8.82
N VAL D 74 31.46 -28.99 9.00
CA VAL D 74 31.66 -28.01 7.92
C VAL D 74 33.13 -28.15 7.44
N VAL D 75 33.38 -28.01 6.13
CA VAL D 75 34.76 -28.25 5.61
C VAL D 75 35.75 -27.14 5.97
N ASP D 76 35.28 -25.91 6.10
CA ASP D 76 36.15 -24.79 6.44
C ASP D 76 36.34 -24.62 7.94
N THR D 77 37.60 -24.50 8.35
CA THR D 77 37.98 -24.01 9.68
C THR D 77 38.03 -22.50 9.60
N MET D 78 38.33 -21.83 10.71
CA MET D 78 38.50 -20.39 10.68
C MET D 78 39.73 -20.04 9.82
N GLU D 79 40.76 -20.85 9.91
CA GLU D 79 41.93 -20.74 9.02
C GLU D 79 41.54 -20.73 7.54
N HIS D 80 40.77 -21.73 7.11
CA HIS D 80 40.35 -21.85 5.71
C HIS D 80 39.46 -20.69 5.28
N ALA D 81 38.50 -20.31 6.13
CA ALA D 81 37.53 -19.27 5.82
C ALA D 81 38.16 -17.88 5.71
N THR D 82 39.15 -17.60 6.58
CA THR D 82 39.82 -16.30 6.52
C THR D 82 40.79 -16.20 5.34
N ARG D 83 41.40 -17.32 4.98
CA ARG D 83 42.24 -17.37 3.79
C ARG D 83 41.42 -17.10 2.53
N SER D 84 40.24 -17.71 2.46
CA SER D 84 39.32 -17.52 1.35
C SER D 84 38.76 -16.10 1.28
N ALA D 85 38.40 -15.58 2.45
CA ALA D 85 37.93 -14.20 2.61
C ALA D 85 38.94 -13.20 2.04
N VAL D 86 40.19 -13.31 2.47
CA VAL D 86 41.27 -12.43 2.03
C VAL D 86 41.57 -12.54 0.52
N ALA D 87 41.52 -13.75 -0.03
CA ALA D 87 41.68 -13.94 -1.48
C ALA D 87 40.58 -13.24 -2.31
N GLY D 88 39.46 -12.92 -1.67
CA GLY D 88 38.35 -12.22 -2.32
C GLY D 88 38.06 -10.84 -1.75
N GLY D 89 39.02 -10.27 -1.02
CA GLY D 89 38.93 -8.87 -0.57
C GLY D 89 38.14 -8.61 0.69
N THR D 90 37.81 -9.67 1.42
CA THR D 90 37.13 -9.57 2.70
C THR D 90 38.18 -9.64 3.80
N THR D 91 38.13 -8.72 4.75
CA THR D 91 39.21 -8.57 5.74
C THR D 91 38.73 -8.72 7.19
N THR D 92 37.42 -8.93 7.36
CA THR D 92 36.84 -9.29 8.64
C THR D 92 35.67 -10.24 8.40
N VAL D 93 35.67 -11.37 9.09
CA VAL D 93 34.52 -12.28 9.09
C VAL D 93 33.90 -12.34 10.48
N VAL D 94 32.57 -12.47 10.52
CA VAL D 94 31.87 -12.77 11.77
C VAL D 94 31.14 -14.10 11.64
N ALA D 95 31.60 -15.08 12.41
CA ALA D 95 30.97 -16.39 12.46
C ALA D 95 30.06 -16.50 13.67
N PHE D 96 29.75 -17.74 14.05
CA PHE D 96 28.69 -18.02 14.99
C PHE D 96 29.14 -18.96 16.10
N SER D 97 28.76 -18.60 17.32
CA SER D 97 29.02 -19.40 18.50
C SER D 97 27.74 -20.12 18.88
N THR D 98 27.80 -21.45 18.90
CA THR D 98 26.65 -22.29 19.24
C THR D 98 26.47 -22.37 20.74
N GLN D 99 25.26 -22.02 21.20
CA GLN D 99 24.89 -22.11 22.60
C GLN D 99 25.14 -23.53 23.10
N ASP D 100 25.92 -23.65 24.17
CA ASP D 100 26.17 -24.96 24.79
C ASP D 100 25.18 -25.19 25.92
N VAL D 101 24.15 -25.97 25.64
CA VAL D 101 23.07 -26.24 26.59
C VAL D 101 23.53 -27.11 27.78
N SER D 102 24.75 -27.65 27.71
CA SER D 102 25.32 -28.36 28.84
C SER D 102 25.81 -27.38 29.89
N LYS D 103 26.13 -26.16 29.48
CA LYS D 103 26.55 -25.15 30.44
C LYS D 103 25.33 -24.56 31.15
N LYS D 104 25.46 -24.28 32.44
CA LYS D 104 24.41 -23.62 33.21
C LYS D 104 24.96 -22.41 33.95
N GLY D 105 24.06 -21.57 34.45
CA GLY D 105 24.44 -20.41 35.26
C GLY D 105 24.81 -19.17 34.47
N PRO D 106 25.17 -18.09 35.19
CA PRO D 106 25.52 -16.78 34.62
C PRO D 106 26.58 -16.81 33.51
N SER D 107 27.49 -17.77 33.57
CA SER D 107 28.59 -17.83 32.61
C SER D 107 28.32 -18.75 31.41
N ALA D 108 27.11 -19.31 31.34
CA ALA D 108 26.79 -20.34 30.33
C ALA D 108 27.01 -19.92 28.87
N LEU D 109 26.75 -18.67 28.55
CA LEU D 109 26.90 -18.18 27.18
C LEU D 109 28.31 -17.70 26.85
N ALA D 110 28.99 -17.11 27.84
CA ALA D 110 30.40 -16.75 27.70
C ALA D 110 31.24 -18.00 27.48
N GLU D 111 30.88 -19.06 28.19
CA GLU D 111 31.48 -20.38 28.04
C GLU D 111 31.26 -20.97 26.66
N SER D 112 30.12 -20.66 26.05
CA SER D 112 29.83 -21.11 24.69
C SER D 112 30.74 -20.46 23.67
N VAL D 113 31.04 -19.17 23.87
CA VAL D 113 31.98 -18.43 23.02
C VAL D 113 33.43 -18.91 23.26
N LYS D 114 33.75 -19.20 24.51
CA LYS D 114 35.08 -19.68 24.89
C LYS D 114 35.54 -20.89 24.06
N LEU D 115 34.63 -21.81 23.77
CA LEU D 115 34.96 -23.01 22.99
C LEU D 115 35.49 -22.65 21.60
N ASP D 116 34.87 -21.67 20.95
CA ASP D 116 35.26 -21.24 19.62
C ASP D 116 36.56 -20.46 19.61
N VAL D 117 36.66 -19.46 20.49
CA VAL D 117 37.87 -18.64 20.61
C VAL D 117 39.10 -19.50 20.89
N ASP D 118 38.95 -20.47 21.80
CA ASP D 118 40.04 -21.38 22.17
C ASP D 118 40.44 -22.30 21.02
N GLU D 119 39.45 -22.80 20.29
CA GLU D 119 39.65 -23.63 19.12
C GLU D 119 40.45 -22.87 18.04
N TYR D 120 40.02 -21.66 17.74
CA TYR D 120 40.59 -20.90 16.63
C TYR D 120 41.91 -20.21 16.97
N SER D 121 42.19 -20.05 18.26
CA SER D 121 43.47 -19.46 18.73
C SER D 121 44.64 -20.30 18.29
N GLU D 122 44.35 -21.54 17.92
CA GLU D 122 45.34 -22.52 17.57
C GLU D 122 45.59 -22.58 16.07
N GLN D 123 44.77 -21.88 15.29
CA GLN D 123 44.85 -21.92 13.84
C GLN D 123 45.54 -20.68 13.29
N THR D 124 46.08 -20.78 12.08
CA THR D 124 46.61 -19.62 11.38
C THR D 124 45.45 -18.79 10.87
N LEU D 125 45.36 -17.54 11.32
CA LEU D 125 44.27 -16.67 10.90
C LEU D 125 44.76 -15.55 9.98
N TYR D 126 44.11 -15.43 8.82
CA TYR D 126 44.56 -14.53 7.77
C TYR D 126 43.97 -13.15 7.93
N CYS D 127 42.86 -13.06 8.64
CA CYS D 127 42.27 -11.78 9.03
C CYS D 127 41.53 -11.93 10.35
N ASP D 128 41.05 -10.81 10.89
CA ASP D 128 40.31 -10.81 12.15
C ASP D 128 38.92 -11.42 12.02
N TYR D 129 38.43 -11.96 13.12
CA TYR D 129 37.10 -12.56 13.19
C TYR D 129 36.38 -12.19 14.47
N GLY D 130 35.08 -11.95 14.36
CA GLY D 130 34.23 -11.82 15.53
C GLY D 130 33.24 -12.97 15.55
N LEU D 131 32.42 -13.02 16.60
CA LEU D 131 31.43 -14.08 16.73
C LEU D 131 30.07 -13.56 17.15
N HIS D 132 29.03 -14.04 16.46
CA HIS D 132 27.65 -13.93 16.89
C HIS D 132 27.36 -15.10 17.81
N LEU D 133 26.39 -14.95 18.69
CA LEU D 133 25.93 -16.05 19.53
C LEU D 133 24.61 -16.57 18.96
N ILE D 134 24.49 -17.89 18.80
CA ILE D 134 23.22 -18.51 18.41
C ILE D 134 22.48 -19.01 19.66
N LEU D 135 21.22 -18.61 19.80
CA LEU D 135 20.34 -19.09 20.88
C LEU D 135 19.20 -19.98 20.38
N PHE D 136 19.08 -21.17 20.93
CA PHE D 136 17.98 -22.07 20.58
C PHE D 136 17.30 -22.70 21.79
N GLN D 137 17.85 -22.48 22.98
CA GLN D 137 17.22 -22.97 24.21
C GLN D 137 16.97 -21.80 25.16
N ILE D 138 15.70 -21.44 25.33
CA ILE D 138 15.32 -20.30 26.15
C ILE D 138 14.46 -20.78 27.30
N GLU D 139 14.80 -20.34 28.51
CA GLU D 139 14.14 -20.77 29.74
C GLU D 139 12.72 -20.23 29.86
N LYS D 140 11.85 -20.96 30.55
CA LYS D 140 10.46 -20.55 30.77
C LYS D 140 10.14 -20.70 32.26
N PRO D 141 9.15 -19.94 32.79
CA PRO D 141 8.35 -18.88 32.18
C PRO D 141 9.18 -17.63 31.83
N SER D 142 8.57 -16.73 31.06
CA SER D 142 9.25 -15.56 30.52
C SER D 142 10.00 -14.70 31.55
N VAL D 143 9.40 -14.50 32.72
CA VAL D 143 9.96 -13.58 33.70
C VAL D 143 11.39 -13.96 34.16
N GLU D 144 11.59 -15.22 34.56
CA GLU D 144 12.93 -15.74 34.86
C GLU D 144 13.72 -15.98 33.56
N ALA D 145 13.03 -16.51 32.56
CA ALA D 145 13.58 -16.72 31.21
C ALA D 145 14.34 -15.54 30.61
N ARG D 146 13.78 -14.35 30.76
CA ARG D 146 14.38 -13.11 30.27
C ARG D 146 15.41 -12.51 31.27
N GLU D 147 15.39 -13.00 32.52
CA GLU D 147 16.20 -12.42 33.59
C GLU D 147 17.61 -13.00 33.73
N LEU D 148 17.74 -14.32 33.88
CA LEU D 148 19.07 -14.94 33.91
C LEU D 148 19.76 -14.76 32.56
N LEU D 149 18.95 -14.78 31.51
CA LEU D 149 19.38 -14.44 30.16
C LEU D 149 20.12 -13.11 30.14
N ASP D 150 19.56 -12.12 30.83
CA ASP D 150 20.16 -10.79 30.98
C ASP D 150 21.58 -10.87 31.52
N VAL D 151 21.77 -11.54 32.66
CA VAL D 151 23.12 -11.69 33.22
C VAL D 151 24.05 -12.56 32.37
N GLN D 152 23.47 -13.53 31.65
CA GLN D 152 24.21 -14.35 30.70
C GLN D 152 24.71 -13.53 29.50
N LEU D 153 23.90 -12.56 29.07
CA LEU D 153 24.29 -11.72 27.94
C LEU D 153 25.38 -10.73 28.35
N GLN D 154 25.22 -10.16 29.55
CA GLN D 154 26.22 -9.29 30.15
C GLN D 154 27.58 -9.99 30.22
N ALA D 155 27.59 -11.22 30.71
CA ALA D 155 28.81 -12.03 30.78
C ALA D 155 29.44 -12.28 29.41
N ALA D 156 28.62 -12.64 28.43
CA ALA D 156 29.12 -12.87 27.07
C ALA D 156 29.78 -11.60 26.52
N TYR D 157 29.12 -10.45 26.74
CA TYR D 157 29.66 -9.17 26.28
C TYR D 157 30.90 -8.77 27.08
N ASN D 158 30.83 -8.88 28.41
CA ASN D 158 31.95 -8.47 29.27
C ASN D 158 33.22 -9.29 29.05
N ASP D 159 33.05 -10.60 28.87
CA ASP D 159 34.17 -11.49 28.74
C ASP D 159 34.71 -11.55 27.32
N TYR D 160 33.82 -11.49 26.33
CA TYR D 160 34.21 -11.78 24.94
C TYR D 160 33.84 -10.73 23.89
N GLY D 161 33.14 -9.67 24.31
CA GLY D 161 32.71 -8.63 23.38
C GLY D 161 31.78 -9.14 22.29
N VAL D 162 30.92 -10.09 22.67
CA VAL D 162 29.84 -10.53 21.81
C VAL D 162 28.65 -9.65 22.14
N SER D 163 28.11 -9.00 21.10
CA SER D 163 27.01 -8.05 21.26
C SER D 163 25.91 -8.30 20.25
N SER D 164 25.92 -9.49 19.65
CA SER D 164 24.86 -9.88 18.73
C SER D 164 24.34 -11.28 19.06
N VAL D 165 23.03 -11.49 18.90
CA VAL D 165 22.42 -12.78 19.14
C VAL D 165 21.58 -13.18 17.93
N KCX D 166 21.74 -14.41 17.47
CA KCX D 166 21.05 -14.90 16.30
CB KCX D 166 22.07 -15.40 15.28
CG KCX D 166 21.58 -16.42 14.25
CD KCX D 166 20.74 -15.78 13.16
CE KCX D 166 20.54 -16.75 12.00
NZ KCX D 166 21.84 -17.31 11.48
C KCX D 166 20.03 -15.99 16.68
O KCX D 166 20.34 -16.90 17.46
CX KCX D 166 21.88 -18.08 10.39
OQ1 KCX D 166 20.84 -18.35 9.76
OQ2 KCX D 166 22.96 -18.51 9.99
N MET D 167 18.82 -15.88 16.16
CA MET D 167 17.77 -16.87 16.45
C MET D 167 17.06 -17.35 15.20
N PHE D 168 16.44 -18.52 15.29
CA PHE D 168 15.78 -19.16 14.14
C PHE D 168 14.28 -19.30 14.38
N MET D 169 13.51 -19.15 13.30
CA MET D 169 12.05 -19.35 13.36
C MET D 169 11.72 -20.61 12.57
N THR D 170 12.77 -21.28 12.11
CA THR D 170 12.67 -22.54 11.39
C THR D 170 13.82 -23.51 11.76
N TYR D 171 13.76 -24.72 11.17
CA TYR D 171 14.72 -25.81 11.44
CA TYR D 171 14.69 -25.83 11.42
C TYR D 171 14.40 -26.51 12.76
N PRO D 172 14.21 -27.85 12.73
CA PRO D 172 13.99 -28.63 13.97
C PRO D 172 15.19 -28.57 14.92
N GLY D 173 14.95 -28.24 16.18
CA GLY D 173 16.02 -28.09 17.15
C GLY D 173 16.58 -26.67 17.26
N LEU D 174 16.29 -25.85 16.24
CA LEU D 174 16.71 -24.45 16.23
C LEU D 174 15.52 -23.52 16.41
N GLN D 175 14.45 -23.80 15.69
CA GLN D 175 13.21 -23.03 15.75
C GLN D 175 12.77 -22.74 17.18
N ILE D 176 12.56 -21.48 17.49
CA ILE D 176 11.98 -21.12 18.79
C ILE D 176 10.64 -20.41 18.64
N SER D 177 9.77 -20.57 19.64
CA SER D 177 8.46 -19.94 19.66
C SER D 177 8.54 -18.42 19.71
N ASP D 178 7.46 -17.74 19.30
CA ASP D 178 7.31 -16.29 19.46
C ASP D 178 7.49 -15.86 20.92
N TYR D 179 6.96 -16.67 21.83
CA TYR D 179 7.06 -16.44 23.27
C TYR D 179 8.54 -16.32 23.68
N ASP D 180 9.34 -17.29 23.24
CA ASP D 180 10.77 -17.31 23.55
C ASP D 180 11.55 -16.18 22.87
N ILE D 181 11.15 -15.82 21.66
CA ILE D 181 11.77 -14.70 20.95
C ILE D 181 11.58 -13.41 21.76
N MET D 182 10.36 -13.19 22.26
CA MET D 182 10.06 -12.03 23.10
C MET D 182 10.91 -12.00 24.38
N SER D 183 11.09 -13.16 25.01
CA SER D 183 11.97 -13.29 26.17
C SER D 183 13.41 -12.89 25.85
N ALA D 184 13.90 -13.32 24.68
CA ALA D 184 15.24 -12.98 24.20
C ALA D 184 15.34 -11.48 23.88
N MET D 185 14.31 -10.96 23.21
CA MET D 185 14.27 -9.55 22.83
C MET D 185 14.24 -8.64 24.04
N TYR D 186 13.60 -9.10 25.11
CA TYR D 186 13.58 -8.33 26.36
C TYR D 186 15.01 -8.15 26.85
N ALA D 187 15.77 -9.26 26.80
CA ALA D 187 17.18 -9.28 27.22
C ALA D 187 18.11 -8.47 26.31
N THR D 188 17.96 -8.64 24.99
CA THR D 188 18.86 -7.99 24.03
C THR D 188 18.70 -6.47 23.99
N ARG D 189 17.45 -5.99 24.07
CA ARG D 189 17.16 -4.56 24.05
C ARG D 189 17.75 -3.91 25.30
N LYS D 190 17.54 -4.57 26.44
CA LYS D 190 18.10 -4.12 27.73
C LYS D 190 19.63 -4.00 27.66
N ASN D 191 20.25 -4.88 26.88
CA ASN D 191 21.70 -4.92 26.75
C ASN D 191 22.26 -4.27 25.49
N GLY D 192 21.40 -3.64 24.68
CA GLY D 192 21.82 -2.97 23.46
C GLY D 192 22.47 -3.90 22.42
N PHE D 193 22.07 -5.17 22.46
CA PHE D 193 22.57 -6.18 21.53
C PHE D 193 21.96 -6.00 20.15
N THR D 194 22.63 -6.53 19.13
CA THR D 194 22.06 -6.65 17.80
C THR D 194 21.29 -7.96 17.75
N THR D 195 19.99 -7.87 17.54
CA THR D 195 19.14 -9.06 17.47
C THR D 195 18.95 -9.50 16.01
N MET D 196 19.31 -10.74 15.72
CA MET D 196 19.28 -11.29 14.36
C MET D 196 18.25 -12.41 14.26
N LEU D 197 17.48 -12.44 13.17
CA LEU D 197 16.51 -13.50 12.94
C LEU D 197 16.56 -14.12 11.55
N HIS D 198 16.54 -15.45 11.54
CA HIS D 198 16.28 -16.23 10.34
C HIS D 198 14.77 -16.41 10.27
N ALA D 199 14.11 -15.61 9.45
CA ALA D 199 12.65 -15.57 9.44
C ALA D 199 11.99 -16.37 8.30
N GLU D 200 11.80 -17.66 8.55
CA GLU D 200 10.93 -18.50 7.75
C GLU D 200 10.02 -19.24 8.72
N ASN D 201 8.76 -19.46 8.32
CA ASN D 201 7.84 -20.22 9.14
C ASN D 201 8.18 -21.72 9.13
N GLY D 202 8.73 -22.20 10.23
CA GLY D 202 9.16 -23.59 10.38
C GLY D 202 8.04 -24.60 10.27
N ASP D 203 6.88 -24.26 10.82
CA ASP D 203 5.68 -25.09 10.75
C ASP D 203 5.24 -25.34 9.31
N MET D 204 5.23 -24.28 8.51
CA MET D 204 4.88 -24.36 7.09
C MET D 204 5.90 -25.19 6.30
N VAL D 205 7.18 -24.96 6.59
CA VAL D 205 8.26 -25.69 5.93
C VAL D 205 8.16 -27.17 6.26
N LYS D 206 8.01 -27.47 7.55
CA LYS D 206 7.84 -28.84 8.03
C LYS D 206 6.67 -29.56 7.37
N TRP D 207 5.48 -28.94 7.41
CA TRP D 207 4.27 -29.51 6.83
C TRP D 207 4.44 -29.81 5.34
N MET D 208 4.98 -28.84 4.61
CA MET D 208 5.13 -28.95 3.16
C MET D 208 6.22 -29.95 2.74
N ILE D 209 7.27 -30.10 3.54
CA ILE D 209 8.30 -31.13 3.29
C ILE D 209 7.66 -32.52 3.34
N GLU D 210 6.85 -32.75 4.38
CA GLU D 210 6.14 -34.00 4.58
C GLU D 210 5.16 -34.29 3.44
N ALA D 211 4.47 -33.25 2.98
CA ALA D 211 3.50 -33.38 1.88
C ALA D 211 4.15 -33.77 0.55
N LEU D 212 5.34 -33.22 0.30
CA LEU D 212 6.09 -33.50 -0.91
C LEU D 212 6.70 -34.91 -0.90
N GLU D 213 7.25 -35.28 0.25
CA GLU D 213 7.81 -36.62 0.44
C GLU D 213 6.75 -37.70 0.24
N GLU D 214 5.53 -37.41 0.70
CA GLU D 214 4.38 -38.29 0.53
C GLU D 214 4.10 -38.58 -0.94
N GLN D 215 4.38 -37.59 -1.80
CA GLN D 215 4.19 -37.74 -3.25
C GLN D 215 5.48 -38.19 -3.95
N GLY D 216 6.53 -38.44 -3.17
CA GLY D 216 7.82 -38.88 -3.67
C GLY D 216 8.61 -37.78 -4.36
N LEU D 217 8.23 -36.53 -4.11
CA LEU D 217 8.90 -35.38 -4.71
C LEU D 217 10.07 -34.95 -3.82
N THR D 218 11.18 -35.67 -3.95
CA THR D 218 12.27 -35.57 -2.99
C THR D 218 13.60 -35.08 -3.58
N ASP D 219 13.60 -34.80 -4.89
CA ASP D 219 14.78 -34.25 -5.56
C ASP D 219 15.14 -32.85 -5.04
N ALA D 220 16.40 -32.46 -5.21
CA ALA D 220 16.92 -31.18 -4.70
C ALA D 220 16.04 -29.98 -5.07
N TYR D 221 15.43 -30.01 -6.25
CA TYR D 221 14.58 -28.92 -6.73
C TYR D 221 13.40 -28.61 -5.80
N TYR D 222 12.88 -29.65 -5.15
CA TYR D 222 11.70 -29.48 -4.30
C TYR D 222 11.98 -28.81 -2.97
N HIS D 223 13.27 -28.56 -2.69
CA HIS D 223 13.67 -27.77 -1.53
C HIS D 223 13.02 -26.39 -1.58
N GLY D 224 13.06 -25.77 -2.76
CA GLY D 224 12.46 -24.47 -2.99
C GLY D 224 10.95 -24.52 -2.95
N VAL D 225 10.38 -25.55 -3.57
CA VAL D 225 8.93 -25.79 -3.57
C VAL D 225 8.37 -25.94 -2.16
N SER D 226 9.13 -26.56 -1.27
CA SER D 226 8.70 -26.79 0.10
C SER D 226 8.56 -25.50 0.94
N ARG D 227 9.12 -24.40 0.44
CA ARG D 227 9.18 -23.15 1.20
C ARG D 227 9.18 -21.91 0.29
N PRO D 228 8.03 -21.63 -0.36
CA PRO D 228 7.91 -20.45 -1.24
C PRO D 228 8.10 -19.13 -0.49
N SER D 229 8.33 -18.05 -1.24
CA SER D 229 8.71 -16.76 -0.63
C SER D 229 7.69 -16.19 0.36
N ILE D 230 6.43 -16.58 0.22
CA ILE D 230 5.35 -16.21 1.14
C ILE D 230 5.61 -16.70 2.58
N VAL D 231 6.33 -17.81 2.71
CA VAL D 231 6.72 -18.41 3.98
C VAL D 231 7.70 -17.48 4.71
N GLU D 232 8.71 -17.03 3.96
CA GLU D 232 9.66 -16.04 4.47
C GLU D 232 8.98 -14.70 4.75
N GLY D 233 8.05 -14.31 3.88
CA GLY D 233 7.27 -13.09 4.06
C GLY D 233 6.50 -13.08 5.37
N GLU D 234 5.76 -14.16 5.62
CA GLU D 234 4.98 -14.31 6.84
C GLU D 234 5.85 -14.18 8.10
N ALA D 235 6.91 -14.99 8.19
CA ALA D 235 7.74 -15.01 9.39
C ALA D 235 8.38 -13.67 9.68
N THR D 236 8.84 -13.00 8.61
CA THR D 236 9.42 -11.68 8.66
C THR D 236 8.41 -10.66 9.18
N ASN D 237 7.19 -10.76 8.69
CA ASN D 237 6.10 -9.91 9.18
C ASN D 237 5.84 -10.12 10.68
N ARG D 238 5.80 -11.39 11.09
CA ARG D 238 5.58 -11.79 12.47
C ARG D 238 6.71 -11.29 13.34
N ALA D 239 7.95 -11.44 12.87
CA ALA D 239 9.13 -10.99 13.60
C ALA D 239 9.18 -9.47 13.80
N ILE D 240 8.80 -8.70 12.75
CA ILE D 240 8.67 -7.24 12.88
C ILE D 240 7.63 -6.88 13.95
N THR D 241 6.50 -7.57 13.95
CA THR D 241 5.46 -7.34 14.95
C THR D 241 5.97 -7.57 16.38
N LEU D 242 6.78 -8.62 16.54
CA LEU D 242 7.38 -8.93 17.83
C LEU D 242 8.32 -7.79 18.25
N ALA D 243 9.23 -7.42 17.34
CA ALA D 243 10.18 -6.34 17.58
C ALA D 243 9.51 -4.99 17.86
N THR D 244 8.38 -4.72 17.22
CA THR D 244 7.59 -3.51 17.46
C THR D 244 7.05 -3.53 18.89
N THR D 245 6.34 -4.61 19.22
CA THR D 245 5.80 -4.82 20.56
C THR D 245 6.88 -4.71 21.64
N MET D 246 8.08 -5.19 21.32
CA MET D 246 9.18 -5.22 22.27
C MET D 246 10.15 -4.03 22.15
N ASP D 247 9.88 -3.13 21.21
CA ASP D 247 10.74 -1.96 20.91
C ASP D 247 12.20 -2.36 20.75
N THR D 248 12.44 -3.41 19.97
CA THR D 248 13.77 -3.98 19.88
C THR D 248 14.26 -3.87 18.45
N PRO D 249 15.40 -3.19 18.25
CA PRO D 249 16.02 -3.19 16.92
C PRO D 249 16.27 -4.62 16.47
N ILE D 250 16.00 -4.89 15.19
CA ILE D 250 16.08 -6.24 14.65
C ILE D 250 16.72 -6.28 13.26
N LEU D 251 17.50 -7.32 13.00
CA LEU D 251 18.13 -7.51 11.71
C LEU D 251 17.71 -8.86 11.14
N PHE D 252 17.20 -8.83 9.91
CA PHE D 252 16.86 -10.04 9.18
C PHE D 252 18.03 -10.51 8.32
N VAL D 253 18.46 -11.75 8.57
CA VAL D 253 19.59 -12.34 7.87
C VAL D 253 19.12 -12.99 6.56
N HIS D 254 20.06 -13.10 5.62
CA HIS D 254 19.81 -13.63 4.27
C HIS D 254 18.37 -13.53 3.74
N VAL D 255 17.91 -12.30 3.56
CA VAL D 255 16.59 -12.04 2.97
C VAL D 255 16.54 -12.34 1.46
N SER D 256 15.54 -13.12 1.04
CA SER D 256 15.44 -13.54 -0.36
C SER D 256 14.05 -13.38 -0.95
N SER D 257 13.10 -12.98 -0.11
CA SER D 257 11.68 -12.92 -0.49
C SER D 257 11.19 -11.50 -0.77
N PRO D 258 10.53 -11.29 -1.93
CA PRO D 258 9.94 -9.99 -2.24
C PRO D 258 8.95 -9.52 -1.17
N GLN D 259 8.15 -10.45 -0.64
CA GLN D 259 7.17 -10.14 0.39
C GLN D 259 7.82 -9.80 1.73
N ALA D 260 8.97 -10.42 2.00
CA ALA D 260 9.77 -10.10 3.18
C ALA D 260 10.38 -8.70 3.03
N ALA D 261 10.98 -8.44 1.86
CA ALA D 261 11.53 -7.12 1.58
C ALA D 261 10.47 -6.01 1.68
N GLU D 262 9.24 -6.34 1.26
CA GLU D 262 8.10 -5.42 1.28
C GLU D 262 7.71 -4.97 2.70
N VAL D 263 7.60 -5.91 3.63
CA VAL D 263 7.25 -5.58 5.03
C VAL D 263 8.41 -4.94 5.76
N ILE D 264 9.64 -5.33 5.40
CA ILE D 264 10.84 -4.70 5.91
C ILE D 264 10.84 -3.22 5.50
N LYS D 265 10.66 -2.97 4.19
CA LYS D 265 10.60 -1.62 3.63
C LYS D 265 9.58 -0.75 4.37
N GLN D 266 8.40 -1.30 4.59
CA GLN D 266 7.31 -0.61 5.26
C GLN D 266 7.67 -0.18 6.68
N ALA D 267 8.40 -1.05 7.37
CA ALA D 267 8.80 -0.81 8.76
C ALA D 267 9.86 0.29 8.80
N GLN D 268 10.78 0.25 7.83
CA GLN D 268 11.82 1.26 7.71
C GLN D 268 11.24 2.66 7.41
N THR D 269 10.21 2.70 6.55
CA THR D 269 9.50 3.94 6.22
C THR D 269 8.82 4.54 7.46
N LYS D 270 8.31 3.67 8.33
CA LYS D 270 7.71 4.06 9.60
C LYS D 270 8.77 4.59 10.58
N GLY D 271 10.03 4.26 10.32
CA GLY D 271 11.13 4.68 11.20
C GLY D 271 11.53 3.63 12.22
N LEU D 272 10.86 2.47 12.18
CA LEU D 272 11.19 1.35 13.04
C LEU D 272 12.62 0.89 12.73
N LYS D 273 13.35 0.51 13.78
CA LYS D 273 14.73 0.08 13.59
C LYS D 273 14.77 -1.36 13.11
N VAL D 274 14.59 -1.52 11.81
CA VAL D 274 14.54 -2.82 11.17
C VAL D 274 15.60 -2.84 10.10
N TYR D 275 16.60 -3.68 10.29
CA TYR D 275 17.70 -3.81 9.35
C TYR D 275 17.59 -5.13 8.62
N ALA D 276 18.25 -5.22 7.48
CA ALA D 276 18.21 -6.44 6.67
C ALA D 276 19.53 -6.73 5.97
N GLU D 277 19.76 -8.02 5.76
CA GLU D 277 20.90 -8.51 5.04
C GLU D 277 20.39 -9.34 3.86
N THR D 278 20.99 -9.14 2.69
CA THR D 278 20.85 -10.14 1.64
C THR D 278 22.20 -10.72 1.21
N CYS D 279 22.18 -11.63 0.23
CA CYS D 279 23.38 -12.35 -0.22
C CYS D 279 23.45 -12.37 -1.73
N PRO D 280 24.67 -12.37 -2.30
CA PRO D 280 24.89 -12.40 -3.75
C PRO D 280 24.03 -13.43 -4.48
N GLN D 281 23.96 -14.64 -3.94
CA GLN D 281 23.23 -15.73 -4.58
C GLN D 281 21.75 -15.44 -4.82
N TYR D 282 21.18 -14.57 -3.97
CA TYR D 282 19.76 -14.19 -4.09
C TYR D 282 19.49 -13.13 -5.16
N ALA D 283 20.53 -12.41 -5.57
CA ALA D 283 20.44 -11.47 -6.70
C ALA D 283 20.94 -12.11 -8.00
N LEU D 284 21.80 -13.12 -7.89
CA LEU D 284 22.54 -13.64 -9.05
C LEU D 284 22.07 -14.97 -9.61
N LEU D 285 21.41 -15.77 -8.78
CA LEU D 285 20.97 -17.10 -9.19
C LEU D 285 19.47 -17.25 -9.03
N SER D 286 18.87 -18.03 -9.93
CA SER D 286 17.48 -18.43 -9.80
C SER D 286 17.41 -19.96 -9.64
N ASP D 287 16.26 -20.46 -9.19
CA ASP D 287 16.12 -21.88 -8.85
C ASP D 287 16.20 -22.85 -10.03
N ALA D 288 16.28 -22.32 -11.24
CA ALA D 288 16.49 -23.11 -12.46
C ALA D 288 17.80 -23.91 -12.40
N ILE D 289 18.75 -23.39 -11.62
CA ILE D 289 20.06 -24.02 -11.47
C ILE D 289 20.03 -25.32 -10.63
N THR D 290 18.94 -25.52 -9.89
CA THR D 290 18.80 -26.69 -9.01
C THR D 290 18.25 -27.91 -9.71
N ARG D 291 17.86 -27.75 -10.97
CA ARG D 291 17.40 -28.90 -11.77
C ARG D 291 17.71 -28.83 -13.27
N CYS D 292 17.51 -29.95 -13.93
CA CYS D 292 17.83 -30.13 -15.35
C CYS D 292 16.80 -29.46 -16.27
N HIS D 293 15.53 -29.52 -15.84
CA HIS D 293 14.35 -29.04 -16.59
C HIS D 293 14.58 -28.68 -18.06
N VAL D 303 19.53 -9.80 -15.26
CA VAL D 303 20.02 -9.03 -14.11
C VAL D 303 20.92 -9.86 -13.20
N GLY D 304 21.35 -11.02 -13.70
CA GLY D 304 22.25 -11.89 -12.96
C GLY D 304 23.24 -12.65 -13.83
N ILE D 305 23.64 -13.81 -13.32
CA ILE D 305 24.57 -14.67 -14.04
C ILE D 305 23.81 -15.45 -15.11
N ASP D 306 24.40 -15.51 -16.31
CA ASP D 306 23.95 -16.43 -17.34
C ASP D 306 24.19 -17.83 -16.78
N LEU D 307 23.10 -18.51 -16.42
CA LEU D 307 23.17 -19.82 -15.75
C LEU D 307 23.82 -20.92 -16.59
N SER D 308 23.77 -20.77 -17.91
CA SER D 308 24.36 -21.75 -18.82
C SER D 308 25.89 -21.67 -18.82
N SER D 309 26.43 -20.56 -18.32
CA SER D 309 27.89 -20.35 -18.26
C SER D 309 28.52 -20.99 -17.01
N ILE D 310 27.69 -21.37 -16.04
CA ILE D 310 28.15 -22.07 -14.83
C ILE D 310 28.58 -23.48 -15.20
N SER D 311 29.77 -23.89 -14.78
CA SER D 311 30.22 -25.25 -15.07
C SER D 311 29.87 -26.25 -13.96
N GLU D 312 29.72 -27.51 -14.38
CA GLU D 312 29.36 -28.64 -13.50
C GLU D 312 28.06 -28.38 -12.70
N SER D 313 26.98 -28.18 -13.45
CA SER D 313 25.64 -28.00 -12.88
C SER D 313 24.68 -28.98 -13.59
N PRO D 314 23.38 -28.99 -13.19
CA PRO D 314 22.40 -29.87 -13.86
C PRO D 314 22.36 -29.68 -15.38
N PHE D 315 22.69 -28.48 -15.83
CA PHE D 315 22.70 -28.12 -17.25
C PHE D 315 23.81 -28.88 -17.99
N THR D 316 25.00 -28.89 -17.39
CA THR D 316 26.18 -29.49 -18.01
C THR D 316 26.27 -30.98 -17.69
N ASN D 317 25.82 -31.34 -16.49
CA ASN D 317 25.85 -32.72 -16.01
C ASN D 317 24.43 -33.22 -15.66
N PRO D 318 23.58 -33.45 -16.68
CA PRO D 318 22.17 -33.76 -16.41
C PRO D 318 21.92 -35.16 -15.81
N ASP D 319 22.85 -36.10 -16.03
CA ASP D 319 22.76 -37.43 -15.45
C ASP D 319 22.91 -37.45 -13.92
N ASP D 320 23.78 -36.58 -13.40
CA ASP D 320 23.97 -36.45 -11.96
C ASP D 320 22.73 -35.79 -11.35
N ARG D 321 21.80 -36.63 -10.89
CA ARG D 321 20.53 -36.17 -10.34
C ARG D 321 20.70 -35.45 -9.01
N PHE D 322 21.87 -35.60 -8.38
CA PHE D 322 22.11 -35.03 -7.05
C PHE D 322 22.86 -33.69 -7.10
N ILE D 323 23.35 -33.32 -8.28
CA ILE D 323 24.21 -32.14 -8.47
C ILE D 323 23.58 -30.79 -8.06
N GLY D 324 22.25 -30.75 -8.01
CA GLY D 324 21.52 -29.56 -7.60
C GLY D 324 21.78 -29.19 -6.14
N SER D 325 22.23 -30.16 -5.35
CA SER D 325 22.56 -29.96 -3.94
C SER D 325 23.67 -28.91 -3.73
N LYS D 326 24.53 -28.75 -4.74
CA LYS D 326 25.52 -27.66 -4.78
C LYS D 326 24.92 -26.28 -4.49
N TYR D 327 23.66 -26.11 -4.87
CA TYR D 327 23.00 -24.80 -4.80
C TYR D 327 21.86 -24.79 -3.80
N ILE D 328 21.81 -25.79 -2.94
CA ILE D 328 20.79 -25.85 -1.89
C ILE D 328 21.24 -25.06 -0.63
N CYS D 329 20.43 -24.08 -0.25
CA CYS D 329 20.66 -23.28 0.95
C CYS D 329 19.34 -22.82 1.52
N SER D 330 19.37 -22.18 2.70
CA SER D 330 18.16 -21.65 3.33
C SER D 330 18.29 -20.20 3.77
N PRO D 331 17.35 -19.34 3.31
CA PRO D 331 16.22 -19.71 2.43
C PRO D 331 16.68 -20.12 1.02
N PRO D 332 15.81 -20.82 0.27
CA PRO D 332 16.26 -21.32 -1.04
C PRO D 332 16.55 -20.21 -2.07
N ILE D 333 17.39 -20.54 -3.04
CA ILE D 333 17.52 -19.74 -4.25
C ILE D 333 16.13 -19.73 -4.94
N ARG D 334 15.68 -18.52 -5.28
CA ARG D 334 14.28 -18.27 -5.64
C ARG D 334 14.00 -18.44 -7.12
N PRO D 335 12.71 -18.54 -7.51
CA PRO D 335 12.38 -18.71 -8.94
C PRO D 335 12.77 -17.47 -9.73
N GLU D 336 12.93 -17.65 -11.04
CA GLU D 336 13.19 -16.57 -11.98
C GLU D 336 12.23 -15.40 -11.80
N GLY D 337 12.74 -14.18 -11.87
CA GLY D 337 11.90 -12.99 -11.76
C GLY D 337 11.96 -12.34 -10.40
N THR D 338 12.52 -13.06 -9.43
CA THR D 338 12.65 -12.57 -8.05
C THR D 338 13.90 -11.70 -7.89
N GLN D 339 14.95 -12.02 -8.66
CA GLN D 339 16.30 -11.46 -8.39
C GLN D 339 16.44 -9.96 -8.58
N LYS D 340 15.66 -9.41 -9.52
CA LYS D 340 15.60 -7.98 -9.81
C LYS D 340 15.26 -7.18 -8.54
N SER D 341 14.31 -7.68 -7.75
CA SER D 341 13.85 -6.99 -6.56
C SER D 341 14.89 -7.01 -5.43
N ILE D 342 15.84 -7.96 -5.51
CA ILE D 342 16.95 -8.02 -4.55
C ILE D 342 17.93 -6.87 -4.79
N TRP D 343 18.24 -6.61 -6.07
CA TRP D 343 19.06 -5.46 -6.44
C TRP D 343 18.39 -4.14 -6.05
N LYS D 344 17.08 -4.04 -6.31
CA LYS D 344 16.31 -2.86 -5.94
C LYS D 344 16.37 -2.59 -4.44
N GLY D 345 16.22 -3.64 -3.63
CA GLY D 345 16.38 -3.53 -2.19
C GLY D 345 17.75 -3.04 -1.76
N MET D 346 18.79 -3.50 -2.45
CA MET D 346 20.16 -3.06 -2.19
C MET D 346 20.37 -1.57 -2.48
N ASN D 347 19.75 -1.10 -3.57
CA ASN D 347 19.85 0.29 -3.97
C ASN D 347 18.95 1.24 -3.16
N ASN D 348 17.76 0.78 -2.77
CA ASN D 348 16.78 1.69 -2.16
C ASN D 348 16.84 1.81 -0.64
N GLY D 349 17.76 1.08 0.00
CA GLY D 349 17.92 1.14 1.45
C GLY D 349 17.28 0.01 2.25
N THR D 350 16.63 -0.93 1.57
CA THR D 350 16.04 -2.09 2.23
C THR D 350 17.10 -2.96 2.90
N PHE D 351 18.15 -3.30 2.15
CA PHE D 351 19.23 -4.09 2.70
C PHE D 351 20.34 -3.20 3.23
N THR D 352 20.49 -3.23 4.55
CA THR D 352 21.54 -2.52 5.26
C THR D 352 22.91 -3.08 4.90
N ILE D 353 23.01 -4.41 4.83
CA ILE D 353 24.29 -5.10 4.58
C ILE D 353 24.15 -6.27 3.58
N VAL D 354 25.29 -6.73 3.08
CA VAL D 354 25.36 -7.95 2.27
C VAL D 354 26.40 -8.90 2.87
N GLY D 355 25.97 -10.14 3.15
CA GLY D 355 26.86 -11.22 3.63
C GLY D 355 26.80 -12.37 2.64
N SER D 356 27.55 -13.43 2.91
CA SER D 356 27.55 -14.60 2.02
C SER D 356 26.71 -15.78 2.49
N ASP D 357 26.49 -15.84 3.81
CA ASP D 357 25.96 -17.04 4.49
C ASP D 357 26.81 -18.23 4.01
N HIS D 358 28.13 -18.02 4.04
CA HIS D 358 29.16 -18.99 3.64
C HIS D 358 29.03 -20.23 4.52
N CYS D 359 28.81 -21.37 3.87
CA CYS D 359 28.64 -22.63 4.59
C CYS D 359 28.95 -23.79 3.64
N SER D 360 30.11 -24.40 3.84
CA SER D 360 30.70 -25.28 2.84
C SER D 360 30.65 -26.76 3.17
N TYR D 361 30.18 -27.54 2.19
CA TYR D 361 30.22 -29.00 2.26
C TYR D 361 30.70 -29.51 0.91
N ASN D 362 31.57 -30.52 0.94
CA ASN D 362 32.15 -31.06 -0.30
C ASN D 362 31.15 -31.74 -1.21
N TYR D 363 31.41 -31.68 -2.51
CA TYR D 363 30.59 -32.39 -3.46
C TYR D 363 31.32 -33.56 -4.13
N TYR D 364 32.62 -33.42 -4.36
CA TYR D 364 33.36 -34.42 -5.14
C TYR D 364 34.03 -35.51 -4.32
N GLU D 365 33.84 -35.42 -3.00
CA GLU D 365 34.16 -36.50 -2.10
C GLU D 365 32.83 -36.80 -1.40
N LYS D 366 32.47 -38.08 -1.33
CA LYS D 366 31.13 -38.50 -0.89
C LYS D 366 31.09 -39.14 0.49
N THR D 367 32.26 -39.44 1.05
CA THR D 367 32.35 -40.32 2.23
C THR D 367 32.47 -39.61 3.59
N SER D 368 33.02 -38.40 3.61
CA SER D 368 33.26 -37.71 4.88
C SER D 368 31.99 -37.14 5.51
N THR D 369 32.10 -36.79 6.79
CA THR D 369 31.00 -36.24 7.57
C THR D 369 30.65 -34.82 7.11
N ALA D 370 31.54 -34.24 6.31
CA ALA D 370 31.40 -32.88 5.80
C ALA D 370 31.03 -32.85 4.31
N SER D 371 30.58 -33.98 3.78
CA SER D 371 30.14 -34.09 2.39
C SER D 371 28.65 -33.77 2.21
N LYS D 372 28.28 -33.23 1.05
CA LYS D 372 26.87 -33.04 0.69
C LYS D 372 26.14 -34.38 0.57
N HIS D 373 26.90 -35.42 0.23
CA HIS D 373 26.38 -36.79 0.04
C HIS D 373 26.09 -37.49 1.37
N ARG D 374 26.39 -36.80 2.46
CA ARG D 374 25.93 -37.12 3.82
C ARG D 374 24.41 -37.43 3.83
N ALA D 375 23.68 -36.87 2.85
CA ALA D 375 22.25 -37.11 2.66
C ALA D 375 21.93 -38.56 2.26
N PHE D 376 22.93 -39.27 1.77
CA PHE D 376 22.83 -40.71 1.55
C PHE D 376 23.43 -41.45 2.75
N ASP D 377 22.57 -42.07 3.53
CA ASP D 377 22.98 -42.84 4.71
C ASP D 377 21.94 -43.95 4.90
N PRO D 378 22.00 -45.01 4.07
CA PRO D 378 20.93 -46.02 4.00
C PRO D 378 20.60 -46.66 5.34
N GLU D 379 21.63 -46.93 6.14
CA GLU D 379 21.44 -47.58 7.45
C GLU D 379 21.00 -46.58 8.52
N ASN D 380 20.68 -45.38 8.06
CA ASN D 380 20.14 -44.34 8.91
C ASN D 380 18.84 -43.77 8.31
N ASN D 381 18.25 -44.54 7.40
CA ASN D 381 17.04 -44.16 6.66
C ASN D 381 17.13 -42.85 5.89
N LYS D 382 18.32 -42.58 5.33
CA LYS D 382 18.55 -41.42 4.47
C LYS D 382 18.94 -41.89 3.09
N ASN D 383 18.20 -41.41 2.08
CA ASN D 383 18.41 -41.85 0.70
C ASN D 383 18.51 -40.69 -0.28
N GLY D 384 19.16 -39.62 0.16
CA GLY D 384 19.44 -38.46 -0.71
C GLY D 384 18.28 -37.49 -0.93
N GLU D 385 17.22 -37.64 -0.13
CA GLU D 385 16.07 -36.73 -0.15
C GLU D 385 16.52 -35.33 0.21
N PHE D 386 15.87 -34.32 -0.36
CA PHE D 386 16.33 -32.94 -0.18
C PHE D 386 16.40 -32.52 1.29
N ARG D 387 15.51 -33.05 2.13
CA ARG D 387 15.50 -32.67 3.54
C ARG D 387 16.83 -33.04 4.24
N TYR D 388 17.52 -34.04 3.71
CA TYR D 388 18.78 -34.51 4.29
C TYR D 388 20.02 -33.84 3.70
N ILE D 389 19.82 -32.96 2.72
CA ILE D 389 20.93 -32.24 2.10
C ILE D 389 21.42 -31.13 3.03
N PRO D 390 22.72 -31.16 3.40
CA PRO D 390 23.28 -30.05 4.18
C PRO D 390 23.19 -28.72 3.42
N ASN D 391 22.53 -27.76 4.04
CA ASN D 391 22.20 -26.49 3.43
C ASN D 391 23.36 -25.50 3.49
N GLY D 392 23.75 -24.97 2.33
CA GLY D 392 24.77 -23.93 2.28
C GLY D 392 25.58 -23.89 1.00
N LEU D 393 26.09 -22.71 0.69
CA LEU D 393 27.02 -22.50 -0.41
C LEU D 393 28.29 -21.84 0.12
N PRO D 394 29.45 -22.19 -0.47
CA PRO D 394 30.67 -21.42 -0.30
C PRO D 394 30.48 -20.06 -0.97
N GLY D 395 30.85 -18.98 -0.29
CA GLY D 395 30.62 -17.65 -0.83
C GLY D 395 31.42 -16.50 -0.23
N VAL D 396 32.22 -16.77 0.79
CA VAL D 396 33.02 -15.72 1.46
C VAL D 396 34.06 -15.08 0.52
N CYS D 397 34.61 -15.87 -0.40
CA CYS D 397 35.57 -15.37 -1.36
C CYS D 397 34.93 -14.54 -2.47
N THR D 398 33.88 -15.08 -3.09
CA THR D 398 33.29 -14.45 -4.28
C THR D 398 32.40 -13.22 -4.00
N ARG D 399 32.03 -12.99 -2.74
CA ARG D 399 31.04 -11.93 -2.42
C ARG D 399 31.40 -10.55 -2.94
N MET D 400 32.63 -10.11 -2.67
CA MET D 400 33.10 -8.77 -3.07
C MET D 400 33.24 -8.60 -4.57
N PRO D 401 33.99 -9.50 -5.24
CA PRO D 401 34.12 -9.37 -6.69
C PRO D 401 32.80 -9.54 -7.44
N LEU D 402 31.91 -10.42 -6.97
CA LEU D 402 30.58 -10.56 -7.56
C LEU D 402 29.77 -9.25 -7.56
N LEU D 403 29.78 -8.52 -6.45
CA LEU D 403 29.10 -7.22 -6.37
C LEU D 403 29.82 -6.14 -7.19
N TYR D 404 31.15 -6.14 -7.15
CA TYR D 404 31.96 -5.22 -7.98
C TYR D 404 31.59 -5.37 -9.46
N ASP D 405 31.62 -6.60 -9.97
CA ASP D 405 31.29 -6.88 -11.36
C ASP D 405 29.80 -6.72 -11.65
N TYR D 406 29.00 -7.66 -11.18
CA TYR D 406 27.57 -7.70 -11.50
C TYR D 406 26.77 -6.55 -10.90
N GLY D 407 27.27 -5.99 -9.80
CA GLY D 407 26.65 -4.81 -9.19
C GLY D 407 27.09 -3.50 -9.85
N TYR D 408 28.32 -3.08 -9.53
CA TYR D 408 28.83 -1.78 -9.98
C TYR D 408 29.08 -1.69 -11.49
N LEU D 409 29.91 -2.58 -12.02
CA LEU D 409 30.30 -2.52 -13.44
C LEU D 409 29.13 -2.75 -14.39
N ARG D 410 28.26 -3.69 -14.05
CA ARG D 410 27.12 -4.02 -14.92
C ARG D 410 25.87 -3.19 -14.60
N GLY D 411 25.99 -2.31 -13.61
CA GLY D 411 25.01 -1.27 -13.36
C GLY D 411 23.78 -1.67 -12.57
N ASN D 412 23.86 -2.79 -11.85
CA ASN D 412 22.76 -3.21 -11.01
C ASN D 412 22.74 -2.47 -9.68
N LEU D 413 23.93 -2.04 -9.25
CA LEU D 413 24.09 -1.10 -8.12
C LEU D 413 24.33 0.31 -8.64
N THR D 414 23.86 1.31 -7.90
CA THR D 414 23.94 2.71 -8.39
C THR D 414 25.36 3.27 -8.44
N SER D 415 26.21 2.87 -7.50
CA SER D 415 27.57 3.39 -7.43
C SER D 415 28.51 2.46 -6.66
N MET D 416 29.80 2.80 -6.64
CA MET D 416 30.78 2.15 -5.79
C MET D 416 30.57 2.54 -4.31
N MET D 417 30.00 3.71 -4.07
CA MET D 417 29.71 4.18 -2.71
C MET D 417 28.66 3.29 -2.03
N LYS D 418 27.63 2.93 -2.78
CA LYS D 418 26.61 1.99 -2.34
C LYS D 418 27.22 0.62 -2.02
N LEU D 419 28.10 0.16 -2.91
CA LEU D 419 28.83 -1.09 -2.71
C LEU D 419 29.61 -1.12 -1.39
N VAL D 420 30.43 -0.10 -1.15
CA VAL D 420 31.19 0.01 0.08
C VAL D 420 30.28 0.14 1.30
N GLU D 421 29.18 0.86 1.17
CA GLU D 421 28.21 1.01 2.26
C GLU D 421 27.72 -0.35 2.78
N ILE D 422 27.30 -1.22 1.87
CA ILE D 422 26.62 -2.47 2.25
C ILE D 422 27.59 -3.64 2.49
N GLN D 423 28.77 -3.55 1.87
CA GLN D 423 29.78 -4.59 1.94
C GLN D 423 30.80 -4.35 3.07
N CYS D 424 31.02 -3.08 3.41
CA CYS D 424 32.10 -2.74 4.32
C CYS D 424 31.66 -1.96 5.55
N THR D 425 31.05 -0.80 5.33
CA THR D 425 30.86 0.16 6.42
C THR D 425 29.67 -0.17 7.32
N ASN D 426 28.53 -0.48 6.71
CA ASN D 426 27.33 -0.84 7.49
C ASN D 426 27.49 -2.11 8.31
N PRO D 427 28.13 -3.17 7.74
CA PRO D 427 28.40 -4.33 8.61
C PRO D 427 29.19 -3.98 9.88
N ALA D 428 30.20 -3.12 9.79
CA ALA D 428 30.98 -2.71 10.95
C ALA D 428 30.11 -1.93 11.93
N LYS D 429 29.26 -1.06 11.38
CA LYS D 429 28.42 -0.17 12.18
C LYS D 429 27.35 -0.93 12.95
N VAL D 430 26.67 -1.83 12.26
CA VAL D 430 25.58 -2.59 12.85
C VAL D 430 26.06 -3.66 13.84
N TYR D 431 27.31 -4.10 13.69
CA TYR D 431 27.89 -5.12 14.58
C TYR D 431 28.98 -4.64 15.56
N GLY D 432 28.96 -3.35 15.91
CA GLY D 432 29.88 -2.79 16.90
C GLY D 432 31.37 -2.86 16.59
N MET D 433 31.73 -2.92 15.32
CA MET D 433 33.14 -2.93 14.92
C MET D 433 33.61 -1.59 14.35
N TYR D 434 32.69 -0.63 14.32
CA TYR D 434 32.98 0.73 13.83
C TYR D 434 33.45 1.60 14.99
N PRO D 435 34.44 2.50 14.77
CA PRO D 435 35.18 2.82 13.54
C PRO D 435 36.48 2.03 13.27
N GLN D 436 36.85 1.12 14.17
CA GLN D 436 38.05 0.30 14.00
C GLN D 436 38.07 -0.40 12.65
N LYS D 437 36.89 -0.82 12.21
CA LYS D 437 36.71 -1.52 10.96
C LYS D 437 35.70 -0.80 10.05
N GLY D 438 35.78 -1.09 8.75
CA GLY D 438 34.76 -0.67 7.79
C GLY D 438 35.02 0.55 6.92
N SER D 439 36.04 1.33 7.26
CA SER D 439 36.30 2.61 6.60
C SER D 439 37.79 2.86 6.37
N ILE D 440 38.11 4.08 5.94
CA ILE D 440 39.48 4.52 5.72
C ILE D 440 39.71 5.83 6.48
N LEU D 441 39.90 5.72 7.79
CA LEU D 441 39.99 6.88 8.69
C LEU D 441 41.37 6.99 9.33
N PRO D 442 42.15 8.02 8.94
CA PRO D 442 43.48 8.26 9.48
C PRO D 442 43.51 8.29 11.01
N GLY D 443 44.43 7.50 11.58
CA GLY D 443 44.64 7.43 13.03
C GLY D 443 43.66 6.55 13.76
N VAL D 444 42.66 6.03 13.04
CA VAL D 444 41.53 5.33 13.65
C VAL D 444 41.27 3.93 13.07
N SER D 445 41.33 3.83 11.75
CA SER D 445 41.02 2.59 11.06
C SER D 445 42.17 1.60 11.11
N ASP D 446 41.86 0.35 11.42
CA ASP D 446 42.73 -0.75 11.03
C ASP D 446 42.97 -0.62 9.52
N ALA D 447 44.21 -0.81 9.08
CA ALA D 447 44.55 -0.67 7.67
C ALA D 447 44.10 -1.91 6.89
N ASP D 448 42.78 -2.07 6.79
CA ASP D 448 42.15 -3.18 6.08
C ASP D 448 41.60 -2.65 4.76
N LEU D 449 42.31 -2.93 3.67
CA LEU D 449 42.10 -2.26 2.39
C LEU D 449 42.22 -3.21 1.21
N VAL D 450 41.46 -2.92 0.16
CA VAL D 450 41.54 -3.70 -1.08
C VAL D 450 41.87 -2.77 -2.24
N ILE D 451 42.88 -3.16 -2.98
CA ILE D 451 43.26 -2.46 -4.21
C ILE D 451 42.82 -3.36 -5.35
N TRP D 452 41.91 -2.84 -6.18
CA TRP D 452 41.40 -3.58 -7.32
C TRP D 452 42.32 -3.39 -8.53
N TYR D 453 42.01 -4.06 -9.64
CA TYR D 453 42.67 -3.81 -10.90
C TYR D 453 41.97 -2.61 -11.57
N PRO D 454 42.69 -1.84 -12.42
CA PRO D 454 42.02 -0.73 -13.08
C PRO D 454 41.06 -1.22 -14.17
N ASP D 455 39.89 -0.58 -14.24
CA ASP D 455 38.81 -1.03 -15.13
C ASP D 455 38.97 -0.68 -16.60
N ASP D 456 39.45 0.50 -16.92
CA ASP D 456 39.46 0.94 -18.32
C ASP D 456 40.82 0.75 -19.02
N SER D 457 41.63 -0.14 -18.45
CA SER D 457 43.01 -0.35 -18.87
C SER D 457 43.12 -1.33 -20.04
N LYS D 458 44.05 -1.05 -20.96
CA LYS D 458 44.37 -1.96 -22.06
C LYS D 458 45.58 -2.83 -21.69
N LYS D 459 46.17 -2.53 -20.53
CA LYS D 459 47.31 -3.26 -20.00
C LYS D 459 46.90 -4.67 -19.57
N GLU D 460 47.76 -5.64 -19.89
CA GLU D 460 47.53 -7.03 -19.51
C GLU D 460 48.00 -7.28 -18.08
N TYR D 461 47.16 -7.95 -17.31
CA TYR D 461 47.57 -8.48 -16.01
C TYR D 461 47.40 -10.00 -15.99
N ASN D 462 48.51 -10.72 -16.11
CA ASN D 462 48.52 -12.19 -16.06
C ASN D 462 47.86 -12.76 -14.81
N SER D 463 48.02 -12.03 -13.71
CA SER D 463 47.51 -12.46 -12.41
C SER D 463 46.01 -12.21 -12.24
N LYS D 464 45.45 -11.34 -13.07
CA LYS D 464 44.02 -11.05 -13.02
C LYS D 464 43.21 -12.21 -13.60
N PRO D 465 42.30 -12.80 -12.79
CA PRO D 465 41.52 -13.93 -13.28
C PRO D 465 40.39 -13.49 -14.20
N LYS D 466 40.09 -14.30 -15.20
CA LYS D 466 38.97 -14.04 -16.10
C LYS D 466 37.71 -14.80 -15.65
N LEU D 467 37.93 -16.01 -15.13
CA LEU D 467 36.86 -16.88 -14.68
C LEU D 467 37.01 -17.18 -13.20
N ILE D 468 35.88 -17.49 -12.56
CA ILE D 468 35.88 -18.02 -11.20
C ILE D 468 36.10 -19.53 -11.25
N THR D 469 37.10 -19.99 -10.49
CA THR D 469 37.47 -21.40 -10.39
C THR D 469 37.57 -21.76 -8.92
N ASN D 470 37.51 -23.06 -8.63
CA ASN D 470 37.64 -23.53 -7.26
C ASN D 470 39.00 -23.17 -6.64
N LYS D 471 40.07 -23.29 -7.43
CA LYS D 471 41.43 -22.99 -6.95
C LYS D 471 41.58 -21.53 -6.51
N LEU D 472 40.94 -20.63 -7.25
CA LEU D 472 40.93 -19.20 -6.95
C LEU D 472 40.30 -18.89 -5.58
N MET D 473 39.48 -19.81 -5.08
CA MET D 473 38.77 -19.62 -3.82
C MET D 473 39.66 -19.69 -2.58
N GLU D 474 40.77 -20.45 -2.67
CA GLU D 474 41.71 -20.61 -1.57
C GLU D 474 41.05 -21.17 -0.31
N HIS D 475 40.03 -22.01 -0.52
CA HIS D 475 39.25 -22.56 0.59
C HIS D 475 39.46 -24.06 0.71
N ASN D 476 38.78 -24.69 1.67
CA ASN D 476 38.92 -26.13 1.89
C ASN D 476 37.80 -26.96 1.25
N CYS D 477 36.95 -26.32 0.46
CA CYS D 477 35.87 -27.00 -0.24
C CYS D 477 36.32 -27.39 -1.65
N ASP D 478 35.69 -28.41 -2.23
CA ASP D 478 36.09 -28.88 -3.56
C ASP D 478 35.27 -28.28 -4.71
N TYR D 479 34.38 -27.35 -4.37
CA TYR D 479 33.57 -26.67 -5.39
C TYR D 479 33.22 -25.24 -4.97
N THR D 480 32.88 -24.44 -5.98
CA THR D 480 32.19 -23.15 -5.78
C THR D 480 31.00 -23.12 -6.75
N PRO D 481 29.83 -22.64 -6.26
CA PRO D 481 28.65 -22.62 -7.13
C PRO D 481 28.84 -21.75 -8.40
N PHE D 482 29.77 -20.81 -8.33
CA PHE D 482 30.03 -19.89 -9.44
C PHE D 482 31.19 -20.33 -10.35
N GLU D 483 31.55 -21.62 -10.28
CA GLU D 483 32.58 -22.20 -11.16
C GLU D 483 32.29 -21.92 -12.64
N GLY D 484 33.27 -21.37 -13.34
CA GLY D 484 33.19 -21.18 -14.79
C GLY D 484 32.71 -19.82 -15.29
N ILE D 485 32.09 -19.02 -14.42
CA ILE D 485 31.51 -17.75 -14.85
C ILE D 485 32.57 -16.66 -14.99
N GLU D 486 32.32 -15.72 -15.90
CA GLU D 486 33.17 -14.53 -16.08
C GLU D 486 33.17 -13.63 -14.85
N ILE D 487 34.35 -13.14 -14.50
CA ILE D 487 34.49 -12.10 -13.48
C ILE D 487 35.41 -11.00 -14.01
N LYS D 488 34.87 -9.78 -14.03
CA LYS D 488 35.53 -8.66 -14.70
C LYS D 488 36.55 -7.91 -13.83
N ASN D 489 36.51 -8.14 -12.52
CA ASN D 489 37.54 -7.62 -11.61
C ASN D 489 37.74 -8.52 -10.38
N TRP D 490 38.89 -8.33 -9.73
CA TRP D 490 39.31 -9.14 -8.58
C TRP D 490 40.23 -8.27 -7.73
N PRO D 491 40.33 -8.54 -6.42
CA PRO D 491 41.37 -7.90 -5.63
C PRO D 491 42.79 -8.17 -6.18
N ARG D 492 43.55 -7.10 -6.37
CA ARG D 492 44.95 -7.17 -6.78
C ARG D 492 45.84 -7.22 -5.54
N TYR D 493 45.43 -6.47 -4.52
CA TYR D 493 46.08 -6.49 -3.21
C TYR D 493 44.98 -6.52 -2.15
N THR D 494 45.12 -7.42 -1.19
CA THR D 494 44.31 -7.35 0.03
C THR D 494 45.27 -7.07 1.17
N ILE D 495 45.05 -5.94 1.83
CA ILE D 495 45.87 -5.48 2.95
C ILE D 495 45.06 -5.68 4.22
N VAL D 496 45.62 -6.43 5.15
CA VAL D 496 44.98 -6.69 6.42
C VAL D 496 45.88 -6.17 7.53
N LYS D 497 45.34 -5.22 8.30
CA LYS D 497 46.08 -4.53 9.37
C LYS D 497 47.47 -4.07 8.96
N GLY D 498 47.53 -3.44 7.80
CA GLY D 498 48.78 -2.85 7.30
C GLY D 498 49.69 -3.79 6.54
N LYS D 499 49.33 -5.07 6.47
CA LYS D 499 50.18 -6.06 5.81
C LYS D 499 49.51 -6.63 4.58
N ILE D 500 50.30 -6.82 3.52
CA ILE D 500 49.84 -7.49 2.30
C ILE D 500 49.70 -8.98 2.60
N VAL D 501 48.46 -9.45 2.60
CA VAL D 501 48.19 -10.86 2.85
C VAL D 501 47.85 -11.56 1.53
N TYR D 502 47.38 -10.77 0.56
CA TYR D 502 47.06 -11.27 -0.76
C TYR D 502 47.58 -10.30 -1.82
N LYS D 503 48.37 -10.83 -2.75
CA LYS D 503 48.94 -10.03 -3.81
C LYS D 503 48.90 -10.81 -5.12
N GLU D 504 48.16 -10.27 -6.08
CA GLU D 504 48.14 -10.78 -7.45
C GLU D 504 48.00 -12.32 -7.55
N GLY D 505 47.03 -12.87 -6.83
CA GLY D 505 46.74 -14.30 -6.88
C GLY D 505 47.44 -15.15 -5.83
N GLU D 506 48.31 -14.54 -5.04
CA GLU D 506 49.08 -15.29 -4.05
C GLU D 506 48.75 -14.87 -2.61
N ILE D 507 48.50 -15.86 -1.78
CA ILE D 507 48.35 -15.68 -0.35
C ILE D 507 49.75 -15.61 0.27
N LEU D 508 49.99 -14.57 1.07
CA LEU D 508 51.27 -14.46 1.78
C LEU D 508 51.05 -14.80 3.25
N LYS D 509 51.22 -16.09 3.54
CA LYS D 509 50.95 -16.69 4.86
C LYS D 509 51.77 -16.07 5.99
N GLU D 510 53.01 -15.70 5.71
CA GLU D 510 53.88 -15.04 6.68
C GLU D 510 53.29 -13.74 7.24
N ASN D 511 52.32 -13.19 6.53
CA ASN D 511 51.66 -11.96 6.93
C ASN D 511 50.29 -12.18 7.56
N ALA D 512 49.94 -13.45 7.76
CA ALA D 512 48.70 -13.83 8.44
C ALA D 512 48.82 -13.58 9.94
N ASP D 513 48.07 -12.60 10.44
CA ASP D 513 48.12 -12.24 11.85
C ASP D 513 46.72 -11.91 12.40
N GLY D 514 45.71 -12.63 11.93
CA GLY D 514 44.33 -12.44 12.37
C GLY D 514 44.10 -12.76 13.83
N LYS D 515 43.14 -12.07 14.44
CA LYS D 515 42.84 -12.24 15.86
C LYS D 515 41.34 -12.20 16.14
N TYR D 516 40.93 -12.83 17.23
CA TYR D 516 39.56 -12.67 17.70
C TYR D 516 39.27 -11.20 18.01
N LEU D 517 38.09 -10.77 17.62
CA LEU D 517 37.70 -9.37 17.68
C LEU D 517 36.60 -9.15 18.71
N LYS D 518 36.93 -8.48 19.80
CA LYS D 518 35.93 -8.08 20.79
C LYS D 518 35.18 -6.88 20.26
N ARG D 519 33.86 -6.96 20.22
CA ARG D 519 33.06 -5.92 19.59
C ARG D 519 32.34 -5.07 20.63
N GLY D 520 31.91 -3.87 20.23
CA GLY D 520 31.18 -2.99 21.13
C GLY D 520 29.69 -3.04 20.85
N LYS D 521 28.93 -2.23 21.56
CA LYS D 521 27.51 -2.07 21.28
C LYS D 521 27.32 -1.17 20.04
N SER D 522 26.45 -1.58 19.14
CA SER D 522 26.18 -0.83 17.91
C SER D 522 25.36 0.42 18.22
N PHE D 523 25.74 1.54 17.63
CA PHE D 523 24.98 2.78 17.80
C PHE D 523 23.65 2.71 17.05
N MET D 524 23.60 1.84 16.04
CA MET D 524 22.39 1.60 15.26
C MET D 524 21.32 0.82 16.02
N CYS D 525 21.71 0.17 17.13
CA CYS D 525 20.80 -0.70 17.88
C CYS D 525 20.36 -0.19 19.26
N THR D 526 20.53 1.10 19.50
CA THR D 526 19.87 1.72 20.65
C THR D 526 18.38 1.75 20.31
N PRO D 527 17.49 1.50 21.30
CA PRO D 527 16.06 1.39 20.97
C PRO D 527 15.42 2.73 20.59
N LYS D 528 14.35 2.66 19.80
CA LYS D 528 13.58 3.84 19.38
C LYS D 528 12.81 4.49 20.53
N ASN D 529 12.56 3.74 21.59
CA ASN D 529 11.73 4.20 22.71
C ASN D 529 10.31 4.50 22.29
N GLU D 530 9.77 3.65 21.43
CA GLU D 530 8.39 3.77 20.98
C GLU D 530 7.67 2.47 21.23
N TRP D 531 6.47 2.58 21.78
CA TRP D 531 5.73 1.41 22.20
C TRP D 531 4.30 1.40 21.65
N VAL D 532 3.73 0.20 21.57
CA VAL D 532 2.38 0.02 21.05
C VAL D 532 1.36 0.31 22.13
N THR D 533 1.69 0.02 23.39
CA THR D 533 0.81 0.30 24.54
C THR D 533 1.53 1.13 25.60
N GLU D 534 0.88 1.35 26.74
CA GLU D 534 1.51 2.05 27.86
C GLU D 534 2.50 1.21 28.65
N TRP D 535 2.55 -0.10 28.37
CA TRP D 535 3.50 -0.98 29.05
C TRP D 535 4.94 -0.64 28.72
N ARG D 536 5.78 -0.66 29.75
CA ARG D 536 7.22 -0.49 29.64
C ARG D 536 7.90 -1.56 30.48
N PRO D 537 9.05 -2.09 30.02
CA PRO D 537 9.88 -2.98 30.84
C PRO D 537 10.21 -2.33 32.18
N LYS D 538 10.32 -3.14 33.23
CA LYS D 538 10.51 -2.61 34.59
C LYS D 538 11.74 -1.69 34.73
N TYR D 539 12.81 -2.01 33.99
CA TYR D 539 14.06 -1.25 34.04
C TYR D 539 13.98 0.14 33.38
N GLU D 540 12.84 0.44 32.78
CA GLU D 540 12.63 1.74 32.13
C GLU D 540 12.11 2.79 33.12
N SER D 541 11.84 2.37 34.36
CA SER D 541 11.38 3.28 35.41
C SER D 541 12.39 3.43 36.54
ZN ZN E . -18.33 6.65 -24.39
ZN ZN F . -14.95 8.12 -23.10
N3 DUC G . -14.90 6.43 -26.23
C2 DUC G . -15.10 5.84 -27.42
O2 DUC G . -14.37 4.93 -27.81
N1 DUC G . -16.11 6.28 -28.17
C6 DUC G . -17.05 7.35 -27.90
C5 DUC G . -16.43 8.24 -26.82
C4 DUC G . -15.77 7.34 -25.78
O4 DUC G . -16.07 7.47 -24.61
ZN ZN H . 11.59 28.60 -3.70
ZN ZN I . 8.47 26.87 -5.03
N3 DUC J . 7.68 29.54 -2.40
C2 DUC J . 7.96 30.48 -1.48
O2 DUC J . 7.50 30.44 -0.35
N1 DUC J . 8.77 31.46 -1.87
C6 DUC J . 8.89 32.01 -3.23
C5 DUC J . 8.51 30.90 -4.23
C4 DUC J . 8.36 29.55 -3.55
O4 DUC J . 8.87 28.55 -4.05
ZN ZN K . -16.67 -16.66 20.09
ZN ZN L . -13.19 -16.24 19.44
N3 DUC M . -14.33 -14.87 22.57
C2 DUC M . -15.15 -14.28 23.46
O2 DUC M . -14.95 -13.14 23.88
N1 DUC M . -16.21 -14.98 23.90
C6 DUC M . -16.44 -16.42 23.78
C5 DUC M . -15.20 -17.06 23.16
C4 DUC M . -14.61 -16.12 22.13
O4 DUC M . -14.43 -16.51 20.98
ZN ZN N . 23.57 -18.68 8.09
ZN ZN O . 19.86 -19.20 8.25
N3 DUC P . 21.39 -21.10 6.28
C2 DUC P . 22.15 -21.83 5.45
O2 DUC P . 21.97 -21.85 4.23
N1 DUC P . 23.15 -22.53 6.00
C6 DUC P . 23.77 -22.30 7.29
C5 DUC P . 22.67 -21.76 8.22
C4 DUC P . 21.90 -20.71 7.46
O4 DUC P . 21.79 -19.57 7.92
#